data_1M5I
# 
_entry.id   1M5I 
# 
_audit_conform.dict_name       mmcif_pdbx.dic 
_audit_conform.dict_version    5.387 
_audit_conform.dict_location   http://mmcif.pdb.org/dictionaries/ascii/mmcif_pdbx.dic 
# 
loop_
_database_2.database_id 
_database_2.database_code 
_database_2.pdbx_database_accession 
_database_2.pdbx_DOI 
PDB   1M5I         pdb_00001m5i 10.2210/pdb1m5i/pdb 
RCSB  RCSB016623   ?            ?                   
WWPDB D_1000016623 ?            ?                   
# 
loop_
_pdbx_audit_revision_history.ordinal 
_pdbx_audit_revision_history.data_content_type 
_pdbx_audit_revision_history.major_revision 
_pdbx_audit_revision_history.minor_revision 
_pdbx_audit_revision_history.revision_date 
1 'Structure model' 1 0 2002-11-20 
2 'Structure model' 1 1 2008-04-28 
3 'Structure model' 1 2 2011-07-13 
4 'Structure model' 1 3 2024-03-13 
# 
_pdbx_audit_revision_details.ordinal             1 
_pdbx_audit_revision_details.revision_ordinal    1 
_pdbx_audit_revision_details.data_content_type   'Structure model' 
_pdbx_audit_revision_details.provider            repository 
_pdbx_audit_revision_details.type                'Initial release' 
_pdbx_audit_revision_details.description         ? 
_pdbx_audit_revision_details.details             ? 
# 
loop_
_pdbx_audit_revision_group.ordinal 
_pdbx_audit_revision_group.revision_ordinal 
_pdbx_audit_revision_group.data_content_type 
_pdbx_audit_revision_group.group 
1 2 'Structure model' 'Version format compliance' 
2 3 'Structure model' 'Version format compliance' 
3 4 'Structure model' 'Data collection'           
4 4 'Structure model' 'Database references'       
# 
loop_
_pdbx_audit_revision_category.ordinal 
_pdbx_audit_revision_category.revision_ordinal 
_pdbx_audit_revision_category.data_content_type 
_pdbx_audit_revision_category.category 
1 4 'Structure model' chem_comp_atom 
2 4 'Structure model' chem_comp_bond 
3 4 'Structure model' database_2     
# 
loop_
_pdbx_audit_revision_item.ordinal 
_pdbx_audit_revision_item.revision_ordinal 
_pdbx_audit_revision_item.data_content_type 
_pdbx_audit_revision_item.item 
1 4 'Structure model' '_database_2.pdbx_DOI'                
2 4 'Structure model' '_database_2.pdbx_database_accession' 
# 
_pdbx_database_status.status_code                     REL 
_pdbx_database_status.entry_id                        1M5I 
_pdbx_database_status.recvd_initial_deposition_date   2002-07-09 
_pdbx_database_status.deposit_site                    RCSB 
_pdbx_database_status.process_site                    PDBJ 
_pdbx_database_status.status_code_sf                  REL 
_pdbx_database_status.SG_entry                        . 
_pdbx_database_status.pdb_format_compatible           Y 
_pdbx_database_status.status_code_mr                  ? 
_pdbx_database_status.status_code_cs                  ? 
_pdbx_database_status.status_code_nmr_data            ? 
_pdbx_database_status.methods_development_category    ? 
# 
loop_
_audit_author.name 
_audit_author.pdbx_ordinal 
'Tickenbrock, L.' 1 
'Cramer, J.'      2 
'Vetter, I.R.'    3 
'Mueller, O.'     4 
# 
loop_
_citation.id 
_citation.title 
_citation.journal_abbrev 
_citation.journal_volume 
_citation.page_first 
_citation.page_last 
_citation.year 
_citation.journal_id_ASTM 
_citation.country 
_citation.journal_id_ISSN 
_citation.journal_id_CSD 
_citation.book_publisher 
_citation.pdbx_database_id_PubMed 
_citation.pdbx_database_id_DOI 
primary 
;The coiled coil region (amino acids 129-250) of the tumor suppressor protein adenomatous polyposis coli (APC). Its structure and its interaction with chromosome maintenance region 1 (Crm-1).
;
J.Biol.Chem.   277 32332 32338 2002 JBCHA3 US 0021-9258 0071 ? 12070164 10.1074/jbc.M203990200 
1       'The ABC of APC' HUM.MOL.GENET. 10  721   733   2001 ?      UK 0964-6906 ?    ? ?        10.1093/hmg/10.7.721   
# 
loop_
_citation_author.citation_id 
_citation_author.name 
_citation_author.ordinal 
_citation_author.identifier_ORCID 
primary 'Tickenbrock, L.' 1 ? 
primary 'Cramer, J.'      2 ? 
primary 'Vetter, I.R.'    3 ? 
primary 'Muller, O.'      4 ? 
1       'Fearnhead, N.S.' 5 ? 
1       'Britton, M.P.'   6 ? 
1       'Bodmer, W.F.'    7 ? 
# 
loop_
_entity.id 
_entity.type 
_entity.src_method 
_entity.pdbx_description 
_entity.formula_weight 
_entity.pdbx_number_of_molecules 
_entity.pdbx_ec 
_entity.pdbx_mutation 
_entity.pdbx_fragment 
_entity.details 
1 polymer man 'APC protein' 14952.779 1  ? ? 'coiled-coil region' ? 
2 water   nat water         18.015    56 ? ? ?                    ? 
# 
_entity_name_com.entity_id   1 
_entity_name_com.name        'Adenomatous polyposis coli protein' 
# 
_entity_poly.entity_id                      1 
_entity_poly.type                           'polypeptide(L)' 
_entity_poly.nstd_linkage                   no 
_entity_poly.nstd_monomer                   no 
_entity_poly.pdbx_seq_one_letter_code       
;GSRESTGYLEELEKERSLLLADLDKEEKEKDWYYAQLQNLTKRIDSLPLTENFSLQTDMTRRQLEYEARQIRVAMEEQLG
TCQDMEKRAQRRIARIQQIEKDILRIRQLLQSQATEAERSSQNKH
;
_entity_poly.pdbx_seq_one_letter_code_can   
;GSRESTGYLEELEKERSLLLADLDKEEKEKDWYYAQLQNLTKRIDSLPLTENFSLQTDMTRRQLEYEARQIRVAMEEQLG
TCQDMEKRAQRRIARIQQIEKDILRIRQLLQSQATEAERSSQNKH
;
_entity_poly.pdbx_strand_id                 A 
_entity_poly.pdbx_target_identifier         ? 
# 
_pdbx_entity_nonpoly.entity_id   2 
_pdbx_entity_nonpoly.name        water 
_pdbx_entity_nonpoly.comp_id     HOH 
# 
loop_
_entity_poly_seq.entity_id 
_entity_poly_seq.num 
_entity_poly_seq.mon_id 
_entity_poly_seq.hetero 
1 1   GLY n 
1 2   SER n 
1 3   ARG n 
1 4   GLU n 
1 5   SER n 
1 6   THR n 
1 7   GLY n 
1 8   TYR n 
1 9   LEU n 
1 10  GLU n 
1 11  GLU n 
1 12  LEU n 
1 13  GLU n 
1 14  LYS n 
1 15  GLU n 
1 16  ARG n 
1 17  SER n 
1 18  LEU n 
1 19  LEU n 
1 20  LEU n 
1 21  ALA n 
1 22  ASP n 
1 23  LEU n 
1 24  ASP n 
1 25  LYS n 
1 26  GLU n 
1 27  GLU n 
1 28  LYS n 
1 29  GLU n 
1 30  LYS n 
1 31  ASP n 
1 32  TRP n 
1 33  TYR n 
1 34  TYR n 
1 35  ALA n 
1 36  GLN n 
1 37  LEU n 
1 38  GLN n 
1 39  ASN n 
1 40  LEU n 
1 41  THR n 
1 42  LYS n 
1 43  ARG n 
1 44  ILE n 
1 45  ASP n 
1 46  SER n 
1 47  LEU n 
1 48  PRO n 
1 49  LEU n 
1 50  THR n 
1 51  GLU n 
1 52  ASN n 
1 53  PHE n 
1 54  SER n 
1 55  LEU n 
1 56  GLN n 
1 57  THR n 
1 58  ASP n 
1 59  MET n 
1 60  THR n 
1 61  ARG n 
1 62  ARG n 
1 63  GLN n 
1 64  LEU n 
1 65  GLU n 
1 66  TYR n 
1 67  GLU n 
1 68  ALA n 
1 69  ARG n 
1 70  GLN n 
1 71  ILE n 
1 72  ARG n 
1 73  VAL n 
1 74  ALA n 
1 75  MET n 
1 76  GLU n 
1 77  GLU n 
1 78  GLN n 
1 79  LEU n 
1 80  GLY n 
1 81  THR n 
1 82  CYS n 
1 83  GLN n 
1 84  ASP n 
1 85  MET n 
1 86  GLU n 
1 87  LYS n 
1 88  ARG n 
1 89  ALA n 
1 90  GLN n 
1 91  ARG n 
1 92  ARG n 
1 93  ILE n 
1 94  ALA n 
1 95  ARG n 
1 96  ILE n 
1 97  GLN n 
1 98  GLN n 
1 99  ILE n 
1 100 GLU n 
1 101 LYS n 
1 102 ASP n 
1 103 ILE n 
1 104 LEU n 
1 105 ARG n 
1 106 ILE n 
1 107 ARG n 
1 108 GLN n 
1 109 LEU n 
1 110 LEU n 
1 111 GLN n 
1 112 SER n 
1 113 GLN n 
1 114 ALA n 
1 115 THR n 
1 116 GLU n 
1 117 ALA n 
1 118 GLU n 
1 119 ARG n 
1 120 SER n 
1 121 SER n 
1 122 GLN n 
1 123 ASN n 
1 124 LYS n 
1 125 HIS n 
# 
_entity_src_gen.entity_id                          1 
_entity_src_gen.pdbx_src_id                        1 
_entity_src_gen.pdbx_alt_source_flag               sample 
_entity_src_gen.pdbx_seq_type                      ? 
_entity_src_gen.pdbx_beg_seq_num                   ? 
_entity_src_gen.pdbx_end_seq_num                   ? 
_entity_src_gen.gene_src_common_name               human 
_entity_src_gen.gene_src_genus                     Homo 
_entity_src_gen.pdbx_gene_src_gene                 APC 
_entity_src_gen.gene_src_species                   ? 
_entity_src_gen.gene_src_strain                    ? 
_entity_src_gen.gene_src_tissue                    ? 
_entity_src_gen.gene_src_tissue_fraction           ? 
_entity_src_gen.gene_src_details                   ? 
_entity_src_gen.pdbx_gene_src_fragment             ? 
_entity_src_gen.pdbx_gene_src_scientific_name      'Homo sapiens' 
_entity_src_gen.pdbx_gene_src_ncbi_taxonomy_id     9606 
_entity_src_gen.pdbx_gene_src_variant              ? 
_entity_src_gen.pdbx_gene_src_cell_line            ? 
_entity_src_gen.pdbx_gene_src_atcc                 ? 
_entity_src_gen.pdbx_gene_src_organ                ? 
_entity_src_gen.pdbx_gene_src_organelle            ? 
_entity_src_gen.pdbx_gene_src_cell                 ? 
_entity_src_gen.pdbx_gene_src_cellular_location    ? 
_entity_src_gen.host_org_common_name               ? 
_entity_src_gen.pdbx_host_org_scientific_name      'Escherichia coli BL21' 
_entity_src_gen.pdbx_host_org_ncbi_taxonomy_id     511693 
_entity_src_gen.host_org_genus                     Escherichia 
_entity_src_gen.pdbx_host_org_gene                 ? 
_entity_src_gen.pdbx_host_org_organ                ? 
_entity_src_gen.host_org_species                   'Escherichia coli' 
_entity_src_gen.pdbx_host_org_tissue               ? 
_entity_src_gen.pdbx_host_org_tissue_fraction      ? 
_entity_src_gen.pdbx_host_org_strain               BL21 
_entity_src_gen.pdbx_host_org_variant              ? 
_entity_src_gen.pdbx_host_org_cell_line            ? 
_entity_src_gen.pdbx_host_org_atcc                 ? 
_entity_src_gen.pdbx_host_org_culture_collection   ? 
_entity_src_gen.pdbx_host_org_cell                 ? 
_entity_src_gen.pdbx_host_org_organelle            ? 
_entity_src_gen.pdbx_host_org_cellular_location    ? 
_entity_src_gen.pdbx_host_org_vector_type          PLASMID 
_entity_src_gen.pdbx_host_org_vector               ? 
_entity_src_gen.host_org_details                   ? 
_entity_src_gen.expression_system_id               ? 
_entity_src_gen.plasmid_name                       pGEX-6P-2 
_entity_src_gen.plasmid_details                    ? 
_entity_src_gen.pdbx_description                   ? 
# 
loop_
_chem_comp.id 
_chem_comp.type 
_chem_comp.mon_nstd_flag 
_chem_comp.name 
_chem_comp.pdbx_synonyms 
_chem_comp.formula 
_chem_comp.formula_weight 
ALA 'L-peptide linking' y ALANINE         ? 'C3 H7 N O2'     89.093  
ARG 'L-peptide linking' y ARGININE        ? 'C6 H15 N4 O2 1' 175.209 
ASN 'L-peptide linking' y ASPARAGINE      ? 'C4 H8 N2 O3'    132.118 
ASP 'L-peptide linking' y 'ASPARTIC ACID' ? 'C4 H7 N O4'     133.103 
CYS 'L-peptide linking' y CYSTEINE        ? 'C3 H7 N O2 S'   121.158 
GLN 'L-peptide linking' y GLUTAMINE       ? 'C5 H10 N2 O3'   146.144 
GLU 'L-peptide linking' y 'GLUTAMIC ACID' ? 'C5 H9 N O4'     147.129 
GLY 'peptide linking'   y GLYCINE         ? 'C2 H5 N O2'     75.067  
HIS 'L-peptide linking' y HISTIDINE       ? 'C6 H10 N3 O2 1' 156.162 
HOH non-polymer         . WATER           ? 'H2 O'           18.015  
ILE 'L-peptide linking' y ISOLEUCINE      ? 'C6 H13 N O2'    131.173 
LEU 'L-peptide linking' y LEUCINE         ? 'C6 H13 N O2'    131.173 
LYS 'L-peptide linking' y LYSINE          ? 'C6 H15 N2 O2 1' 147.195 
MET 'L-peptide linking' y METHIONINE      ? 'C5 H11 N O2 S'  149.211 
PHE 'L-peptide linking' y PHENYLALANINE   ? 'C9 H11 N O2'    165.189 
PRO 'L-peptide linking' y PROLINE         ? 'C5 H9 N O2'     115.130 
SER 'L-peptide linking' y SERINE          ? 'C3 H7 N O3'     105.093 
THR 'L-peptide linking' y THREONINE       ? 'C4 H9 N O3'     119.119 
TRP 'L-peptide linking' y TRYPTOPHAN      ? 'C11 H12 N2 O2'  204.225 
TYR 'L-peptide linking' y TYROSINE        ? 'C9 H11 N O3'    181.189 
VAL 'L-peptide linking' y VALINE          ? 'C5 H11 N O2'    117.146 
# 
loop_
_pdbx_poly_seq_scheme.asym_id 
_pdbx_poly_seq_scheme.entity_id 
_pdbx_poly_seq_scheme.seq_id 
_pdbx_poly_seq_scheme.mon_id 
_pdbx_poly_seq_scheme.ndb_seq_num 
_pdbx_poly_seq_scheme.pdb_seq_num 
_pdbx_poly_seq_scheme.auth_seq_num 
_pdbx_poly_seq_scheme.pdb_mon_id 
_pdbx_poly_seq_scheme.auth_mon_id 
_pdbx_poly_seq_scheme.pdb_strand_id 
_pdbx_poly_seq_scheme.pdb_ins_code 
_pdbx_poly_seq_scheme.hetero 
A 1 1   GLY 1   126 ?   ?   ?   A . n 
A 1 2   SER 2   127 ?   ?   ?   A . n 
A 1 3   ARG 3   128 ?   ?   ?   A . n 
A 1 4   GLU 4   129 ?   ?   ?   A . n 
A 1 5   SER 5   130 130 SER SER A . n 
A 1 6   THR 6   131 131 THR THR A . n 
A 1 7   GLY 7   132 132 GLY GLY A . n 
A 1 8   TYR 8   133 133 TYR TYR A . n 
A 1 9   LEU 9   134 134 LEU LEU A . n 
A 1 10  GLU 10  135 135 GLU GLU A . n 
A 1 11  GLU 11  136 136 GLU GLU A . n 
A 1 12  LEU 12  137 137 LEU LEU A . n 
A 1 13  GLU 13  138 138 GLU GLU A . n 
A 1 14  LYS 14  139 139 LYS LYS A . n 
A 1 15  GLU 15  140 140 GLU GLU A . n 
A 1 16  ARG 16  141 141 ARG ARG A . n 
A 1 17  SER 17  142 142 SER SER A . n 
A 1 18  LEU 18  143 143 LEU LEU A . n 
A 1 19  LEU 19  144 144 LEU LEU A . n 
A 1 20  LEU 20  145 145 LEU LEU A . n 
A 1 21  ALA 21  146 146 ALA ALA A . n 
A 1 22  ASP 22  147 147 ASP ASP A . n 
A 1 23  LEU 23  148 148 LEU LEU A . n 
A 1 24  ASP 24  149 149 ASP ASP A . n 
A 1 25  LYS 25  150 150 LYS LYS A . n 
A 1 26  GLU 26  151 151 GLU GLU A . n 
A 1 27  GLU 27  152 152 GLU GLU A . n 
A 1 28  LYS 28  153 153 LYS LYS A . n 
A 1 29  GLU 29  154 154 GLU GLU A . n 
A 1 30  LYS 30  155 155 LYS LYS A . n 
A 1 31  ASP 31  156 156 ASP ASP A . n 
A 1 32  TRP 32  157 157 TRP TRP A . n 
A 1 33  TYR 33  158 158 TYR TYR A . n 
A 1 34  TYR 34  159 159 TYR TYR A . n 
A 1 35  ALA 35  160 160 ALA ALA A . n 
A 1 36  GLN 36  161 161 GLN GLN A . n 
A 1 37  LEU 37  162 162 LEU LEU A . n 
A 1 38  GLN 38  163 163 GLN GLN A . n 
A 1 39  ASN 39  164 164 ASN ASN A . n 
A 1 40  LEU 40  165 165 LEU LEU A . n 
A 1 41  THR 41  166 166 THR THR A . n 
A 1 42  LYS 42  167 167 LYS LYS A . n 
A 1 43  ARG 43  168 168 ARG ARG A . n 
A 1 44  ILE 44  169 169 ILE ILE A . n 
A 1 45  ASP 45  170 170 ASP ASP A . n 
A 1 46  SER 46  171 171 SER SER A . n 
A 1 47  LEU 47  172 172 LEU LEU A . n 
A 1 48  PRO 48  173 173 PRO PRO A . n 
A 1 49  LEU 49  174 ?   ?   ?   A . n 
A 1 50  THR 50  175 ?   ?   ?   A . n 
A 1 51  GLU 51  176 ?   ?   ?   A . n 
A 1 52  ASN 52  177 ?   ?   ?   A . n 
A 1 53  PHE 53  178 ?   ?   ?   A . n 
A 1 54  SER 54  179 179 SER SER A . n 
A 1 55  LEU 55  180 180 LEU LEU A . n 
A 1 56  GLN 56  181 181 GLN GLN A . n 
A 1 57  THR 57  182 182 THR THR A . n 
A 1 58  ASP 58  183 183 ASP ASP A . n 
A 1 59  MET 59  184 184 MET MET A . n 
A 1 60  THR 60  185 185 THR THR A . n 
A 1 61  ARG 61  186 186 ARG ARG A . n 
A 1 62  ARG 62  187 187 ARG ARG A . n 
A 1 63  GLN 63  188 188 GLN GLN A . n 
A 1 64  LEU 64  189 189 LEU LEU A . n 
A 1 65  GLU 65  190 190 GLU GLU A . n 
A 1 66  TYR 66  191 191 TYR TYR A . n 
A 1 67  GLU 67  192 192 GLU GLU A . n 
A 1 68  ALA 68  193 193 ALA ALA A . n 
A 1 69  ARG 69  194 194 ARG ARG A . n 
A 1 70  GLN 70  195 195 GLN GLN A . n 
A 1 71  ILE 71  196 196 ILE ILE A . n 
A 1 72  ARG 72  197 197 ARG ARG A . n 
A 1 73  VAL 73  198 198 VAL VAL A . n 
A 1 74  ALA 74  199 199 ALA ALA A . n 
A 1 75  MET 75  200 200 MET MET A . n 
A 1 76  GLU 76  201 201 GLU GLU A . n 
A 1 77  GLU 77  202 202 GLU GLU A . n 
A 1 78  GLN 78  203 203 GLN GLN A . n 
A 1 79  LEU 79  204 204 LEU LEU A . n 
A 1 80  GLY 80  205 205 GLY GLY A . n 
A 1 81  THR 81  206 206 THR THR A . n 
A 1 82  CYS 82  207 207 CYS CYS A . n 
A 1 83  GLN 83  208 208 GLN GLN A . n 
A 1 84  ASP 84  209 209 ASP ASP A . n 
A 1 85  MET 85  210 210 MET MET A . n 
A 1 86  GLU 86  211 211 GLU GLU A . n 
A 1 87  LYS 87  212 212 LYS LYS A . n 
A 1 88  ARG 88  213 213 ARG ARG A . n 
A 1 89  ALA 89  214 214 ALA ALA A . n 
A 1 90  GLN 90  215 215 GLN GLN A . n 
A 1 91  ARG 91  216 216 ARG ARG A . n 
A 1 92  ARG 92  217 217 ARG ARG A . n 
A 1 93  ILE 93  218 218 ILE ILE A . n 
A 1 94  ALA 94  219 219 ALA ALA A . n 
A 1 95  ARG 95  220 220 ARG ARG A . n 
A 1 96  ILE 96  221 221 ILE ILE A . n 
A 1 97  GLN 97  222 222 GLN GLN A . n 
A 1 98  GLN 98  223 223 GLN GLN A . n 
A 1 99  ILE 99  224 224 ILE ILE A . n 
A 1 100 GLU 100 225 225 GLU GLU A . n 
A 1 101 LYS 101 226 226 LYS LYS A . n 
A 1 102 ASP 102 227 227 ASP ASP A . n 
A 1 103 ILE 103 228 228 ILE ILE A . n 
A 1 104 LEU 104 229 229 LEU LEU A . n 
A 1 105 ARG 105 230 230 ARG ARG A . n 
A 1 106 ILE 106 231 231 ILE ILE A . n 
A 1 107 ARG 107 232 232 ARG ARG A . n 
A 1 108 GLN 108 233 233 GLN GLN A . n 
A 1 109 LEU 109 234 234 LEU LEU A . n 
A 1 110 LEU 110 235 235 LEU LEU A . n 
A 1 111 GLN 111 236 236 GLN GLN A . n 
A 1 112 SER 112 237 237 SER SER A . n 
A 1 113 GLN 113 238 238 GLN GLN A . n 
A 1 114 ALA 114 239 239 ALA ALA A . n 
A 1 115 THR 115 240 ?   ?   ?   A . n 
A 1 116 GLU 116 241 ?   ?   ?   A . n 
A 1 117 ALA 117 242 ?   ?   ?   A . n 
A 1 118 GLU 118 243 ?   ?   ?   A . n 
A 1 119 ARG 119 244 ?   ?   ?   A . n 
A 1 120 SER 120 245 ?   ?   ?   A . n 
A 1 121 SER 121 246 ?   ?   ?   A . n 
A 1 122 GLN 122 247 ?   ?   ?   A . n 
A 1 123 ASN 123 248 ?   ?   ?   A . n 
A 1 124 LYS 124 249 ?   ?   ?   A . n 
A 1 125 HIS 125 250 ?   ?   ?   A . n 
# 
loop_
_pdbx_nonpoly_scheme.asym_id 
_pdbx_nonpoly_scheme.entity_id 
_pdbx_nonpoly_scheme.mon_id 
_pdbx_nonpoly_scheme.ndb_seq_num 
_pdbx_nonpoly_scheme.pdb_seq_num 
_pdbx_nonpoly_scheme.auth_seq_num 
_pdbx_nonpoly_scheme.pdb_mon_id 
_pdbx_nonpoly_scheme.auth_mon_id 
_pdbx_nonpoly_scheme.pdb_strand_id 
_pdbx_nonpoly_scheme.pdb_ins_code 
B 2 HOH 1  500 500 HOH HOH A . 
B 2 HOH 2  501 501 HOH HOH A . 
B 2 HOH 3  502 502 HOH HOH A . 
B 2 HOH 4  503 503 HOH HOH A . 
B 2 HOH 5  504 504 HOH HOH A . 
B 2 HOH 6  505 505 HOH HOH A . 
B 2 HOH 7  506 506 HOH HOH A . 
B 2 HOH 8  507 507 HOH HOH A . 
B 2 HOH 9  508 508 HOH HOH A . 
B 2 HOH 10 509 509 HOH HOH A . 
B 2 HOH 11 510 510 HOH HOH A . 
B 2 HOH 12 511 511 HOH HOH A . 
B 2 HOH 13 513 513 HOH HOH A . 
B 2 HOH 14 514 514 HOH HOH A . 
B 2 HOH 15 515 515 HOH HOH A . 
B 2 HOH 16 516 516 HOH HOH A . 
B 2 HOH 17 517 517 HOH HOH A . 
B 2 HOH 18 518 518 HOH HOH A . 
B 2 HOH 19 519 519 HOH HOH A . 
B 2 HOH 20 520 520 HOH HOH A . 
B 2 HOH 21 521 521 HOH HOH A . 
B 2 HOH 22 522 522 HOH HOH A . 
B 2 HOH 23 523 523 HOH HOH A . 
B 2 HOH 24 524 524 HOH HOH A . 
B 2 HOH 25 525 525 HOH HOH A . 
B 2 HOH 26 526 526 HOH HOH A . 
B 2 HOH 27 528 528 HOH HOH A . 
B 2 HOH 28 529 529 HOH HOH A . 
B 2 HOH 29 530 530 HOH HOH A . 
B 2 HOH 30 531 531 HOH HOH A . 
B 2 HOH 31 532 532 HOH HOH A . 
B 2 HOH 32 533 533 HOH HOH A . 
B 2 HOH 33 534 534 HOH HOH A . 
B 2 HOH 34 535 535 HOH HOH A . 
B 2 HOH 35 536 536 HOH HOH A . 
B 2 HOH 36 537 537 HOH HOH A . 
B 2 HOH 37 540 540 HOH HOH A . 
B 2 HOH 38 541 541 HOH HOH A . 
B 2 HOH 39 542 542 HOH HOH A . 
B 2 HOH 40 543 543 HOH HOH A . 
B 2 HOH 41 544 544 HOH HOH A . 
B 2 HOH 42 545 545 HOH HOH A . 
B 2 HOH 43 546 546 HOH HOH A . 
B 2 HOH 44 547 547 HOH HOH A . 
B 2 HOH 45 548 548 HOH HOH A . 
B 2 HOH 46 549 549 HOH HOH A . 
B 2 HOH 47 551 551 HOH HOH A . 
B 2 HOH 48 552 552 HOH HOH A . 
B 2 HOH 49 553 553 HOH HOH A . 
B 2 HOH 50 554 554 HOH HOH A . 
B 2 HOH 51 555 555 HOH HOH A . 
B 2 HOH 52 556 556 HOH HOH A . 
B 2 HOH 53 557 557 HOH HOH A . 
B 2 HOH 54 558 558 HOH HOH A . 
B 2 HOH 55 559 559 HOH HOH A . 
B 2 HOH 56 560 560 HOH HOH A . 
# 
loop_
_software.name 
_software.classification 
_software.version 
_software.citation_id 
_software.pdbx_ordinal 
XDS 'data scaling'   . ? 1 
XDS 'data reduction' . ? 2 
CNS refinement       . ? 3 
CNS phasing          . ? 4 
# 
_cell.entry_id           1M5I 
_cell.length_a           46.047 
_cell.length_b           46.047 
_cell.length_c           113.299 
_cell.angle_alpha        90.00 
_cell.angle_beta         90.00 
_cell.angle_gamma        120.00 
_cell.Z_PDB              6 
_cell.pdbx_unique_axis   ? 
# 
_symmetry.entry_id                         1M5I 
_symmetry.space_group_name_H-M             'P 32 2 1' 
_symmetry.pdbx_full_space_group_name_H-M   ? 
_symmetry.cell_setting                     ? 
_symmetry.Int_Tables_number                154 
# 
_exptl.entry_id          1M5I 
_exptl.method            'X-RAY DIFFRACTION' 
_exptl.crystals_number   1 
# 
_exptl_crystal.id                    1 
_exptl_crystal.density_meas          ? 
_exptl_crystal.density_percent_sol   46.95 
_exptl_crystal.density_Matthews      2.32 
_exptl_crystal.description           ? 
# 
_exptl_crystal_grow.crystal_id      1 
_exptl_crystal_grow.method          'VAPOR DIFFUSION, HANGING DROP' 
_exptl_crystal_grow.temp            277 
_exptl_crystal_grow.temp_details    ? 
_exptl_crystal_grow.pH              ? 
_exptl_crystal_grow.pdbx_details    
'16% PEG 3350, 100mM potassium iodide, 10mM strontium chloride, VAPOR DIFFUSION, HANGING DROP, temperature 277K' 
_exptl_crystal_grow.pdbx_pH_range   . 
# 
_diffrn.id                     1 
_diffrn.ambient_temp           100.0 
_diffrn.ambient_temp_details   ? 
_diffrn.crystal_id             1 
# 
_diffrn_detector.diffrn_id              1 
_diffrn_detector.detector               CCD 
_diffrn_detector.type                   MARRESEARCH 
_diffrn_detector.pdbx_collection_date   2001-02-04 
_diffrn_detector.details                mirrors 
# 
_diffrn_radiation.diffrn_id                        1 
_diffrn_radiation.wavelength_id                    1 
_diffrn_radiation.pdbx_monochromatic_or_laue_m_l   M 
_diffrn_radiation.monochromator                    'SAGITALLY FOCUSED GE(220)' 
_diffrn_radiation.pdbx_diffrn_protocol             'SINGLE WAVELENGTH' 
_diffrn_radiation.pdbx_scattering_type             x-ray 
# 
_diffrn_radiation_wavelength.id           1 
_diffrn_radiation_wavelength.wavelength   0.934 
_diffrn_radiation_wavelength.wt           1.0 
# 
_diffrn_source.diffrn_id                   1 
_diffrn_source.source                      SYNCHROTRON 
_diffrn_source.type                        'ESRF BEAMLINE ID14-1' 
_diffrn_source.pdbx_synchrotron_site       ESRF 
_diffrn_source.pdbx_synchrotron_beamline   ID14-1 
_diffrn_source.pdbx_wavelength             ? 
_diffrn_source.pdbx_wavelength_list        0.934 
# 
_reflns.entry_id                     1M5I 
_reflns.observed_criterion_sigma_F   0.0 
_reflns.observed_criterion_sigma_I   0.0 
_reflns.d_resolution_high            2.0 
_reflns.d_resolution_low             19.94 
_reflns.number_all                   10548 
_reflns.number_obs                   10548 
_reflns.percent_possible_obs         98.7 
_reflns.pdbx_Rmerge_I_obs            0.05 
_reflns.pdbx_Rsym_value              0.067 
_reflns.pdbx_netI_over_sigmaI        18.8 
_reflns.B_iso_Wilson_estimate        38.6 
_reflns.pdbx_redundancy              6.3 
_reflns.R_free_details               ? 
_reflns.limit_h_max                  ? 
_reflns.limit_h_min                  ? 
_reflns.limit_k_max                  ? 
_reflns.limit_k_min                  ? 
_reflns.limit_l_max                  ? 
_reflns.limit_l_min                  ? 
_reflns.observed_criterion_F_max     ? 
_reflns.observed_criterion_F_min     ? 
_reflns.pdbx_diffrn_id               1 
_reflns.pdbx_ordinal                 1 
# 
_reflns_shell.d_res_high             2.0 
_reflns_shell.d_res_low              2.1 
_reflns_shell.percent_possible_all   98.8 
_reflns_shell.Rmerge_I_obs           0.127 
_reflns_shell.pdbx_Rsym_value        0.216 
_reflns_shell.meanI_over_sigI_obs    7.0 
_reflns_shell.pdbx_redundancy        5.3 
_reflns_shell.percent_possible_obs   ? 
_reflns_shell.number_unique_all      2317 
_reflns_shell.pdbx_diffrn_id         ? 
_reflns_shell.pdbx_ordinal           1 
# 
_refine.entry_id                                 1M5I 
_refine.ls_d_res_high                            2.0 
_refine.ls_d_res_low                             20.0 
_refine.pdbx_ls_sigma_F                          0.0 
_refine.pdbx_ls_sigma_I                          ? 
_refine.ls_number_reflns_all                     9794 
_refine.ls_number_reflns_obs                     9794 
_refine.ls_number_reflns_R_free                  1033 
_refine.ls_percent_reflns_obs                    98.7 
_refine.ls_R_factor_all                          0.262 
_refine.ls_R_factor_obs                          0.262 
_refine.ls_R_factor_R_work                       0.257 
_refine.ls_R_factor_R_free                       0.309 
_refine.ls_redundancy_reflns_obs                 ? 
_refine.pdbx_data_cutoff_high_absF               ? 
_refine.pdbx_data_cutoff_low_absF                ? 
_refine.ls_number_parameters                     ? 
_refine.ls_number_restraints                     ? 
_refine.ls_percent_reflns_R_free                 ? 
_refine.ls_R_factor_R_free_error                 ? 
_refine.ls_R_factor_R_free_error_details         ? 
_refine.pdbx_method_to_determine_struct          SAD 
_refine.pdbx_starting_model                      ? 
_refine.pdbx_ls_cross_valid_method               THROUGHOUT 
_refine.pdbx_R_Free_selection_details            RANDOM 
_refine.pdbx_stereochem_target_val_spec_case     ? 
_refine.pdbx_stereochemistry_target_values       'Engh & Huber' 
_refine.solvent_model_details                    ? 
_refine.solvent_model_param_bsol                 ? 
_refine.solvent_model_param_ksol                 ? 
_refine.occupancy_max                            ? 
_refine.occupancy_min                            ? 
_refine.pdbx_isotropic_thermal_model             overall 
_refine.B_iso_mean                               42.8 
_refine.aniso_B[1][1]                            ? 
_refine.aniso_B[1][2]                            ? 
_refine.aniso_B[1][3]                            ? 
_refine.aniso_B[2][2]                            ? 
_refine.aniso_B[2][3]                            ? 
_refine.aniso_B[3][3]                            ? 
_refine.details                                  ? 
_refine.B_iso_min                                ? 
_refine.B_iso_max                                ? 
_refine.correlation_coeff_Fo_to_Fc               ? 
_refine.correlation_coeff_Fo_to_Fc_free          ? 
_refine.pdbx_solvent_vdw_probe_radii             ? 
_refine.pdbx_solvent_ion_probe_radii             ? 
_refine.pdbx_solvent_shrinkage_radii             ? 
_refine.overall_SU_R_Cruickshank_DPI             ? 
_refine.overall_SU_R_free                        ? 
_refine.overall_SU_B                             ? 
_refine.overall_SU_ML                            ? 
_refine.pdbx_overall_ESU_R                       ? 
_refine.pdbx_overall_ESU_R_Free                  ? 
_refine.pdbx_data_cutoff_high_rms_absF           ? 
_refine.pdbx_refine_id                           'X-RAY DIFFRACTION' 
_refine.pdbx_diffrn_id                           1 
_refine.pdbx_TLS_residual_ADP_flag               ? 
_refine.pdbx_overall_phase_error                 ? 
_refine.pdbx_overall_SU_R_free_Cruickshank_DPI   ? 
_refine.pdbx_overall_SU_R_Blow_DPI               ? 
_refine.pdbx_overall_SU_R_free_Blow_DPI          ? 
# 
_refine_analyze.entry_id                        1M5I 
_refine_analyze.Luzzati_coordinate_error_obs    0.33 
_refine_analyze.Luzzati_sigma_a_obs             0.33 
_refine_analyze.Luzzati_d_res_low_obs           5.0 
_refine_analyze.Luzzati_coordinate_error_free   0.37 
_refine_analyze.Luzzati_sigma_a_free            0.23 
_refine_analyze.Luzzati_d_res_low_free          ? 
_refine_analyze.number_disordered_residues      ? 
_refine_analyze.occupancy_sum_non_hydrogen      ? 
_refine_analyze.occupancy_sum_hydrogen          ? 
_refine_analyze.pdbx_Luzzati_d_res_high_obs     ? 
_refine_analyze.pdbx_refine_id                  'X-RAY DIFFRACTION' 
# 
_refine_hist.pdbx_refine_id                   'X-RAY DIFFRACTION' 
_refine_hist.cycle_id                         LAST 
_refine_hist.pdbx_number_atoms_protein        883 
_refine_hist.pdbx_number_atoms_nucleic_acid   0 
_refine_hist.pdbx_number_atoms_ligand         0 
_refine_hist.number_atoms_solvent             56 
_refine_hist.number_atoms_total               939 
_refine_hist.d_res_high                       2.0 
_refine_hist.d_res_low                        20.0 
# 
loop_
_refine_ls_restr.type 
_refine_ls_restr.dev_ideal 
_refine_ls_restr.dev_ideal_target 
_refine_ls_restr.weight 
_refine_ls_restr.number 
_refine_ls_restr.pdbx_refine_id 
_refine_ls_restr.pdbx_restraint_function 
c_bond_d    0.008 ? ? ? 'X-RAY DIFFRACTION' ? 
c_angle_deg 1.0   ? ? ? 'X-RAY DIFFRACTION' ? 
# 
_refine_ls_shell.pdbx_total_number_of_bins_used   ? 
_refine_ls_shell.d_res_high                       2.0 
_refine_ls_shell.d_res_low                        2.1 
_refine_ls_shell.number_reflns_R_work             ? 
_refine_ls_shell.R_factor_R_work                  0.344 
_refine_ls_shell.percent_reflns_obs               99.0 
_refine_ls_shell.R_factor_R_free                  0.35 
_refine_ls_shell.R_factor_R_free_error            0.027 
_refine_ls_shell.percent_reflns_R_free            ? 
_refine_ls_shell.number_reflns_R_free             162 
_refine_ls_shell.number_reflns_obs                1400 
_refine_ls_shell.redundancy_reflns_obs            ? 
_refine_ls_shell.number_reflns_all                ? 
_refine_ls_shell.pdbx_refine_id                   'X-RAY DIFFRACTION' 
_refine_ls_shell.R_factor_all                     ? 
# 
_struct.entry_id                  1M5I 
_struct.title                     'Crystal Structure of the coiled coil region 129-250 of the tumor suppressor gene product APC' 
_struct.pdbx_model_details        ? 
_struct.pdbx_CASP_flag            ? 
_struct.pdbx_model_type_details   ? 
# 
_struct_keywords.entry_id        1M5I 
_struct_keywords.pdbx_keywords   'ANTITUMOR PROTEIN' 
_struct_keywords.text            'coiled-coil, Antitumor protein' 
# 
loop_
_struct_asym.id 
_struct_asym.pdbx_blank_PDB_chainid_flag 
_struct_asym.pdbx_modified 
_struct_asym.entity_id 
_struct_asym.details 
A N N 1 ? 
B N N 2 ? 
# 
_struct_ref.id                         1 
_struct_ref.db_name                    UNP 
_struct_ref.db_code                    APC_HUMAN 
_struct_ref.entity_id                  1 
_struct_ref.pdbx_seq_one_letter_code   
;GSRESTGYLEELEKERSLLLADLDKEEKEKDWYYAQLQNLTKRIDSLPLTENFSLQTDMTRRQLEYEARQIRVAMEEQLG
TCQDMEKRAQRRIARIQQIEKDILRIRQLLQSQATEAERSSQNKH
;
_struct_ref.pdbx_align_begin           126 
_struct_ref.pdbx_db_accession          P25054 
_struct_ref.pdbx_db_isoform            ? 
# 
_struct_ref_seq.align_id                      1 
_struct_ref_seq.ref_id                        1 
_struct_ref_seq.pdbx_PDB_id_code              1M5I 
_struct_ref_seq.pdbx_strand_id                A 
_struct_ref_seq.seq_align_beg                 1 
_struct_ref_seq.pdbx_seq_align_beg_ins_code   ? 
_struct_ref_seq.seq_align_end                 125 
_struct_ref_seq.pdbx_seq_align_end_ins_code   ? 
_struct_ref_seq.pdbx_db_accession             P25054 
_struct_ref_seq.db_align_beg                  126 
_struct_ref_seq.pdbx_db_align_beg_ins_code    ? 
_struct_ref_seq.db_align_end                  250 
_struct_ref_seq.pdbx_db_align_end_ins_code    ? 
_struct_ref_seq.pdbx_auth_seq_align_beg       126 
_struct_ref_seq.pdbx_auth_seq_align_end       250 
# 
_pdbx_struct_assembly.id                   1 
_pdbx_struct_assembly.details              author_defined_assembly 
_pdbx_struct_assembly.method_details       ? 
_pdbx_struct_assembly.oligomeric_details   monomeric 
_pdbx_struct_assembly.oligomeric_count     1 
# 
_pdbx_struct_assembly_gen.assembly_id       1 
_pdbx_struct_assembly_gen.oper_expression   1 
_pdbx_struct_assembly_gen.asym_id_list      A,B 
# 
_pdbx_struct_oper_list.id                   1 
_pdbx_struct_oper_list.type                 'identity operation' 
_pdbx_struct_oper_list.name                 1_555 
_pdbx_struct_oper_list.symmetry_operation   x,y,z 
_pdbx_struct_oper_list.matrix[1][1]         1.0000000000 
_pdbx_struct_oper_list.matrix[1][2]         0.0000000000 
_pdbx_struct_oper_list.matrix[1][3]         0.0000000000 
_pdbx_struct_oper_list.vector[1]            0.0000000000 
_pdbx_struct_oper_list.matrix[2][1]         0.0000000000 
_pdbx_struct_oper_list.matrix[2][2]         1.0000000000 
_pdbx_struct_oper_list.matrix[2][3]         0.0000000000 
_pdbx_struct_oper_list.vector[2]            0.0000000000 
_pdbx_struct_oper_list.matrix[3][1]         0.0000000000 
_pdbx_struct_oper_list.matrix[3][2]         0.0000000000 
_pdbx_struct_oper_list.matrix[3][3]         1.0000000000 
_pdbx_struct_oper_list.vector[3]            0.0000000000 
# 
_struct_biol.id                    1 
_struct_biol.pdbx_parent_biol_id   ? 
_struct_biol.details               ? 
# 
loop_
_struct_conf.conf_type_id 
_struct_conf.id 
_struct_conf.pdbx_PDB_helix_id 
_struct_conf.beg_label_comp_id 
_struct_conf.beg_label_asym_id 
_struct_conf.beg_label_seq_id 
_struct_conf.pdbx_beg_PDB_ins_code 
_struct_conf.end_label_comp_id 
_struct_conf.end_label_asym_id 
_struct_conf.end_label_seq_id 
_struct_conf.pdbx_end_PDB_ins_code 
_struct_conf.beg_auth_comp_id 
_struct_conf.beg_auth_asym_id 
_struct_conf.beg_auth_seq_id 
_struct_conf.end_auth_comp_id 
_struct_conf.end_auth_asym_id 
_struct_conf.end_auth_seq_id 
_struct_conf.pdbx_PDB_helix_class 
_struct_conf.details 
_struct_conf.pdbx_PDB_helix_length 
HELX_P HELX_P1 1 THR A 6  ? ASP A 45  ? THR A 131 ASP A 170 1 ? 40 
HELX_P HELX_P2 2 SER A 54 ? GLY A 80  ? SER A 179 GLY A 205 1 ? 27 
HELX_P HELX_P3 3 CYS A 82 ? ALA A 114 ? CYS A 207 ALA A 239 1 ? 33 
# 
_struct_conf_type.id          HELX_P 
_struct_conf_type.criteria    ? 
_struct_conf_type.reference   ? 
# 
_pdbx_validate_symm_contact.id                1 
_pdbx_validate_symm_contact.PDB_model_num     1 
_pdbx_validate_symm_contact.auth_atom_id_1    O 
_pdbx_validate_symm_contact.auth_asym_id_1    A 
_pdbx_validate_symm_contact.auth_comp_id_1    HOH 
_pdbx_validate_symm_contact.auth_seq_id_1     533 
_pdbx_validate_symm_contact.PDB_ins_code_1    ? 
_pdbx_validate_symm_contact.label_alt_id_1    ? 
_pdbx_validate_symm_contact.site_symmetry_1   1_555 
_pdbx_validate_symm_contact.auth_atom_id_2    O 
_pdbx_validate_symm_contact.auth_asym_id_2    A 
_pdbx_validate_symm_contact.auth_comp_id_2    HOH 
_pdbx_validate_symm_contact.auth_seq_id_2     533 
_pdbx_validate_symm_contact.PDB_ins_code_2    ? 
_pdbx_validate_symm_contact.label_alt_id_2    ? 
_pdbx_validate_symm_contact.site_symmetry_2   5_555 
_pdbx_validate_symm_contact.dist              1.55 
# 
_pdbx_validate_torsion.id              1 
_pdbx_validate_torsion.PDB_model_num   1 
_pdbx_validate_torsion.auth_comp_id    THR 
_pdbx_validate_torsion.auth_asym_id    A 
_pdbx_validate_torsion.auth_seq_id     206 
_pdbx_validate_torsion.PDB_ins_code    ? 
_pdbx_validate_torsion.label_alt_id    ? 
_pdbx_validate_torsion.phi             -76.06 
_pdbx_validate_torsion.psi             -166.19 
# 
loop_
_pdbx_struct_special_symmetry.id 
_pdbx_struct_special_symmetry.PDB_model_num 
_pdbx_struct_special_symmetry.auth_asym_id 
_pdbx_struct_special_symmetry.auth_comp_id 
_pdbx_struct_special_symmetry.auth_seq_id 
_pdbx_struct_special_symmetry.PDB_ins_code 
_pdbx_struct_special_symmetry.label_asym_id 
_pdbx_struct_special_symmetry.label_comp_id 
_pdbx_struct_special_symmetry.label_seq_id 
1 1 A HOH 559 ? B HOH . 
2 1 A HOH 560 ? B HOH . 
# 
loop_
_pdbx_unobs_or_zero_occ_residues.id 
_pdbx_unobs_or_zero_occ_residues.PDB_model_num 
_pdbx_unobs_or_zero_occ_residues.polymer_flag 
_pdbx_unobs_or_zero_occ_residues.occupancy_flag 
_pdbx_unobs_or_zero_occ_residues.auth_asym_id 
_pdbx_unobs_or_zero_occ_residues.auth_comp_id 
_pdbx_unobs_or_zero_occ_residues.auth_seq_id 
_pdbx_unobs_or_zero_occ_residues.PDB_ins_code 
_pdbx_unobs_or_zero_occ_residues.label_asym_id 
_pdbx_unobs_or_zero_occ_residues.label_comp_id 
_pdbx_unobs_or_zero_occ_residues.label_seq_id 
1  1 Y 1 A GLY 126 ? A GLY 1   
2  1 Y 1 A SER 127 ? A SER 2   
3  1 Y 1 A ARG 128 ? A ARG 3   
4  1 Y 1 A GLU 129 ? A GLU 4   
5  1 Y 1 A LEU 174 ? A LEU 49  
6  1 Y 1 A THR 175 ? A THR 50  
7  1 Y 1 A GLU 176 ? A GLU 51  
8  1 Y 1 A ASN 177 ? A ASN 52  
9  1 Y 1 A PHE 178 ? A PHE 53  
10 1 Y 1 A THR 240 ? A THR 115 
11 1 Y 1 A GLU 241 ? A GLU 116 
12 1 Y 1 A ALA 242 ? A ALA 117 
13 1 Y 1 A GLU 243 ? A GLU 118 
14 1 Y 1 A ARG 244 ? A ARG 119 
15 1 Y 1 A SER 245 ? A SER 120 
16 1 Y 1 A SER 246 ? A SER 121 
17 1 Y 1 A GLN 247 ? A GLN 122 
18 1 Y 1 A ASN 248 ? A ASN 123 
19 1 Y 1 A LYS 249 ? A LYS 124 
20 1 Y 1 A HIS 250 ? A HIS 125 
# 
loop_
_chem_comp_atom.comp_id 
_chem_comp_atom.atom_id 
_chem_comp_atom.type_symbol 
_chem_comp_atom.pdbx_aromatic_flag 
_chem_comp_atom.pdbx_stereo_config 
_chem_comp_atom.pdbx_ordinal 
ALA N    N N N 1   
ALA CA   C N S 2   
ALA C    C N N 3   
ALA O    O N N 4   
ALA CB   C N N 5   
ALA OXT  O N N 6   
ALA H    H N N 7   
ALA H2   H N N 8   
ALA HA   H N N 9   
ALA HB1  H N N 10  
ALA HB2  H N N 11  
ALA HB3  H N N 12  
ALA HXT  H N N 13  
ARG N    N N N 14  
ARG CA   C N S 15  
ARG C    C N N 16  
ARG O    O N N 17  
ARG CB   C N N 18  
ARG CG   C N N 19  
ARG CD   C N N 20  
ARG NE   N N N 21  
ARG CZ   C N N 22  
ARG NH1  N N N 23  
ARG NH2  N N N 24  
ARG OXT  O N N 25  
ARG H    H N N 26  
ARG H2   H N N 27  
ARG HA   H N N 28  
ARG HB2  H N N 29  
ARG HB3  H N N 30  
ARG HG2  H N N 31  
ARG HG3  H N N 32  
ARG HD2  H N N 33  
ARG HD3  H N N 34  
ARG HE   H N N 35  
ARG HH11 H N N 36  
ARG HH12 H N N 37  
ARG HH21 H N N 38  
ARG HH22 H N N 39  
ARG HXT  H N N 40  
ASN N    N N N 41  
ASN CA   C N S 42  
ASN C    C N N 43  
ASN O    O N N 44  
ASN CB   C N N 45  
ASN CG   C N N 46  
ASN OD1  O N N 47  
ASN ND2  N N N 48  
ASN OXT  O N N 49  
ASN H    H N N 50  
ASN H2   H N N 51  
ASN HA   H N N 52  
ASN HB2  H N N 53  
ASN HB3  H N N 54  
ASN HD21 H N N 55  
ASN HD22 H N N 56  
ASN HXT  H N N 57  
ASP N    N N N 58  
ASP CA   C N S 59  
ASP C    C N N 60  
ASP O    O N N 61  
ASP CB   C N N 62  
ASP CG   C N N 63  
ASP OD1  O N N 64  
ASP OD2  O N N 65  
ASP OXT  O N N 66  
ASP H    H N N 67  
ASP H2   H N N 68  
ASP HA   H N N 69  
ASP HB2  H N N 70  
ASP HB3  H N N 71  
ASP HD2  H N N 72  
ASP HXT  H N N 73  
CYS N    N N N 74  
CYS CA   C N R 75  
CYS C    C N N 76  
CYS O    O N N 77  
CYS CB   C N N 78  
CYS SG   S N N 79  
CYS OXT  O N N 80  
CYS H    H N N 81  
CYS H2   H N N 82  
CYS HA   H N N 83  
CYS HB2  H N N 84  
CYS HB3  H N N 85  
CYS HG   H N N 86  
CYS HXT  H N N 87  
GLN N    N N N 88  
GLN CA   C N S 89  
GLN C    C N N 90  
GLN O    O N N 91  
GLN CB   C N N 92  
GLN CG   C N N 93  
GLN CD   C N N 94  
GLN OE1  O N N 95  
GLN NE2  N N N 96  
GLN OXT  O N N 97  
GLN H    H N N 98  
GLN H2   H N N 99  
GLN HA   H N N 100 
GLN HB2  H N N 101 
GLN HB3  H N N 102 
GLN HG2  H N N 103 
GLN HG3  H N N 104 
GLN HE21 H N N 105 
GLN HE22 H N N 106 
GLN HXT  H N N 107 
GLU N    N N N 108 
GLU CA   C N S 109 
GLU C    C N N 110 
GLU O    O N N 111 
GLU CB   C N N 112 
GLU CG   C N N 113 
GLU CD   C N N 114 
GLU OE1  O N N 115 
GLU OE2  O N N 116 
GLU OXT  O N N 117 
GLU H    H N N 118 
GLU H2   H N N 119 
GLU HA   H N N 120 
GLU HB2  H N N 121 
GLU HB3  H N N 122 
GLU HG2  H N N 123 
GLU HG3  H N N 124 
GLU HE2  H N N 125 
GLU HXT  H N N 126 
GLY N    N N N 127 
GLY CA   C N N 128 
GLY C    C N N 129 
GLY O    O N N 130 
GLY OXT  O N N 131 
GLY H    H N N 132 
GLY H2   H N N 133 
GLY HA2  H N N 134 
GLY HA3  H N N 135 
GLY HXT  H N N 136 
HIS N    N N N 137 
HIS CA   C N S 138 
HIS C    C N N 139 
HIS O    O N N 140 
HIS CB   C N N 141 
HIS CG   C Y N 142 
HIS ND1  N Y N 143 
HIS CD2  C Y N 144 
HIS CE1  C Y N 145 
HIS NE2  N Y N 146 
HIS OXT  O N N 147 
HIS H    H N N 148 
HIS H2   H N N 149 
HIS HA   H N N 150 
HIS HB2  H N N 151 
HIS HB3  H N N 152 
HIS HD1  H N N 153 
HIS HD2  H N N 154 
HIS HE1  H N N 155 
HIS HE2  H N N 156 
HIS HXT  H N N 157 
HOH O    O N N 158 
HOH H1   H N N 159 
HOH H2   H N N 160 
ILE N    N N N 161 
ILE CA   C N S 162 
ILE C    C N N 163 
ILE O    O N N 164 
ILE CB   C N S 165 
ILE CG1  C N N 166 
ILE CG2  C N N 167 
ILE CD1  C N N 168 
ILE OXT  O N N 169 
ILE H    H N N 170 
ILE H2   H N N 171 
ILE HA   H N N 172 
ILE HB   H N N 173 
ILE HG12 H N N 174 
ILE HG13 H N N 175 
ILE HG21 H N N 176 
ILE HG22 H N N 177 
ILE HG23 H N N 178 
ILE HD11 H N N 179 
ILE HD12 H N N 180 
ILE HD13 H N N 181 
ILE HXT  H N N 182 
LEU N    N N N 183 
LEU CA   C N S 184 
LEU C    C N N 185 
LEU O    O N N 186 
LEU CB   C N N 187 
LEU CG   C N N 188 
LEU CD1  C N N 189 
LEU CD2  C N N 190 
LEU OXT  O N N 191 
LEU H    H N N 192 
LEU H2   H N N 193 
LEU HA   H N N 194 
LEU HB2  H N N 195 
LEU HB3  H N N 196 
LEU HG   H N N 197 
LEU HD11 H N N 198 
LEU HD12 H N N 199 
LEU HD13 H N N 200 
LEU HD21 H N N 201 
LEU HD22 H N N 202 
LEU HD23 H N N 203 
LEU HXT  H N N 204 
LYS N    N N N 205 
LYS CA   C N S 206 
LYS C    C N N 207 
LYS O    O N N 208 
LYS CB   C N N 209 
LYS CG   C N N 210 
LYS CD   C N N 211 
LYS CE   C N N 212 
LYS NZ   N N N 213 
LYS OXT  O N N 214 
LYS H    H N N 215 
LYS H2   H N N 216 
LYS HA   H N N 217 
LYS HB2  H N N 218 
LYS HB3  H N N 219 
LYS HG2  H N N 220 
LYS HG3  H N N 221 
LYS HD2  H N N 222 
LYS HD3  H N N 223 
LYS HE2  H N N 224 
LYS HE3  H N N 225 
LYS HZ1  H N N 226 
LYS HZ2  H N N 227 
LYS HZ3  H N N 228 
LYS HXT  H N N 229 
MET N    N N N 230 
MET CA   C N S 231 
MET C    C N N 232 
MET O    O N N 233 
MET CB   C N N 234 
MET CG   C N N 235 
MET SD   S N N 236 
MET CE   C N N 237 
MET OXT  O N N 238 
MET H    H N N 239 
MET H2   H N N 240 
MET HA   H N N 241 
MET HB2  H N N 242 
MET HB3  H N N 243 
MET HG2  H N N 244 
MET HG3  H N N 245 
MET HE1  H N N 246 
MET HE2  H N N 247 
MET HE3  H N N 248 
MET HXT  H N N 249 
PHE N    N N N 250 
PHE CA   C N S 251 
PHE C    C N N 252 
PHE O    O N N 253 
PHE CB   C N N 254 
PHE CG   C Y N 255 
PHE CD1  C Y N 256 
PHE CD2  C Y N 257 
PHE CE1  C Y N 258 
PHE CE2  C Y N 259 
PHE CZ   C Y N 260 
PHE OXT  O N N 261 
PHE H    H N N 262 
PHE H2   H N N 263 
PHE HA   H N N 264 
PHE HB2  H N N 265 
PHE HB3  H N N 266 
PHE HD1  H N N 267 
PHE HD2  H N N 268 
PHE HE1  H N N 269 
PHE HE2  H N N 270 
PHE HZ   H N N 271 
PHE HXT  H N N 272 
PRO N    N N N 273 
PRO CA   C N S 274 
PRO C    C N N 275 
PRO O    O N N 276 
PRO CB   C N N 277 
PRO CG   C N N 278 
PRO CD   C N N 279 
PRO OXT  O N N 280 
PRO H    H N N 281 
PRO HA   H N N 282 
PRO HB2  H N N 283 
PRO HB3  H N N 284 
PRO HG2  H N N 285 
PRO HG3  H N N 286 
PRO HD2  H N N 287 
PRO HD3  H N N 288 
PRO HXT  H N N 289 
SER N    N N N 290 
SER CA   C N S 291 
SER C    C N N 292 
SER O    O N N 293 
SER CB   C N N 294 
SER OG   O N N 295 
SER OXT  O N N 296 
SER H    H N N 297 
SER H2   H N N 298 
SER HA   H N N 299 
SER HB2  H N N 300 
SER HB3  H N N 301 
SER HG   H N N 302 
SER HXT  H N N 303 
THR N    N N N 304 
THR CA   C N S 305 
THR C    C N N 306 
THR O    O N N 307 
THR CB   C N R 308 
THR OG1  O N N 309 
THR CG2  C N N 310 
THR OXT  O N N 311 
THR H    H N N 312 
THR H2   H N N 313 
THR HA   H N N 314 
THR HB   H N N 315 
THR HG1  H N N 316 
THR HG21 H N N 317 
THR HG22 H N N 318 
THR HG23 H N N 319 
THR HXT  H N N 320 
TRP N    N N N 321 
TRP CA   C N S 322 
TRP C    C N N 323 
TRP O    O N N 324 
TRP CB   C N N 325 
TRP CG   C Y N 326 
TRP CD1  C Y N 327 
TRP CD2  C Y N 328 
TRP NE1  N Y N 329 
TRP CE2  C Y N 330 
TRP CE3  C Y N 331 
TRP CZ2  C Y N 332 
TRP CZ3  C Y N 333 
TRP CH2  C Y N 334 
TRP OXT  O N N 335 
TRP H    H N N 336 
TRP H2   H N N 337 
TRP HA   H N N 338 
TRP HB2  H N N 339 
TRP HB3  H N N 340 
TRP HD1  H N N 341 
TRP HE1  H N N 342 
TRP HE3  H N N 343 
TRP HZ2  H N N 344 
TRP HZ3  H N N 345 
TRP HH2  H N N 346 
TRP HXT  H N N 347 
TYR N    N N N 348 
TYR CA   C N S 349 
TYR C    C N N 350 
TYR O    O N N 351 
TYR CB   C N N 352 
TYR CG   C Y N 353 
TYR CD1  C Y N 354 
TYR CD2  C Y N 355 
TYR CE1  C Y N 356 
TYR CE2  C Y N 357 
TYR CZ   C Y N 358 
TYR OH   O N N 359 
TYR OXT  O N N 360 
TYR H    H N N 361 
TYR H2   H N N 362 
TYR HA   H N N 363 
TYR HB2  H N N 364 
TYR HB3  H N N 365 
TYR HD1  H N N 366 
TYR HD2  H N N 367 
TYR HE1  H N N 368 
TYR HE2  H N N 369 
TYR HH   H N N 370 
TYR HXT  H N N 371 
VAL N    N N N 372 
VAL CA   C N S 373 
VAL C    C N N 374 
VAL O    O N N 375 
VAL CB   C N N 376 
VAL CG1  C N N 377 
VAL CG2  C N N 378 
VAL OXT  O N N 379 
VAL H    H N N 380 
VAL H2   H N N 381 
VAL HA   H N N 382 
VAL HB   H N N 383 
VAL HG11 H N N 384 
VAL HG12 H N N 385 
VAL HG13 H N N 386 
VAL HG21 H N N 387 
VAL HG22 H N N 388 
VAL HG23 H N N 389 
VAL HXT  H N N 390 
# 
loop_
_chem_comp_bond.comp_id 
_chem_comp_bond.atom_id_1 
_chem_comp_bond.atom_id_2 
_chem_comp_bond.value_order 
_chem_comp_bond.pdbx_aromatic_flag 
_chem_comp_bond.pdbx_stereo_config 
_chem_comp_bond.pdbx_ordinal 
ALA N   CA   sing N N 1   
ALA N   H    sing N N 2   
ALA N   H2   sing N N 3   
ALA CA  C    sing N N 4   
ALA CA  CB   sing N N 5   
ALA CA  HA   sing N N 6   
ALA C   O    doub N N 7   
ALA C   OXT  sing N N 8   
ALA CB  HB1  sing N N 9   
ALA CB  HB2  sing N N 10  
ALA CB  HB3  sing N N 11  
ALA OXT HXT  sing N N 12  
ARG N   CA   sing N N 13  
ARG N   H    sing N N 14  
ARG N   H2   sing N N 15  
ARG CA  C    sing N N 16  
ARG CA  CB   sing N N 17  
ARG CA  HA   sing N N 18  
ARG C   O    doub N N 19  
ARG C   OXT  sing N N 20  
ARG CB  CG   sing N N 21  
ARG CB  HB2  sing N N 22  
ARG CB  HB3  sing N N 23  
ARG CG  CD   sing N N 24  
ARG CG  HG2  sing N N 25  
ARG CG  HG3  sing N N 26  
ARG CD  NE   sing N N 27  
ARG CD  HD2  sing N N 28  
ARG CD  HD3  sing N N 29  
ARG NE  CZ   sing N N 30  
ARG NE  HE   sing N N 31  
ARG CZ  NH1  sing N N 32  
ARG CZ  NH2  doub N N 33  
ARG NH1 HH11 sing N N 34  
ARG NH1 HH12 sing N N 35  
ARG NH2 HH21 sing N N 36  
ARG NH2 HH22 sing N N 37  
ARG OXT HXT  sing N N 38  
ASN N   CA   sing N N 39  
ASN N   H    sing N N 40  
ASN N   H2   sing N N 41  
ASN CA  C    sing N N 42  
ASN CA  CB   sing N N 43  
ASN CA  HA   sing N N 44  
ASN C   O    doub N N 45  
ASN C   OXT  sing N N 46  
ASN CB  CG   sing N N 47  
ASN CB  HB2  sing N N 48  
ASN CB  HB3  sing N N 49  
ASN CG  OD1  doub N N 50  
ASN CG  ND2  sing N N 51  
ASN ND2 HD21 sing N N 52  
ASN ND2 HD22 sing N N 53  
ASN OXT HXT  sing N N 54  
ASP N   CA   sing N N 55  
ASP N   H    sing N N 56  
ASP N   H2   sing N N 57  
ASP CA  C    sing N N 58  
ASP CA  CB   sing N N 59  
ASP CA  HA   sing N N 60  
ASP C   O    doub N N 61  
ASP C   OXT  sing N N 62  
ASP CB  CG   sing N N 63  
ASP CB  HB2  sing N N 64  
ASP CB  HB3  sing N N 65  
ASP CG  OD1  doub N N 66  
ASP CG  OD2  sing N N 67  
ASP OD2 HD2  sing N N 68  
ASP OXT HXT  sing N N 69  
CYS N   CA   sing N N 70  
CYS N   H    sing N N 71  
CYS N   H2   sing N N 72  
CYS CA  C    sing N N 73  
CYS CA  CB   sing N N 74  
CYS CA  HA   sing N N 75  
CYS C   O    doub N N 76  
CYS C   OXT  sing N N 77  
CYS CB  SG   sing N N 78  
CYS CB  HB2  sing N N 79  
CYS CB  HB3  sing N N 80  
CYS SG  HG   sing N N 81  
CYS OXT HXT  sing N N 82  
GLN N   CA   sing N N 83  
GLN N   H    sing N N 84  
GLN N   H2   sing N N 85  
GLN CA  C    sing N N 86  
GLN CA  CB   sing N N 87  
GLN CA  HA   sing N N 88  
GLN C   O    doub N N 89  
GLN C   OXT  sing N N 90  
GLN CB  CG   sing N N 91  
GLN CB  HB2  sing N N 92  
GLN CB  HB3  sing N N 93  
GLN CG  CD   sing N N 94  
GLN CG  HG2  sing N N 95  
GLN CG  HG3  sing N N 96  
GLN CD  OE1  doub N N 97  
GLN CD  NE2  sing N N 98  
GLN NE2 HE21 sing N N 99  
GLN NE2 HE22 sing N N 100 
GLN OXT HXT  sing N N 101 
GLU N   CA   sing N N 102 
GLU N   H    sing N N 103 
GLU N   H2   sing N N 104 
GLU CA  C    sing N N 105 
GLU CA  CB   sing N N 106 
GLU CA  HA   sing N N 107 
GLU C   O    doub N N 108 
GLU C   OXT  sing N N 109 
GLU CB  CG   sing N N 110 
GLU CB  HB2  sing N N 111 
GLU CB  HB3  sing N N 112 
GLU CG  CD   sing N N 113 
GLU CG  HG2  sing N N 114 
GLU CG  HG3  sing N N 115 
GLU CD  OE1  doub N N 116 
GLU CD  OE2  sing N N 117 
GLU OE2 HE2  sing N N 118 
GLU OXT HXT  sing N N 119 
GLY N   CA   sing N N 120 
GLY N   H    sing N N 121 
GLY N   H2   sing N N 122 
GLY CA  C    sing N N 123 
GLY CA  HA2  sing N N 124 
GLY CA  HA3  sing N N 125 
GLY C   O    doub N N 126 
GLY C   OXT  sing N N 127 
GLY OXT HXT  sing N N 128 
HIS N   CA   sing N N 129 
HIS N   H    sing N N 130 
HIS N   H2   sing N N 131 
HIS CA  C    sing N N 132 
HIS CA  CB   sing N N 133 
HIS CA  HA   sing N N 134 
HIS C   O    doub N N 135 
HIS C   OXT  sing N N 136 
HIS CB  CG   sing N N 137 
HIS CB  HB2  sing N N 138 
HIS CB  HB3  sing N N 139 
HIS CG  ND1  sing Y N 140 
HIS CG  CD2  doub Y N 141 
HIS ND1 CE1  doub Y N 142 
HIS ND1 HD1  sing N N 143 
HIS CD2 NE2  sing Y N 144 
HIS CD2 HD2  sing N N 145 
HIS CE1 NE2  sing Y N 146 
HIS CE1 HE1  sing N N 147 
HIS NE2 HE2  sing N N 148 
HIS OXT HXT  sing N N 149 
HOH O   H1   sing N N 150 
HOH O   H2   sing N N 151 
ILE N   CA   sing N N 152 
ILE N   H    sing N N 153 
ILE N   H2   sing N N 154 
ILE CA  C    sing N N 155 
ILE CA  CB   sing N N 156 
ILE CA  HA   sing N N 157 
ILE C   O    doub N N 158 
ILE C   OXT  sing N N 159 
ILE CB  CG1  sing N N 160 
ILE CB  CG2  sing N N 161 
ILE CB  HB   sing N N 162 
ILE CG1 CD1  sing N N 163 
ILE CG1 HG12 sing N N 164 
ILE CG1 HG13 sing N N 165 
ILE CG2 HG21 sing N N 166 
ILE CG2 HG22 sing N N 167 
ILE CG2 HG23 sing N N 168 
ILE CD1 HD11 sing N N 169 
ILE CD1 HD12 sing N N 170 
ILE CD1 HD13 sing N N 171 
ILE OXT HXT  sing N N 172 
LEU N   CA   sing N N 173 
LEU N   H    sing N N 174 
LEU N   H2   sing N N 175 
LEU CA  C    sing N N 176 
LEU CA  CB   sing N N 177 
LEU CA  HA   sing N N 178 
LEU C   O    doub N N 179 
LEU C   OXT  sing N N 180 
LEU CB  CG   sing N N 181 
LEU CB  HB2  sing N N 182 
LEU CB  HB3  sing N N 183 
LEU CG  CD1  sing N N 184 
LEU CG  CD2  sing N N 185 
LEU CG  HG   sing N N 186 
LEU CD1 HD11 sing N N 187 
LEU CD1 HD12 sing N N 188 
LEU CD1 HD13 sing N N 189 
LEU CD2 HD21 sing N N 190 
LEU CD2 HD22 sing N N 191 
LEU CD2 HD23 sing N N 192 
LEU OXT HXT  sing N N 193 
LYS N   CA   sing N N 194 
LYS N   H    sing N N 195 
LYS N   H2   sing N N 196 
LYS CA  C    sing N N 197 
LYS CA  CB   sing N N 198 
LYS CA  HA   sing N N 199 
LYS C   O    doub N N 200 
LYS C   OXT  sing N N 201 
LYS CB  CG   sing N N 202 
LYS CB  HB2  sing N N 203 
LYS CB  HB3  sing N N 204 
LYS CG  CD   sing N N 205 
LYS CG  HG2  sing N N 206 
LYS CG  HG3  sing N N 207 
LYS CD  CE   sing N N 208 
LYS CD  HD2  sing N N 209 
LYS CD  HD3  sing N N 210 
LYS CE  NZ   sing N N 211 
LYS CE  HE2  sing N N 212 
LYS CE  HE3  sing N N 213 
LYS NZ  HZ1  sing N N 214 
LYS NZ  HZ2  sing N N 215 
LYS NZ  HZ3  sing N N 216 
LYS OXT HXT  sing N N 217 
MET N   CA   sing N N 218 
MET N   H    sing N N 219 
MET N   H2   sing N N 220 
MET CA  C    sing N N 221 
MET CA  CB   sing N N 222 
MET CA  HA   sing N N 223 
MET C   O    doub N N 224 
MET C   OXT  sing N N 225 
MET CB  CG   sing N N 226 
MET CB  HB2  sing N N 227 
MET CB  HB3  sing N N 228 
MET CG  SD   sing N N 229 
MET CG  HG2  sing N N 230 
MET CG  HG3  sing N N 231 
MET SD  CE   sing N N 232 
MET CE  HE1  sing N N 233 
MET CE  HE2  sing N N 234 
MET CE  HE3  sing N N 235 
MET OXT HXT  sing N N 236 
PHE N   CA   sing N N 237 
PHE N   H    sing N N 238 
PHE N   H2   sing N N 239 
PHE CA  C    sing N N 240 
PHE CA  CB   sing N N 241 
PHE CA  HA   sing N N 242 
PHE C   O    doub N N 243 
PHE C   OXT  sing N N 244 
PHE CB  CG   sing N N 245 
PHE CB  HB2  sing N N 246 
PHE CB  HB3  sing N N 247 
PHE CG  CD1  doub Y N 248 
PHE CG  CD2  sing Y N 249 
PHE CD1 CE1  sing Y N 250 
PHE CD1 HD1  sing N N 251 
PHE CD2 CE2  doub Y N 252 
PHE CD2 HD2  sing N N 253 
PHE CE1 CZ   doub Y N 254 
PHE CE1 HE1  sing N N 255 
PHE CE2 CZ   sing Y N 256 
PHE CE2 HE2  sing N N 257 
PHE CZ  HZ   sing N N 258 
PHE OXT HXT  sing N N 259 
PRO N   CA   sing N N 260 
PRO N   CD   sing N N 261 
PRO N   H    sing N N 262 
PRO CA  C    sing N N 263 
PRO CA  CB   sing N N 264 
PRO CA  HA   sing N N 265 
PRO C   O    doub N N 266 
PRO C   OXT  sing N N 267 
PRO CB  CG   sing N N 268 
PRO CB  HB2  sing N N 269 
PRO CB  HB3  sing N N 270 
PRO CG  CD   sing N N 271 
PRO CG  HG2  sing N N 272 
PRO CG  HG3  sing N N 273 
PRO CD  HD2  sing N N 274 
PRO CD  HD3  sing N N 275 
PRO OXT HXT  sing N N 276 
SER N   CA   sing N N 277 
SER N   H    sing N N 278 
SER N   H2   sing N N 279 
SER CA  C    sing N N 280 
SER CA  CB   sing N N 281 
SER CA  HA   sing N N 282 
SER C   O    doub N N 283 
SER C   OXT  sing N N 284 
SER CB  OG   sing N N 285 
SER CB  HB2  sing N N 286 
SER CB  HB3  sing N N 287 
SER OG  HG   sing N N 288 
SER OXT HXT  sing N N 289 
THR N   CA   sing N N 290 
THR N   H    sing N N 291 
THR N   H2   sing N N 292 
THR CA  C    sing N N 293 
THR CA  CB   sing N N 294 
THR CA  HA   sing N N 295 
THR C   O    doub N N 296 
THR C   OXT  sing N N 297 
THR CB  OG1  sing N N 298 
THR CB  CG2  sing N N 299 
THR CB  HB   sing N N 300 
THR OG1 HG1  sing N N 301 
THR CG2 HG21 sing N N 302 
THR CG2 HG22 sing N N 303 
THR CG2 HG23 sing N N 304 
THR OXT HXT  sing N N 305 
TRP N   CA   sing N N 306 
TRP N   H    sing N N 307 
TRP N   H2   sing N N 308 
TRP CA  C    sing N N 309 
TRP CA  CB   sing N N 310 
TRP CA  HA   sing N N 311 
TRP C   O    doub N N 312 
TRP C   OXT  sing N N 313 
TRP CB  CG   sing N N 314 
TRP CB  HB2  sing N N 315 
TRP CB  HB3  sing N N 316 
TRP CG  CD1  doub Y N 317 
TRP CG  CD2  sing Y N 318 
TRP CD1 NE1  sing Y N 319 
TRP CD1 HD1  sing N N 320 
TRP CD2 CE2  doub Y N 321 
TRP CD2 CE3  sing Y N 322 
TRP NE1 CE2  sing Y N 323 
TRP NE1 HE1  sing N N 324 
TRP CE2 CZ2  sing Y N 325 
TRP CE3 CZ3  doub Y N 326 
TRP CE3 HE3  sing N N 327 
TRP CZ2 CH2  doub Y N 328 
TRP CZ2 HZ2  sing N N 329 
TRP CZ3 CH2  sing Y N 330 
TRP CZ3 HZ3  sing N N 331 
TRP CH2 HH2  sing N N 332 
TRP OXT HXT  sing N N 333 
TYR N   CA   sing N N 334 
TYR N   H    sing N N 335 
TYR N   H2   sing N N 336 
TYR CA  C    sing N N 337 
TYR CA  CB   sing N N 338 
TYR CA  HA   sing N N 339 
TYR C   O    doub N N 340 
TYR C   OXT  sing N N 341 
TYR CB  CG   sing N N 342 
TYR CB  HB2  sing N N 343 
TYR CB  HB3  sing N N 344 
TYR CG  CD1  doub Y N 345 
TYR CG  CD2  sing Y N 346 
TYR CD1 CE1  sing Y N 347 
TYR CD1 HD1  sing N N 348 
TYR CD2 CE2  doub Y N 349 
TYR CD2 HD2  sing N N 350 
TYR CE1 CZ   doub Y N 351 
TYR CE1 HE1  sing N N 352 
TYR CE2 CZ   sing Y N 353 
TYR CE2 HE2  sing N N 354 
TYR CZ  OH   sing N N 355 
TYR OH  HH   sing N N 356 
TYR OXT HXT  sing N N 357 
VAL N   CA   sing N N 358 
VAL N   H    sing N N 359 
VAL N   H2   sing N N 360 
VAL CA  C    sing N N 361 
VAL CA  CB   sing N N 362 
VAL CA  HA   sing N N 363 
VAL C   O    doub N N 364 
VAL C   OXT  sing N N 365 
VAL CB  CG1  sing N N 366 
VAL CB  CG2  sing N N 367 
VAL CB  HB   sing N N 368 
VAL CG1 HG11 sing N N 369 
VAL CG1 HG12 sing N N 370 
VAL CG1 HG13 sing N N 371 
VAL CG2 HG21 sing N N 372 
VAL CG2 HG22 sing N N 373 
VAL CG2 HG23 sing N N 374 
VAL OXT HXT  sing N N 375 
# 
_atom_sites.entry_id                    1M5I 
_atom_sites.fract_transf_matrix[1][1]   -0.02247582 
_atom_sites.fract_transf_matrix[1][2]   -0.00746239 
_atom_sites.fract_transf_matrix[1][3]   0.00824500 
_atom_sites.fract_transf_matrix[2][1]   -0.00836099 
_atom_sites.fract_transf_matrix[2][2]   0.00773349 
_atom_sites.fract_transf_matrix[2][3]   0.02234151 
_atom_sites.fract_transf_matrix[3][1]   -0.00373533 
_atom_sites.fract_transf_matrix[3][2]   0.00702076 
_atom_sites.fract_transf_matrix[3][3]   -0.00382812 
_atom_sites.fract_transf_vector[1]      0.164486 
_atom_sites.fract_transf_vector[2]      0.210360 
_atom_sites.fract_transf_vector[3]      0.290605 
# 
loop_
_atom_type.symbol 
C 
N 
O 
S 
# 
loop_
_atom_site.group_PDB 
_atom_site.id 
_atom_site.type_symbol 
_atom_site.label_atom_id 
_atom_site.label_alt_id 
_atom_site.label_comp_id 
_atom_site.label_asym_id 
_atom_site.label_entity_id 
_atom_site.label_seq_id 
_atom_site.pdbx_PDB_ins_code 
_atom_site.Cartn_x 
_atom_site.Cartn_y 
_atom_site.Cartn_z 
_atom_site.occupancy 
_atom_site.B_iso_or_equiv 
_atom_site.pdbx_formal_charge 
_atom_site.auth_seq_id 
_atom_site.auth_comp_id 
_atom_site.auth_asym_id 
_atom_site.auth_atom_id 
_atom_site.pdbx_PDB_model_num 
ATOM   1   N N   . SER A 1 5   ? 26.368  9.621   3.629   1.00 39.35 ? 130 SER A N   1 
ATOM   2   C CA  . SER A 1 5   ? 26.313  11.048  3.219   1.00 37.95 ? 130 SER A CA  1 
ATOM   3   C C   . SER A 1 5   ? 26.606  11.180  1.721   1.00 37.92 ? 130 SER A C   1 
ATOM   4   O O   . SER A 1 5   ? 25.923  11.931  1.023   1.00 37.31 ? 130 SER A O   1 
ATOM   5   C CB  . SER A 1 5   ? 27.325  11.859  4.034   1.00 39.75 ? 130 SER A CB  1 
ATOM   6   O OG  . SER A 1 5   ? 27.024  13.244  4.019   1.00 41.40 ? 130 SER A OG  1 
ATOM   7   N N   . THR A 1 6   ? 27.608  10.448  1.228   1.00 36.49 ? 131 THR A N   1 
ATOM   8   C CA  . THR A 1 6   ? 27.969  10.493  -0.196  1.00 35.78 ? 131 THR A CA  1 
ATOM   9   C C   . THR A 1 6   ? 28.040  9.083   -0.814  1.00 33.22 ? 131 THR A C   1 
ATOM   10  O O   . THR A 1 6   ? 28.061  8.078   -0.096  1.00 31.91 ? 131 THR A O   1 
ATOM   11  C CB  . THR A 1 6   ? 29.357  11.191  -0.415  1.00 38.84 ? 131 THR A CB  1 
ATOM   12  O OG1 . THR A 1 6   ? 29.382  12.457  0.261   1.00 41.47 ? 131 THR A OG1 1 
ATOM   13  C CG2 . THR A 1 6   ? 29.620  11.433  -1.912  1.00 39.06 ? 131 THR A CG2 1 
ATOM   14  N N   . GLY A 1 7   ? 28.063  9.032   -2.147  1.00 30.03 ? 132 GLY A N   1 
ATOM   15  C CA  . GLY A 1 7   ? 28.165  7.781   -2.877  1.00 28.28 ? 132 GLY A CA  1 
ATOM   16  C C   . GLY A 1 7   ? 27.096  6.724   -2.658  1.00 29.10 ? 132 GLY A C   1 
ATOM   17  O O   . GLY A 1 7   ? 25.897  7.017   -2.622  1.00 28.27 ? 132 GLY A O   1 
ATOM   18  N N   . TYR A 1 8   ? 27.542  5.476   -2.526  1.00 28.69 ? 133 TYR A N   1 
ATOM   19  C CA  . TYR A 1 8   ? 26.648  4.345   -2.312  1.00 27.85 ? 133 TYR A CA  1 
ATOM   20  C C   . TYR A 1 8   ? 25.802  4.526   -1.056  1.00 27.12 ? 133 TYR A C   1 
ATOM   21  O O   . TYR A 1 8   ? 24.637  4.146   -1.033  1.00 26.82 ? 133 TYR A O   1 
ATOM   22  C CB  . TYR A 1 8   ? 27.459  3.048   -2.203  1.00 28.21 ? 133 TYR A CB  1 
ATOM   23  C CG  . TYR A 1 8   ? 26.614  1.785   -2.219  1.00 31.24 ? 133 TYR A CG  1 
ATOM   24  C CD1 . TYR A 1 8   ? 25.575  1.636   -3.148  1.00 32.30 ? 133 TYR A CD1 1 
ATOM   25  C CD2 . TYR A 1 8   ? 26.897  0.710   -1.368  1.00 30.69 ? 133 TYR A CD2 1 
ATOM   26  C CE1 . TYR A 1 8   ? 24.846  0.455   -3.238  1.00 33.02 ? 133 TYR A CE1 1 
ATOM   27  C CE2 . TYR A 1 8   ? 26.171  -0.484  -1.454  1.00 32.34 ? 133 TYR A CE2 1 
ATOM   28  C CZ  . TYR A 1 8   ? 25.148  -0.601  -2.396  1.00 33.44 ? 133 TYR A CZ  1 
ATOM   29  O OH  . TYR A 1 8   ? 24.444  -1.775  -2.534  1.00 34.77 ? 133 TYR A OH  1 
ATOM   30  N N   . LEU A 1 9   ? 26.406  5.100   -0.016  1.00 27.58 ? 134 LEU A N   1 
ATOM   31  C CA  . LEU A 1 9   ? 25.740  5.348   1.263   1.00 27.86 ? 134 LEU A CA  1 
ATOM   32  C C   . LEU A 1 9   ? 24.541  6.286   1.078   1.00 27.50 ? 134 LEU A C   1 
ATOM   33  O O   . LEU A 1 9   ? 23.470  6.071   1.640   1.00 26.06 ? 134 LEU A O   1 
ATOM   34  C CB  . LEU A 1 9   ? 26.726  5.982   2.237   1.00 27.84 ? 134 LEU A CB  1 
ATOM   35  C CG  . LEU A 1 9   ? 26.256  6.090   3.682   1.00 29.90 ? 134 LEU A CG  1 
ATOM   36  C CD1 . LEU A 1 9   ? 26.134  4.697   4.313   1.00 31.97 ? 134 LEU A CD1 1 
ATOM   37  C CD2 . LEU A 1 9   ? 27.263  6.910   4.445   1.00 32.23 ? 134 LEU A CD2 1 
ATOM   38  N N   . GLU A 1 10  ? 24.762  7.338   0.299   1.00 27.91 ? 135 GLU A N   1 
ATOM   39  C CA  . GLU A 1 10  ? 23.747  8.329   -0.018  1.00 28.20 ? 135 GLU A CA  1 
ATOM   40  C C   . GLU A 1 10  ? 22.602  7.612   -0.726  1.00 26.75 ? 135 GLU A C   1 
ATOM   41  O O   . GLU A 1 10  ? 21.443  7.771   -0.363  1.00 25.77 ? 135 GLU A O   1 
ATOM   42  C CB  . GLU A 1 10  ? 24.355  9.371   -0.948  1.00 30.29 ? 135 GLU A CB  1 
ATOM   43  C CG  . GLU A 1 10  ? 23.421  10.454  -1.415  1.00 37.00 ? 135 GLU A CG  1 
ATOM   44  C CD  . GLU A 1 10  ? 23.868  11.039  -2.746  1.00 42.20 ? 135 GLU A CD  1 
ATOM   45  O OE1 . GLU A 1 10  ? 23.398  12.141  -3.109  1.00 46.03 ? 135 GLU A OE1 1 
ATOM   46  O OE2 . GLU A 1 10  ? 24.685  10.388  -3.441  1.00 46.52 ? 135 GLU A OE2 1 
ATOM   47  N N   . GLU A 1 11  ? 22.957  6.817   -1.738  1.00 26.46 ? 136 GLU A N   1 
ATOM   48  C CA  . GLU A 1 11  ? 22.004  6.041   -2.535  1.00 25.98 ? 136 GLU A CA  1 
ATOM   49  C C   . GLU A 1 11  ? 21.152  5.087   -1.695  1.00 25.83 ? 136 GLU A C   1 
ATOM   50  O O   . GLU A 1 11  ? 19.960  4.933   -1.962  1.00 26.24 ? 136 GLU A O   1 
ATOM   51  C CB  . GLU A 1 11  ? 22.744  5.224   -3.606  1.00 25.82 ? 136 GLU A CB  1 
ATOM   52  C CG  . GLU A 1 11  ? 23.203  6.000   -4.829  1.00 26.01 ? 136 GLU A CG  1 
ATOM   53  C CD  . GLU A 1 11  ? 24.140  5.180   -5.720  1.00 26.69 ? 136 GLU A CD  1 
ATOM   54  O OE1 . GLU A 1 11  ? 23.875  3.976   -5.937  1.00 25.68 ? 136 GLU A OE1 1 
ATOM   55  O OE2 . GLU A 1 11  ? 25.139  5.747   -6.210  1.00 27.39 ? 136 GLU A OE2 1 
ATOM   56  N N   . LEU A 1 12  ? 21.767  4.435   -0.705  1.00 24.29 ? 137 LEU A N   1 
ATOM   57  C CA  . LEU A 1 12  ? 21.064  3.502   0.182   1.00 24.77 ? 137 LEU A CA  1 
ATOM   58  C C   . LEU A 1 12  ? 20.059  4.248   1.063   1.00 24.45 ? 137 LEU A C   1 
ATOM   59  O O   . LEU A 1 12  ? 18.924  3.817   1.243   1.00 23.71 ? 137 LEU A O   1 
ATOM   60  C CB  . LEU A 1 12  ? 22.067  2.763   1.080   1.00 24.53 ? 137 LEU A CB  1 
ATOM   61  C CG  . LEU A 1 12  ? 22.897  1.616   0.499   1.00 24.64 ? 137 LEU A CG  1 
ATOM   62  C CD1 . LEU A 1 12  ? 23.996  1.248   1.491   1.00 23.30 ? 137 LEU A CD1 1 
ATOM   63  C CD2 . LEU A 1 12  ? 21.993  0.415   0.203   1.00 24.09 ? 137 LEU A CD2 1 
ATOM   64  N N   . GLU A 1 13  ? 20.492  5.370   1.618   1.00 25.32 ? 138 GLU A N   1 
ATOM   65  C CA  . GLU A 1 13  ? 19.627  6.175   2.457   1.00 27.03 ? 138 GLU A CA  1 
ATOM   66  C C   . GLU A 1 13  ? 18.458  6.696   1.633   1.00 25.15 ? 138 GLU A C   1 
ATOM   67  O O   . GLU A 1 13  ? 17.362  6.842   2.146   1.00 25.78 ? 138 GLU A O   1 
ATOM   68  C CB  . GLU A 1 13  ? 20.420  7.333   3.050   1.00 31.59 ? 138 GLU A CB  1 
ATOM   69  C CG  . GLU A 1 13  ? 21.658  6.866   3.790   1.00 37.83 ? 138 GLU A CG  1 
ATOM   70  C CD  . GLU A 1 13  ? 22.542  8.012   4.220   1.00 42.04 ? 138 GLU A CD  1 
ATOM   71  O OE1 . GLU A 1 13  ? 22.745  8.943   3.400   1.00 43.92 ? 138 GLU A OE1 1 
ATOM   72  O OE2 . GLU A 1 13  ? 23.036  7.971   5.371   1.00 43.97 ? 138 GLU A OE2 1 
ATOM   73  N N   . LYS A 1 14  ? 18.689  6.963   0.352   1.00 24.19 ? 139 LYS A N   1 
ATOM   74  C CA  . LYS A 1 14  ? 17.626  7.442   -0.518  1.00 23.82 ? 139 LYS A CA  1 
ATOM   75  C C   . LYS A 1 14  ? 16.692  6.310   -0.959  1.00 24.92 ? 139 LYS A C   1 
ATOM   76  O O   . LYS A 1 14  ? 15.519  6.538   -1.242  1.00 25.86 ? 139 LYS A O   1 
ATOM   77  C CB  . LYS A 1 14  ? 18.220  8.164   -1.733  1.00 24.53 ? 139 LYS A CB  1 
ATOM   78  C CG  . LYS A 1 14  ? 18.754  9.552   -1.391  1.00 24.42 ? 139 LYS A CG  1 
ATOM   79  C CD  . LYS A 1 14  ? 19.154  10.328  -2.624  1.00 29.23 ? 139 LYS A CD  1 
ATOM   80  C CE  . LYS A 1 14  ? 19.668  11.722  -2.251  1.00 32.09 ? 139 LYS A CE  1 
ATOM   81  N NZ  . LYS A 1 14  ? 18.661  12.540  -1.504  1.00 34.21 ? 139 LYS A NZ  1 
ATOM   82  N N   . GLU A 1 15  ? 17.212  5.088   -1.012  1.00 25.77 ? 140 GLU A N   1 
ATOM   83  C CA  . GLU A 1 15  ? 16.408  3.926   -1.384  1.00 24.93 ? 140 GLU A CA  1 
ATOM   84  C C   . GLU A 1 15  ? 15.487  3.639   -0.193  1.00 25.08 ? 140 GLU A C   1 
ATOM   85  O O   . GLU A 1 15  ? 14.304  3.312   -0.358  1.00 26.10 ? 140 GLU A O   1 
ATOM   86  C CB  . GLU A 1 15  ? 17.305  2.719   -1.638  1.00 24.38 ? 140 GLU A CB  1 
ATOM   87  C CG  . GLU A 1 15  ? 16.624  1.627   -2.418  1.00 27.87 ? 140 GLU A CG  1 
ATOM   88  C CD  . GLU A 1 15  ? 17.370  0.316   -2.344  1.00 31.73 ? 140 GLU A CD  1 
ATOM   89  O OE1 . GLU A 1 15  ? 18.622  0.342   -2.275  1.00 35.21 ? 140 GLU A OE1 1 
ATOM   90  O OE2 . GLU A 1 15  ? 16.704  -0.742  -2.364  1.00 32.96 ? 140 GLU A OE2 1 
ATOM   91  N N   . ARG A 1 16  ? 16.040  3.771   1.008   1.00 23.98 ? 141 ARG A N   1 
ATOM   92  C CA  . ARG A 1 16  ? 15.282  3.560   2.232   1.00 25.25 ? 141 ARG A CA  1 
ATOM   93  C C   . ARG A 1 16  ? 14.131  4.576   2.347   1.00 24.70 ? 141 ARG A C   1 
ATOM   94  O O   . ARG A 1 16  ? 13.029  4.219   2.764   1.00 25.07 ? 141 ARG A O   1 
ATOM   95  C CB  . ARG A 1 16  ? 16.211  3.674   3.447   1.00 26.03 ? 141 ARG A CB  1 
ATOM   96  C CG  . ARG A 1 16  ? 15.509  3.594   4.786   1.00 27.43 ? 141 ARG A CG  1 
ATOM   97  C CD  . ARG A 1 16  ? 16.515  3.632   5.907   1.00 30.83 ? 141 ARG A CD  1 
ATOM   98  N NE  . ARG A 1 16  ? 15.890  3.687   7.230   1.00 36.13 ? 141 ARG A NE  1 
ATOM   99  C CZ  . ARG A 1 16  ? 15.513  4.805   7.852   1.00 37.07 ? 141 ARG A CZ  1 
ATOM   100 N NH1 . ARG A 1 16  ? 15.688  5.995   7.285   1.00 36.75 ? 141 ARG A NH1 1 
ATOM   101 N NH2 . ARG A 1 16  ? 14.968  4.730   9.061   1.00 39.81 ? 141 ARG A NH2 1 
ATOM   102 N N   . SER A 1 17  ? 14.393  5.834   1.984   1.00 24.14 ? 142 SER A N   1 
ATOM   103 C CA  . SER A 1 17  ? 13.376  6.891   2.023   1.00 23.95 ? 142 SER A CA  1 
ATOM   104 C C   . SER A 1 17  ? 12.306  6.608   0.995   1.00 23.29 ? 142 SER A C   1 
ATOM   105 O O   . SER A 1 17  ? 11.132  6.901   1.206   1.00 24.06 ? 142 SER A O   1 
ATOM   106 C CB  . SER A 1 17  ? 13.987  8.249   1.704   1.00 24.48 ? 142 SER A CB  1 
ATOM   107 O OG  . SER A 1 17  ? 14.913  8.608   2.703   1.00 30.37 ? 142 SER A OG  1 
ATOM   108 N N   . LEU A 1 18  ? 12.740  6.051   -0.130  1.00 23.36 ? 143 LEU A N   1 
ATOM   109 C CA  . LEU A 1 18  ? 11.864  5.689   -1.228  1.00 23.33 ? 143 LEU A CA  1 
ATOM   110 C C   . LEU A 1 18  ? 10.948  4.545   -0.790  1.00 23.02 ? 143 LEU A C   1 
ATOM   111 O O   . LEU A 1 18  ? 9.734   4.627   -0.951  1.00 23.60 ? 143 LEU A O   1 
ATOM   112 C CB  . LEU A 1 18  ? 12.688  5.228   -2.432  1.00 23.95 ? 143 LEU A CB  1 
ATOM   113 C CG  . LEU A 1 18  ? 12.126  5.452   -3.835  1.00 25.88 ? 143 LEU A CG  1 
ATOM   114 C CD1 . LEU A 1 18  ? 12.581  4.301   -4.713  1.00 24.18 ? 143 LEU A CD1 1 
ATOM   115 C CD2 . LEU A 1 18  ? 10.593  5.552   -3.816  1.00 26.93 ? 143 LEU A CD2 1 
ATOM   116 N N   . LEU A 1 19  ? 11.532  3.485   -0.237  1.00 22.31 ? 144 LEU A N   1 
ATOM   117 C CA  . LEU A 1 19  ? 10.751  2.336   0.201   1.00 21.74 ? 144 LEU A CA  1 
ATOM   118 C C   . LEU A 1 19  ? 9.782   2.695   1.316   1.00 22.07 ? 144 LEU A C   1 
ATOM   119 O O   . LEU A 1 19  ? 8.681   2.170   1.363   1.00 23.89 ? 144 LEU A O   1 
ATOM   120 C CB  . LEU A 1 19  ? 11.678  1.196   0.640   1.00 21.95 ? 144 LEU A CB  1 
ATOM   121 C CG  . LEU A 1 19  ? 12.447  0.502   -0.491  1.00 21.51 ? 144 LEU A CG  1 
ATOM   122 C CD1 . LEU A 1 19  ? 13.423  -0.501  0.078   1.00 20.37 ? 144 LEU A CD1 1 
ATOM   123 C CD2 . LEU A 1 19  ? 11.474  -0.177  -1.425  1.00 22.10 ? 144 LEU A CD2 1 
ATOM   124 N N   . LEU A 1 20  ? 10.184  3.586   2.212   1.00 22.55 ? 145 LEU A N   1 
ATOM   125 C CA  . LEU A 1 20  ? 9.312   4.004   3.302   1.00 24.96 ? 145 LEU A CA  1 
ATOM   126 C C   . LEU A 1 20  ? 8.128   4.810   2.756   1.00 25.92 ? 145 LEU A C   1 
ATOM   127 O O   . LEU A 1 20  ? 7.030   4.790   3.323   1.00 25.52 ? 145 LEU A O   1 
ATOM   128 C CB  . LEU A 1 20  ? 10.096  4.836   4.328   1.00 25.84 ? 145 LEU A CB  1 
ATOM   129 C CG  . LEU A 1 20  ? 10.982  4.052   5.315   1.00 27.45 ? 145 LEU A CG  1 
ATOM   130 C CD1 . LEU A 1 20  ? 11.873  5.010   6.092   1.00 26.07 ? 145 LEU A CD1 1 
ATOM   131 C CD2 . LEU A 1 20  ? 10.101  3.233   6.269   1.00 24.64 ? 145 LEU A CD2 1 
ATOM   132 N N   . ALA A 1 21  ? 8.366   5.517   1.653   1.00 26.47 ? 146 ALA A N   1 
ATOM   133 C CA  . ALA A 1 21  ? 7.339   6.317   0.996   1.00 26.40 ? 146 ALA A CA  1 
ATOM   134 C C   . ALA A 1 21  ? 6.400   5.397   0.211   1.00 27.24 ? 146 ALA A C   1 
ATOM   135 O O   . ALA A 1 21  ? 5.245   5.743   -0.020  1.00 28.37 ? 146 ALA A O   1 
ATOM   136 C CB  . ALA A 1 21  ? 7.984   7.344   0.059   1.00 24.59 ? 146 ALA A CB  1 
ATOM   137 N N   . ASP A 1 22  ? 6.900   4.229   -0.193  1.00 29.26 ? 147 ASP A N   1 
ATOM   138 C CA  . ASP A 1 22  ? 6.104   3.246   -0.942  1.00 30.39 ? 147 ASP A CA  1 
ATOM   139 C C   . ASP A 1 22  ? 5.073   2.631   -0.022  1.00 28.33 ? 147 ASP A C   1 
ATOM   140 O O   . ASP A 1 22  ? 3.916   2.450   -0.400  1.00 28.12 ? 147 ASP A O   1 
ATOM   141 C CB  . ASP A 1 22  ? 6.967   2.094   -1.484  1.00 35.44 ? 147 ASP A CB  1 
ATOM   142 C CG  . ASP A 1 22  ? 8.024   2.549   -2.476  1.00 41.39 ? 147 ASP A CG  1 
ATOM   143 O OD1 . ASP A 1 22  ? 7.716   3.427   -3.311  1.00 45.93 ? 147 ASP A OD1 1 
ATOM   144 O OD2 . ASP A 1 22  ? 9.161   2.013   -2.432  1.00 44.70 ? 147 ASP A OD2 1 
ATOM   145 N N   . LEU A 1 23  ? 5.514   2.279   1.180   1.00 27.45 ? 148 LEU A N   1 
ATOM   146 C CA  . LEU A 1 23  ? 4.632   1.680   2.167   1.00 27.96 ? 148 LEU A CA  1 
ATOM   147 C C   . LEU A 1 23  ? 3.543   2.682   2.533   1.00 28.51 ? 148 LEU A C   1 
ATOM   148 O O   . LEU A 1 23  ? 2.359   2.346   2.551   1.00 29.23 ? 148 LEU A O   1 
ATOM   149 C CB  . LEU A 1 23  ? 5.410   1.296   3.426   1.00 28.32 ? 148 LEU A CB  1 
ATOM   150 C CG  . LEU A 1 23  ? 6.410   0.138   3.383   1.00 30.02 ? 148 LEU A CG  1 
ATOM   151 C CD1 . LEU A 1 23  ? 7.141   0.065   4.727   1.00 28.63 ? 148 LEU A CD1 1 
ATOM   152 C CD2 . LEU A 1 23  ? 5.689   -1.177  3.074   1.00 29.98 ? 148 LEU A CD2 1 
ATOM   153 N N   . ASP A 1 24  ? 3.947   3.914   2.818   1.00 27.84 ? 149 ASP A N   1 
ATOM   154 C CA  . ASP A 1 24  ? 2.999   4.954   3.181   1.00 29.08 ? 149 ASP A CA  1 
ATOM   155 C C   . ASP A 1 24  ? 1.968   5.208   2.070   1.00 28.67 ? 149 ASP A C   1 
ATOM   156 O O   . ASP A 1 24  ? 0.772   5.263   2.338   1.00 29.18 ? 149 ASP A O   1 
ATOM   157 C CB  . ASP A 1 24  ? 3.754   6.243   3.521   1.00 32.63 ? 149 ASP A CB  1 
ATOM   158 C CG  . ASP A 1 24  ? 2.867   7.290   4.192   1.00 37.17 ? 149 ASP A CG  1 
ATOM   159 O OD1 . ASP A 1 24  ? 2.226   6.966   5.222   1.00 39.36 ? 149 ASP A OD1 1 
ATOM   160 O OD2 . ASP A 1 24  ? 2.826   8.443   3.694   1.00 39.84 ? 149 ASP A OD2 1 
ATOM   161 N N   . LYS A 1 25  ? 2.425   5.355   0.830   1.00 28.18 ? 150 LYS A N   1 
ATOM   162 C CA  . LYS A 1 25  ? 1.512   5.589   -0.283  1.00 29.37 ? 150 LYS A CA  1 
ATOM   163 C C   . LYS A 1 25  ? 0.516   4.444   -0.495  1.00 29.25 ? 150 LYS A C   1 
ATOM   164 O O   . LYS A 1 25  ? -0.692  4.663   -0.621  1.00 28.01 ? 150 LYS A O   1 
ATOM   165 C CB  . LYS A 1 25  ? 2.286   5.811   -1.587  1.00 29.68 ? 150 LYS A CB  1 
ATOM   166 C CG  . LYS A 1 25  ? 1.369   5.905   -2.810  1.00 33.01 ? 150 LYS A CG  1 
ATOM   167 C CD  . LYS A 1 25  ? 2.137   6.124   -4.101  1.00 38.90 ? 150 LYS A CD  1 
ATOM   168 C CE  . LYS A 1 25  ? 1.262   5.864   -5.330  1.00 41.66 ? 150 LYS A CE  1 
ATOM   169 N NZ  . LYS A 1 25  ? 1.976   6.203   -6.607  1.00 46.15 ? 150 LYS A NZ  1 
ATOM   170 N N   . GLU A 1 26  ? 1.032   3.222   -0.543  1.00 30.26 ? 151 GLU A N   1 
ATOM   171 C CA  . GLU A 1 26  ? 0.191   2.064   -0.758  1.00 30.02 ? 151 GLU A CA  1 
ATOM   172 C C   . GLU A 1 26  ? -0.854  1.900   0.325   1.00 29.30 ? 151 GLU A C   1 
ATOM   173 O O   . GLU A 1 26  ? -1.968  1.483   0.050   1.00 29.70 ? 151 GLU A O   1 
ATOM   174 C CB  . GLU A 1 26  ? 1.047   0.818   -0.840  1.00 33.14 ? 151 GLU A CB  1 
ATOM   175 C CG  . GLU A 1 26  ? 0.253   -0.420  -1.154  1.00 39.92 ? 151 GLU A CG  1 
ATOM   176 C CD  . GLU A 1 26  ? 1.074   -1.425  -1.930  1.00 43.61 ? 151 GLU A CD  1 
ATOM   177 O OE1 . GLU A 1 26  ? 1.540   -1.063  -3.033  1.00 44.41 ? 151 GLU A OE1 1 
ATOM   178 O OE2 . GLU A 1 26  ? 1.256   -2.565  -1.436  1.00 47.42 ? 151 GLU A OE2 1 
ATOM   179 N N   . GLU A 1 27  ? -0.494  2.236   1.554   1.00 28.59 ? 152 GLU A N   1 
ATOM   180 C CA  . GLU A 1 27  ? -1.409  2.117   2.669   1.00 29.22 ? 152 GLU A CA  1 
ATOM   181 C C   . GLU A 1 27  ? -2.524  3.149   2.619   1.00 28.85 ? 152 GLU A C   1 
ATOM   182 O O   . GLU A 1 27  ? -3.638  2.870   3.061   1.00 28.43 ? 152 GLU A O   1 
ATOM   183 C CB  . GLU A 1 27  ? -0.634  2.221   3.977   1.00 33.60 ? 152 GLU A CB  1 
ATOM   184 C CG  . GLU A 1 27  ? -0.294  0.853   4.605   1.00 40.53 ? 152 GLU A CG  1 
ATOM   185 C CD  . GLU A 1 27  ? 0.202   -0.206  3.597   1.00 43.90 ? 152 GLU A CD  1 
ATOM   186 O OE1 . GLU A 1 27  ? 1.327   -0.082  3.049   1.00 45.87 ? 152 GLU A OE1 1 
ATOM   187 O OE2 . GLU A 1 27  ? -0.546  -1.178  3.355   1.00 44.33 ? 152 GLU A OE2 1 
ATOM   188 N N   . LYS A 1 28  ? -2.233  4.330   2.073   1.00 27.95 ? 153 LYS A N   1 
ATOM   189 C CA  . LYS A 1 28  ? -3.228  5.399   1.943   1.00 26.74 ? 153 LYS A CA  1 
ATOM   190 C C   . LYS A 1 28  ? -4.079  5.107   0.726   1.00 27.09 ? 153 LYS A C   1 
ATOM   191 O O   . LYS A 1 28  ? -5.227  5.532   0.610   1.00 25.41 ? 153 LYS A O   1 
ATOM   192 C CB  . LYS A 1 28  ? -2.538  6.747   1.775   1.00 25.73 ? 153 LYS A CB  1 
ATOM   193 C CG  . LYS A 1 28  ? -1.838  7.216   3.031   1.00 25.99 ? 153 LYS A CG  1 
ATOM   194 C CD  . LYS A 1 28  ? -1.090  8.480   2.759   1.00 28.51 ? 153 LYS A CD  1 
ATOM   195 C CE  . LYS A 1 28  ? -0.477  9.032   4.024   1.00 31.88 ? 153 LYS A CE  1 
ATOM   196 N NZ  . LYS A 1 28  ? 0.449   10.178  3.719   1.00 34.88 ? 153 LYS A NZ  1 
ATOM   197 N N   . GLU A 1 29  ? -3.487  4.367   -0.193  1.00 30.28 ? 154 GLU A N   1 
ATOM   198 C CA  . GLU A 1 29  ? -4.174  3.986   -1.404  1.00 34.09 ? 154 GLU A CA  1 
ATOM   199 C C   . GLU A 1 29  ? -5.219  2.943   -1.017  1.00 33.89 ? 154 GLU A C   1 
ATOM   200 O O   . GLU A 1 29  ? -6.308  2.899   -1.598  1.00 34.70 ? 154 GLU A O   1 
ATOM   201 C CB  . GLU A 1 29  ? -3.175  3.404   -2.403  1.00 37.04 ? 154 GLU A CB  1 
ATOM   202 C CG  . GLU A 1 29  ? -3.664  3.430   -3.827  1.00 43.72 ? 154 GLU A CG  1 
ATOM   203 C CD  . GLU A 1 29  ? -2.550  3.155   -4.815  1.00 49.30 ? 154 GLU A CD  1 
ATOM   204 O OE1 . GLU A 1 29  ? -2.790  3.303   -6.038  1.00 52.82 ? 154 GLU A OE1 1 
ATOM   205 O OE2 . GLU A 1 29  ? -1.435  2.790   -4.368  1.00 50.56 ? 154 GLU A OE2 1 
ATOM   206 N N   . LYS A 1 30  ? -4.879  2.110   -0.034  1.00 31.43 ? 155 LYS A N   1 
ATOM   207 C CA  . LYS A 1 30  ? -5.794  1.088   0.451   1.00 30.92 ? 155 LYS A CA  1 
ATOM   208 C C   . LYS A 1 30  ? -6.894  1.694   1.304   1.00 28.90 ? 155 LYS A C   1 
ATOM   209 O O   . LYS A 1 30  ? -8.032  1.265   1.210   1.00 27.01 ? 155 LYS A O   1 
ATOM   210 C CB  . LYS A 1 30  ? -5.053  0.035   1.262   1.00 33.03 ? 155 LYS A CB  1 
ATOM   211 C CG  . LYS A 1 30  ? -4.552  -1.119  0.428   1.00 38.67 ? 155 LYS A CG  1 
ATOM   212 C CD  . LYS A 1 30  ? -3.821  -2.133  1.291   1.00 43.09 ? 155 LYS A CD  1 
ATOM   213 C CE  . LYS A 1 30  ? -4.679  -2.573  2.470   1.00 46.89 ? 155 LYS A CE  1 
ATOM   214 N NZ  . LYS A 1 30  ? -3.995  -3.605  3.309   1.00 50.69 ? 155 LYS A NZ  1 
ATOM   215 N N   . ASP A 1 31  ? -6.557  2.673   2.144   1.00 29.23 ? 156 ASP A N   1 
ATOM   216 C CA  . ASP A 1 31  ? -7.565  3.330   2.977   1.00 30.27 ? 156 ASP A CA  1 
ATOM   217 C C   . ASP A 1 31  ? -8.571  3.990   2.064   1.00 29.71 ? 156 ASP A C   1 
ATOM   218 O O   . ASP A 1 31  ? -9.753  4.019   2.363   1.00 31.49 ? 156 ASP A O   1 
ATOM   219 C CB  . ASP A 1 31  ? -6.988  4.441   3.850   1.00 33.11 ? 156 ASP A CB  1 
ATOM   220 C CG  . ASP A 1 31  ? -6.124  3.930   4.966   1.00 40.26 ? 156 ASP A CG  1 
ATOM   221 O OD1 . ASP A 1 31  ? -6.292  2.758   5.385   1.00 43.53 ? 156 ASP A OD1 1 
ATOM   222 O OD2 . ASP A 1 31  ? -5.279  4.725   5.438   1.00 43.24 ? 156 ASP A OD2 1 
ATOM   223 N N   . TRP A 1 32  ? -8.086  4.551   0.963   1.00 28.98 ? 157 TRP A N   1 
ATOM   224 C CA  . TRP A 1 32  ? -8.956  5.224   0.012   1.00 28.22 ? 157 TRP A CA  1 
ATOM   225 C C   . TRP A 1 32  ? -9.938  4.241   -0.617  1.00 27.66 ? 157 TRP A C   1 
ATOM   226 O O   . TRP A 1 32  ? -11.146 4.446   -0.561  1.00 27.65 ? 157 TRP A O   1 
ATOM   227 C CB  . TRP A 1 32  ? -8.119  5.921   -1.062  1.00 27.78 ? 157 TRP A CB  1 
ATOM   228 C CG  . TRP A 1 32  ? -8.930  6.674   -2.061  1.00 27.82 ? 157 TRP A CG  1 
ATOM   229 C CD1 . TRP A 1 32  ? -9.906  7.600   -1.806  1.00 28.43 ? 157 TRP A CD1 1 
ATOM   230 C CD2 . TRP A 1 32  ? -8.838  6.569   -3.483  1.00 29.20 ? 157 TRP A CD2 1 
ATOM   231 N NE1 . TRP A 1 32  ? -10.427 8.077   -2.983  1.00 28.92 ? 157 TRP A NE1 1 
ATOM   232 C CE2 . TRP A 1 32  ? -9.791  7.463   -4.030  1.00 28.94 ? 157 TRP A CE2 1 
ATOM   233 C CE3 . TRP A 1 32  ? -8.045  5.805   -4.352  1.00 29.55 ? 157 TRP A CE3 1 
ATOM   234 C CZ2 . TRP A 1 32  ? -9.971  7.615   -5.410  1.00 30.60 ? 157 TRP A CZ2 1 
ATOM   235 C CZ3 . TRP A 1 32  ? -8.222  5.953   -5.724  1.00 32.15 ? 157 TRP A CZ3 1 
ATOM   236 C CH2 . TRP A 1 32  ? -9.180  6.854   -6.240  1.00 31.75 ? 157 TRP A CH2 1 
ATOM   237 N N   . TYR A 1 33  ? -9.424  3.169   -1.203  1.00 28.25 ? 158 TYR A N   1 
ATOM   238 C CA  . TYR A 1 33  ? -10.281 2.163   -1.818  1.00 29.82 ? 158 TYR A CA  1 
ATOM   239 C C   . TYR A 1 33  ? -11.278 1.544   -0.845  1.00 30.38 ? 158 TYR A C   1 
ATOM   240 O O   . TYR A 1 33  ? -12.414 1.259   -1.220  1.00 30.15 ? 158 TYR A O   1 
ATOM   241 C CB  . TYR A 1 33  ? -9.437  1.054   -2.434  1.00 31.61 ? 158 TYR A CB  1 
ATOM   242 C CG  . TYR A 1 33  ? -8.818  1.435   -3.756  1.00 35.77 ? 158 TYR A CG  1 
ATOM   243 C CD1 . TYR A 1 33  ? -7.430  1.417   -3.934  1.00 36.37 ? 158 TYR A CD1 1 
ATOM   244 C CD2 . TYR A 1 33  ? -9.621  1.808   -4.838  1.00 36.86 ? 158 TYR A CD2 1 
ATOM   245 C CE1 . TYR A 1 33  ? -6.860  1.762   -5.158  1.00 36.88 ? 158 TYR A CE1 1 
ATOM   246 C CE2 . TYR A 1 33  ? -9.058  2.151   -6.066  1.00 38.18 ? 158 TYR A CE2 1 
ATOM   247 C CZ  . TYR A 1 33  ? -7.682  2.125   -6.216  1.00 37.44 ? 158 TYR A CZ  1 
ATOM   248 O OH  . TYR A 1 33  ? -7.135  2.451   -7.432  1.00 40.63 ? 158 TYR A OH  1 
ATOM   249 N N   . TYR A 1 34  ? -10.858 1.339   0.401   1.00 31.63 ? 159 TYR A N   1 
ATOM   250 C CA  . TYR A 1 34  ? -11.723 0.736   1.411   1.00 32.11 ? 159 TYR A CA  1 
ATOM   251 C C   . TYR A 1 34  ? -12.770 1.685   1.967   1.00 31.00 ? 159 TYR A C   1 
ATOM   252 O O   . TYR A 1 34  ? -13.869 1.262   2.316   1.00 31.12 ? 159 TYR A O   1 
ATOM   253 C CB  . TYR A 1 34  ? -10.875 0.127   2.534   1.00 36.06 ? 159 TYR A CB  1 
ATOM   254 C CG  . TYR A 1 34  ? -10.181 -1.154  2.101   1.00 42.61 ? 159 TYR A CG  1 
ATOM   255 C CD1 . TYR A 1 34  ? -9.166  -1.728  2.865   1.00 45.66 ? 159 TYR A CD1 1 
ATOM   256 C CD2 . TYR A 1 34  ? -10.552 -1.798  0.911   1.00 46.71 ? 159 TYR A CD2 1 
ATOM   257 C CE1 . TYR A 1 34  ? -8.530  -2.919  2.451   1.00 49.22 ? 159 TYR A CE1 1 
ATOM   258 C CE2 . TYR A 1 34  ? -9.930  -2.981  0.492   1.00 49.07 ? 159 TYR A CE2 1 
ATOM   259 C CZ  . TYR A 1 34  ? -8.922  -3.539  1.261   1.00 50.36 ? 159 TYR A CZ  1 
ATOM   260 O OH  . TYR A 1 34  ? -8.322  -4.714  0.835   1.00 52.87 ? 159 TYR A OH  1 
ATOM   261 N N   . ALA A 1 35  ? -12.440 2.968   2.045   1.00 29.82 ? 160 ALA A N   1 
ATOM   262 C CA  . ALA A 1 35  ? -13.398 3.942   2.533   1.00 28.61 ? 160 ALA A CA  1 
ATOM   263 C C   . ALA A 1 35  ? -14.553 3.923   1.540   1.00 28.45 ? 160 ALA A C   1 
ATOM   264 O O   . ALA A 1 35  ? -15.714 3.946   1.930   1.00 28.86 ? 160 ALA A O   1 
ATOM   265 C CB  . ALA A 1 35  ? -12.774 5.312   2.581   1.00 28.36 ? 160 ALA A CB  1 
ATOM   266 N N   . GLN A 1 36  ? -14.215 3.875   0.253   1.00 27.40 ? 161 GLN A N   1 
ATOM   267 C CA  . GLN A 1 36  ? -15.206 3.834   -0.814  1.00 26.73 ? 161 GLN A CA  1 
ATOM   268 C C   . GLN A 1 36  ? -16.108 2.614   -0.697  1.00 27.39 ? 161 GLN A C   1 
ATOM   269 O O   . GLN A 1 36  ? -17.326 2.723   -0.826  1.00 26.81 ? 161 GLN A O   1 
ATOM   270 C CB  . GLN A 1 36  ? -14.521 3.805   -2.180  1.00 24.57 ? 161 GLN A CB  1 
ATOM   271 C CG  . GLN A 1 36  ? -13.940 5.128   -2.604  1.00 24.72 ? 161 GLN A CG  1 
ATOM   272 C CD  . GLN A 1 36  ? -13.267 5.048   -3.947  1.00 25.22 ? 161 GLN A CD  1 
ATOM   273 O OE1 . GLN A 1 36  ? -12.191 4.471   -4.089  1.00 27.88 ? 161 GLN A OE1 1 
ATOM   274 N NE2 . GLN A 1 36  ? -13.899 5.622   -4.948  1.00 27.92 ? 161 GLN A NE2 1 
ATOM   275 N N   . LEU A 1 37  ? -15.503 1.453   -0.470  1.00 28.44 ? 162 LEU A N   1 
ATOM   276 C CA  . LEU A 1 37  ? -16.252 0.204   -0.350  1.00 30.79 ? 162 LEU A CA  1 
ATOM   277 C C   . LEU A 1 37  ? -17.139 0.185   0.896   1.00 32.22 ? 162 LEU A C   1 
ATOM   278 O O   . LEU A 1 37  ? -18.297 -0.233  0.835   1.00 32.74 ? 162 LEU A O   1 
ATOM   279 C CB  . LEU A 1 37  ? -15.287 -0.987  -0.328  1.00 29.73 ? 162 LEU A CB  1 
ATOM   280 C CG  . LEU A 1 37  ? -14.413 -1.138  -1.574  1.00 30.63 ? 162 LEU A CG  1 
ATOM   281 C CD1 . LEU A 1 37  ? -13.426 -2.285  -1.370  1.00 30.30 ? 162 LEU A CD1 1 
ATOM   282 C CD2 . LEU A 1 37  ? -15.294 -1.373  -2.793  1.00 29.90 ? 162 LEU A CD2 1 
ATOM   283 N N   . GLN A 1 38  ? -16.596 0.639   2.020   1.00 33.18 ? 163 GLN A N   1 
ATOM   284 C CA  . GLN A 1 38  ? -17.351 0.682   3.257   1.00 34.29 ? 163 GLN A CA  1 
ATOM   285 C C   . GLN A 1 38  ? -18.582 1.588   3.116   1.00 33.99 ? 163 GLN A C   1 
ATOM   286 O O   . GLN A 1 38  ? -19.670 1.219   3.550   1.00 34.29 ? 163 GLN A O   1 
ATOM   287 C CB  . GLN A 1 38  ? -16.446 1.154   4.399   1.00 37.73 ? 163 GLN A CB  1 
ATOM   288 C CG  . GLN A 1 38  ? -15.378 0.117   4.771   1.00 44.13 ? 163 GLN A CG  1 
ATOM   289 C CD  . GLN A 1 38  ? -14.115 0.727   5.392   1.00 47.39 ? 163 GLN A CD  1 
ATOM   290 O OE1 . GLN A 1 38  ? -13.137 0.016   5.685   1.00 46.58 ? 163 GLN A OE1 1 
ATOM   291 N NE2 . GLN A 1 38  ? -14.131 2.046   5.593   1.00 49.65 ? 163 GLN A NE2 1 
ATOM   292 N N   . ASN A 1 39  ? -18.419 2.758   2.499   1.00 32.86 ? 164 ASN A N   1 
ATOM   293 C CA  . ASN A 1 39  ? -19.539 3.677   2.311   1.00 32.00 ? 164 ASN A CA  1 
ATOM   294 C C   . ASN A 1 39  ? -20.629 3.122   1.418   1.00 32.02 ? 164 ASN A C   1 
ATOM   295 O O   . ASN A 1 39  ? -21.806 3.398   1.643   1.00 32.93 ? 164 ASN A O   1 
ATOM   296 C CB  . ASN A 1 39  ? -19.064 5.005   1.746   1.00 31.61 ? 164 ASN A CB  1 
ATOM   297 C CG  . ASN A 1 39  ? -18.243 5.768   2.734   1.00 32.16 ? 164 ASN A CG  1 
ATOM   298 O OD1 . ASN A 1 39  ? -18.349 5.529   3.939   1.00 33.31 ? 164 ASN A OD1 1 
ATOM   299 N ND2 . ASN A 1 39  ? -17.426 6.697   2.250   1.00 31.39 ? 164 ASN A ND2 1 
ATOM   300 N N   . LEU A 1 40  ? -20.244 2.371   0.391   1.00 31.37 ? 165 LEU A N   1 
ATOM   301 C CA  . LEU A 1 40  ? -21.226 1.754   -0.491  1.00 31.71 ? 165 LEU A CA  1 
ATOM   302 C C   . LEU A 1 40  ? -21.913 0.655   0.306   1.00 32.47 ? 165 LEU A C   1 
ATOM   303 O O   . LEU A 1 40  ? -23.081 0.363   0.088   1.00 33.85 ? 165 LEU A O   1 
ATOM   304 C CB  . LEU A 1 40  ? -20.558 1.140   -1.718  1.00 30.91 ? 165 LEU A CB  1 
ATOM   305 C CG  . LEU A 1 40  ? -20.195 2.073   -2.871  1.00 31.01 ? 165 LEU A CG  1 
ATOM   306 C CD1 . LEU A 1 40  ? -19.437 1.284   -3.921  1.00 28.74 ? 165 LEU A CD1 1 
ATOM   307 C CD2 . LEU A 1 40  ? -21.460 2.687   -3.465  1.00 30.50 ? 165 LEU A CD2 1 
ATOM   308 N N   . THR A 1 41  ? -21.175 0.045   1.229   1.00 33.48 ? 166 THR A N   1 
ATOM   309 C CA  . THR A 1 41  ? -21.715 -1.015  2.074   1.00 34.52 ? 166 THR A CA  1 
ATOM   310 C C   . THR A 1 41  ? -22.740 -0.444  3.038   1.00 35.09 ? 166 THR A C   1 
ATOM   311 O O   . THR A 1 41  ? -23.824 -0.988  3.188   1.00 34.64 ? 166 THR A O   1 
ATOM   312 C CB  . THR A 1 41  ? -20.597 -1.717  2.879   1.00 34.89 ? 166 THR A CB  1 
ATOM   313 O OG1 . THR A 1 41  ? -20.009 -2.745  2.074   1.00 35.63 ? 166 THR A OG1 1 
ATOM   314 C CG2 . THR A 1 41  ? -21.146 -2.326  4.162   1.00 35.08 ? 166 THR A CG2 1 
ATOM   315 N N   . LYS A 1 42  ? -22.380 0.653   3.692   1.00 35.91 ? 167 LYS A N   1 
ATOM   316 C CA  . LYS A 1 42  ? -23.263 1.314   4.636   1.00 38.31 ? 167 LYS A CA  1 
ATOM   317 C C   . LYS A 1 42  ? -24.500 1.804   3.905   1.00 39.45 ? 167 LYS A C   1 
ATOM   318 O O   . LYS A 1 42  ? -25.576 1.917   4.496   1.00 39.89 ? 167 LYS A O   1 
ATOM   319 C CB  . LYS A 1 42  ? -22.549 2.503   5.291   1.00 39.75 ? 167 LYS A CB  1 
ATOM   320 C CG  . LYS A 1 42  ? -21.487 2.107   6.309   1.00 42.03 ? 167 LYS A CG  1 
ATOM   321 C CD  . LYS A 1 42  ? -20.610 3.287   6.682   1.00 43.75 ? 167 LYS A CD  1 
ATOM   322 C CE  . LYS A 1 42  ? -21.429 4.450   7.196   1.00 44.68 ? 167 LYS A CE  1 
ATOM   323 N NZ  . LYS A 1 42  ? -20.551 5.626   7.450   1.00 47.58 ? 167 LYS A NZ  1 
ATOM   324 N N   . ARG A 1 43  ? -24.343 2.106   2.621   1.00 40.09 ? 168 ARG A N   1 
ATOM   325 C CA  . ARG A 1 43  ? -25.460 2.576   1.815   1.00 41.37 ? 168 ARG A CA  1 
ATOM   326 C C   . ARG A 1 43  ? -26.435 1.444   1.527   1.00 42.92 ? 168 ARG A C   1 
ATOM   327 O O   . ARG A 1 43  ? -27.644 1.657   1.519   1.00 43.88 ? 168 ARG A O   1 
ATOM   328 C CB  . ARG A 1 43  ? -24.968 3.179   0.500   1.00 41.24 ? 168 ARG A CB  1 
ATOM   329 C CG  . ARG A 1 43  ? -24.393 4.568   0.644   1.00 43.32 ? 168 ARG A CG  1 
ATOM   330 C CD  . ARG A 1 43  ? -24.905 5.454   -0.462  1.00 44.87 ? 168 ARG A CD  1 
ATOM   331 N NE  . ARG A 1 43  ? -24.344 5.111   -1.764  1.00 48.51 ? 168 ARG A NE  1 
ATOM   332 C CZ  . ARG A 1 43  ? -24.917 5.428   -2.923  1.00 50.57 ? 168 ARG A CZ  1 
ATOM   333 N NH1 . ARG A 1 43  ? -26.069 6.086   -2.931  1.00 51.12 ? 168 ARG A NH1 1 
ATOM   334 N NH2 . ARG A 1 43  ? -24.332 5.112   -4.073  1.00 51.59 ? 168 ARG A NH2 1 
ATOM   335 N N   . ILE A 1 44  ? -25.911 0.244   1.290   1.00 44.55 ? 169 ILE A N   1 
ATOM   336 C CA  . ILE A 1 44  ? -26.755 -0.914  1.020   1.00 47.20 ? 169 ILE A CA  1 
ATOM   337 C C   . ILE A 1 44  ? -27.525 -1.288  2.286   1.00 49.90 ? 169 ILE A C   1 
ATOM   338 O O   . ILE A 1 44  ? -28.629 -1.828  2.208   1.00 52.15 ? 169 ILE A O   1 
ATOM   339 C CB  . ILE A 1 44  ? -25.907 -2.123  0.525   1.00 46.55 ? 169 ILE A CB  1 
ATOM   340 C CG1 . ILE A 1 44  ? -25.662 -1.987  -0.980  1.00 46.31 ? 169 ILE A CG1 1 
ATOM   341 C CG2 . ILE A 1 44  ? -26.603 -3.448  0.843   1.00 46.27 ? 169 ILE A CG2 1 
ATOM   342 C CD1 . ILE A 1 44  ? -24.837 -3.103  -1.568  1.00 45.92 ? 169 ILE A CD1 1 
ATOM   343 N N   . ASP A 1 45  ? -26.945 -0.972  3.443   1.00 51.26 ? 170 ASP A N   1 
ATOM   344 C CA  . ASP A 1 45  ? -27.550 -1.263  4.747   1.00 52.78 ? 170 ASP A CA  1 
ATOM   345 C C   . ASP A 1 45  ? -28.564 -0.208  5.202   1.00 53.63 ? 170 ASP A C   1 
ATOM   346 O O   . ASP A 1 45  ? -29.227 -0.379  6.225   1.00 53.08 ? 170 ASP A O   1 
ATOM   347 C CB  . ASP A 1 45  ? -26.449 -1.395  5.799   1.00 52.75 ? 170 ASP A CB  1 
ATOM   348 C CG  . ASP A 1 45  ? -25.389 -2.402  5.399   1.00 55.24 ? 170 ASP A CG  1 
ATOM   349 O OD1 . ASP A 1 45  ? -24.409 -2.576  6.156   1.00 57.33 ? 170 ASP A OD1 1 
ATOM   350 O OD2 . ASP A 1 45  ? -25.537 -3.024  4.321   1.00 57.03 ? 170 ASP A OD2 1 
ATOM   351 N N   . SER A 1 46  ? -28.679 0.873   4.435   1.00 55.08 ? 171 SER A N   1 
ATOM   352 C CA  . SER A 1 46  ? -29.600 1.963   4.738   1.00 57.13 ? 171 SER A CA  1 
ATOM   353 C C   . SER A 1 46  ? -30.887 1.848   3.931   1.00 58.59 ? 171 SER A C   1 
ATOM   354 O O   . SER A 1 46  ? -31.816 2.637   4.119   1.00 58.82 ? 171 SER A O   1 
ATOM   355 C CB  . SER A 1 46  ? -28.945 3.305   4.421   1.00 57.25 ? 171 SER A CB  1 
ATOM   356 O OG  . SER A 1 46  ? -27.709 3.431   5.091   1.00 60.00 ? 171 SER A OG  1 
ATOM   357 N N   . LEU A 1 47  ? -30.928 0.871   3.026   1.00 59.56 ? 172 LEU A N   1 
ATOM   358 C CA  . LEU A 1 47  ? -32.093 0.648   2.172   1.00 59.67 ? 172 LEU A CA  1 
ATOM   359 C C   . LEU A 1 47  ? -33.269 0.072   2.959   1.00 61.43 ? 172 LEU A C   1 
ATOM   360 O O   . LEU A 1 47  ? -33.086 -0.777  3.837   1.00 61.24 ? 172 LEU A O   1 
ATOM   361 C CB  . LEU A 1 47  ? -31.725 -0.297  1.030   1.00 57.20 ? 172 LEU A CB  1 
ATOM   362 C CG  . LEU A 1 47  ? -30.640 0.201   0.076   1.00 55.47 ? 172 LEU A CG  1 
ATOM   363 C CD1 . LEU A 1 47  ? -30.233 -0.920  -0.865  1.00 54.66 ? 172 LEU A CD1 1 
ATOM   364 C CD2 . LEU A 1 47  ? -31.151 1.405   -0.697  1.00 54.47 ? 172 LEU A CD2 1 
ATOM   365 N N   . PRO A 1 48  ? -34.496 0.532   2.649   1.00 63.46 ? 173 PRO A N   1 
ATOM   366 C CA  . PRO A 1 48  ? -35.728 0.080   3.310   1.00 65.16 ? 173 PRO A CA  1 
ATOM   367 C C   . PRO A 1 48  ? -35.856 -1.453  3.407   1.00 66.64 ? 173 PRO A C   1 
ATOM   368 O O   . PRO A 1 48  ? -35.960 -1.991  4.540   1.00 66.81 ? 173 PRO A O   1 
ATOM   369 C CB  . PRO A 1 48  ? -36.821 0.705   2.443   1.00 64.48 ? 173 PRO A CB  1 
ATOM   370 C CG  . PRO A 1 48  ? -36.191 1.997   2.007   1.00 63.33 ? 173 PRO A CG  1 
ATOM   371 C CD  . PRO A 1 48  ? -34.797 1.561   1.630   1.00 63.41 ? 173 PRO A CD  1 
ATOM   372 N N   . SER A 1 54  ? -39.130 -4.573  -1.813  1.00 47.08 ? 179 SER A N   1 
ATOM   373 C CA  . SER A 1 54  ? -39.581 -3.599  -2.845  1.00 46.58 ? 179 SER A CA  1 
ATOM   374 C C   . SER A 1 54  ? -38.698 -3.670  -4.089  1.00 45.47 ? 179 SER A C   1 
ATOM   375 O O   . SER A 1 54  ? -37.559 -4.128  -4.033  1.00 44.68 ? 179 SER A O   1 
ATOM   376 C CB  . SER A 1 54  ? -39.560 -2.172  -2.276  1.00 47.71 ? 179 SER A CB  1 
ATOM   377 O OG  . SER A 1 54  ? -38.240 -1.660  -2.186  1.00 48.32 ? 179 SER A OG  1 
ATOM   378 N N   . LEU A 1 55  ? -39.245 -3.211  -5.211  1.00 44.72 ? 180 LEU A N   1 
ATOM   379 C CA  . LEU A 1 55  ? -38.549 -3.195  -6.499  1.00 44.79 ? 180 LEU A CA  1 
ATOM   380 C C   . LEU A 1 55  ? -37.433 -2.153  -6.539  1.00 44.98 ? 180 LEU A C   1 
ATOM   381 O O   . LEU A 1 55  ? -36.379 -2.370  -7.136  1.00 43.88 ? 180 LEU A O   1 
ATOM   382 C CB  . LEU A 1 55  ? -39.556 -2.904  -7.618  1.00 43.48 ? 180 LEU A CB  1 
ATOM   383 C CG  . LEU A 1 55  ? -38.986 -2.602  -8.999  1.00 43.07 ? 180 LEU A CG  1 
ATOM   384 C CD1 . LEU A 1 55  ? -38.034 -3.706  -9.403  1.00 42.81 ? 180 LEU A CD1 1 
ATOM   385 C CD2 . LEU A 1 55  ? -40.128 -2.467  -10.000 1.00 43.97 ? 180 LEU A CD2 1 
ATOM   386 N N   . GLN A 1 56  ? -37.696 -1.015  -5.904  1.00 46.02 ? 181 GLN A N   1 
ATOM   387 C CA  . GLN A 1 56  ? -36.765 0.096   -5.820  1.00 46.78 ? 181 GLN A CA  1 
ATOM   388 C C   . GLN A 1 56  ? -35.502 -0.327  -5.073  1.00 45.41 ? 181 GLN A C   1 
ATOM   389 O O   . GLN A 1 56  ? -34.392 -0.233  -5.598  1.00 44.79 ? 181 GLN A O   1 
ATOM   390 C CB  . GLN A 1 56  ? -37.444 1.262   -5.097  1.00 50.13 ? 181 GLN A CB  1 
ATOM   391 C CG  . GLN A 1 56  ? -36.485 2.187   -4.378  1.00 55.30 ? 181 GLN A CG  1 
ATOM   392 C CD  . GLN A 1 56  ? -35.564 2.929   -5.325  1.00 58.46 ? 181 GLN A CD  1 
ATOM   393 O OE1 . GLN A 1 56  ? -35.024 2.351   -6.278  1.00 60.19 ? 181 GLN A OE1 1 
ATOM   394 N NE2 . GLN A 1 56  ? -35.366 4.220   -5.062  1.00 58.99 ? 181 GLN A NE2 1 
ATOM   395 N N   . THR A 1 57  ? -35.686 -0.791  -3.842  1.00 44.15 ? 182 THR A N   1 
ATOM   396 C CA  . THR A 1 57  ? -34.577 -1.239  -3.009  1.00 43.75 ? 182 THR A CA  1 
ATOM   397 C C   . THR A 1 57  ? -33.732 -2.297  -3.729  1.00 43.10 ? 182 THR A C   1 
ATOM   398 O O   . THR A 1 57  ? -32.503 -2.288  -3.632  1.00 41.70 ? 182 THR A O   1 
ATOM   399 C CB  . THR A 1 57  ? -35.107 -1.798  -1.663  1.00 44.54 ? 182 THR A CB  1 
ATOM   400 O OG1 . THR A 1 57  ? -35.645 -0.717  -0.888  1.00 45.86 ? 182 THR A OG1 1 
ATOM   401 C CG2 . THR A 1 57  ? -33.997 -2.494  -0.869  1.00 44.33 ? 182 THR A CG2 1 
ATOM   402 N N   . ASP A 1 58  ? -34.393 -3.204  -4.449  1.00 42.52 ? 183 ASP A N   1 
ATOM   403 C CA  . ASP A 1 58  ? -33.694 -4.240  -5.198  1.00 42.55 ? 183 ASP A CA  1 
ATOM   404 C C   . ASP A 1 58  ? -32.878 -3.605  -6.327  1.00 41.40 ? 183 ASP A C   1 
ATOM   405 O O   . ASP A 1 58  ? -31.703 -3.929  -6.506  1.00 40.11 ? 183 ASP A O   1 
ATOM   406 C CB  . ASP A 1 58  ? -34.688 -5.262  -5.777  1.00 44.78 ? 183 ASP A CB  1 
ATOM   407 C CG  . ASP A 1 58  ? -34.994 -6.408  -4.805  1.00 48.62 ? 183 ASP A CG  1 
ATOM   408 O OD1 . ASP A 1 58  ? -35.421 -7.498  -5.274  1.00 49.77 ? 183 ASP A OD1 1 
ATOM   409 O OD2 . ASP A 1 58  ? -34.810 -6.217  -3.577  1.00 49.41 ? 183 ASP A OD2 1 
ATOM   410 N N   . MET A 1 59  ? -33.509 -2.704  -7.079  1.00 40.57 ? 184 MET A N   1 
ATOM   411 C CA  . MET A 1 59  ? -32.850 -1.999  -8.174  1.00 40.81 ? 184 MET A CA  1 
ATOM   412 C C   . MET A 1 59  ? -31.580 -1.357  -7.642  1.00 38.83 ? 184 MET A C   1 
ATOM   413 O O   . MET A 1 59  ? -30.489 -1.550  -8.169  1.00 37.77 ? 184 MET A O   1 
ATOM   414 C CB  . MET A 1 59  ? -33.756 -0.889  -8.729  1.00 44.78 ? 184 MET A CB  1 
ATOM   415 C CG  . MET A 1 59  ? -35.032 -1.357  -9.426  1.00 50.61 ? 184 MET A CG  1 
ATOM   416 S SD  . MET A 1 59  ? -34.794 -2.004  -11.111 1.00 57.90 ? 184 MET A SD  1 
ATOM   417 C CE  . MET A 1 59  ? -34.091 -3.667  -10.758 1.00 53.13 ? 184 MET A CE  1 
ATOM   418 N N   . THR A 1 60  ? -31.747 -0.585  -6.580  1.00 38.35 ? 185 THR A N   1 
ATOM   419 C CA  . THR A 1 60  ? -30.643 0.123   -5.956  1.00 38.94 ? 185 THR A CA  1 
ATOM   420 C C   . THR A 1 60  ? -29.541 -0.762  -5.367  1.00 38.84 ? 185 THR A C   1 
ATOM   421 O O   . THR A 1 60  ? -28.364 -0.446  -5.519  1.00 39.66 ? 185 THR A O   1 
ATOM   422 C CB  . THR A 1 60  ? -31.178 1.090   -4.871  1.00 39.37 ? 185 THR A CB  1 
ATOM   423 O OG1 . THR A 1 60  ? -32.001 2.086   -5.497  1.00 40.53 ? 185 THR A OG1 1 
ATOM   424 C CG2 . THR A 1 60  ? -30.034 1.771   -4.131  1.00 38.78 ? 185 THR A CG2 1 
ATOM   425 N N   . ARG A 1 61  ? -29.902 -1.863  -4.706  1.00 37.53 ? 186 ARG A N   1 
ATOM   426 C CA  . ARG A 1 61  ? -28.891 -2.737  -4.119  1.00 36.16 ? 186 ARG A CA  1 
ATOM   427 C C   . ARG A 1 61  ? -27.980 -3.356  -5.164  1.00 35.37 ? 186 ARG A C   1 
ATOM   428 O O   . ARG A 1 61  ? -26.792 -3.536  -4.923  1.00 34.68 ? 186 ARG A O   1 
ATOM   429 C CB  . ARG A 1 61  ? -29.534 -3.848  -3.295  1.00 37.47 ? 186 ARG A CB  1 
ATOM   430 C CG  . ARG A 1 61  ? -28.515 -4.847  -2.767  1.00 40.13 ? 186 ARG A CG  1 
ATOM   431 C CD  . ARG A 1 61  ? -29.144 -5.914  -1.890  1.00 43.14 ? 186 ARG A CD  1 
ATOM   432 N NE  . ARG A 1 61  ? -29.754 -5.369  -0.676  1.00 47.15 ? 186 ARG A NE  1 
ATOM   433 C CZ  . ARG A 1 61  ? -31.058 -5.135  -0.521  1.00 48.20 ? 186 ARG A CZ  1 
ATOM   434 N NH1 . ARG A 1 61  ? -31.907 -5.399  -1.511  1.00 48.92 ? 186 ARG A NH1 1 
ATOM   435 N NH2 . ARG A 1 61  ? -31.519 -4.639  0.625   1.00 46.79 ? 186 ARG A NH2 1 
ATOM   436 N N   . ARG A 1 62  ? -28.536 -3.684  -6.323  1.00 35.38 ? 187 ARG A N   1 
ATOM   437 C CA  . ARG A 1 62  ? -27.752 -4.279  -7.401  1.00 37.02 ? 187 ARG A CA  1 
ATOM   438 C C   . ARG A 1 62  ? -26.846 -3.242  -8.050  1.00 37.12 ? 187 ARG A C   1 
ATOM   439 O O   . ARG A 1 62  ? -25.748 -3.566  -8.516  1.00 36.76 ? 187 ARG A O   1 
ATOM   440 C CB  . ARG A 1 62  ? -28.672 -4.886  -8.467  1.00 38.34 ? 187 ARG A CB  1 
ATOM   441 C CG  . ARG A 1 62  ? -29.408 -6.141  -8.015  1.00 40.12 ? 187 ARG A CG  1 
ATOM   442 C CD  . ARG A 1 62  ? -30.564 -6.496  -8.956  1.00 40.62 ? 187 ARG A CD  1 
ATOM   443 N NE  . ARG A 1 62  ? -31.519 -7.383  -8.294  1.00 39.86 ? 187 ARG A NE  1 
ATOM   444 C CZ  . ARG A 1 62  ? -32.832 -7.196  -8.296  1.00 38.40 ? 187 ARG A CZ  1 
ATOM   445 N NH1 . ARG A 1 62  ? -33.353 -6.152  -8.933  1.00 38.97 ? 187 ARG A NH1 1 
ATOM   446 N NH2 . ARG A 1 62  ? -33.619 -8.042  -7.642  1.00 41.18 ? 187 ARG A NH2 1 
ATOM   447 N N   . GLN A 1 63  ? -27.315 -1.998  -8.091  1.00 36.37 ? 188 GLN A N   1 
ATOM   448 C CA  . GLN A 1 63  ? -26.539 -0.919  -8.672  1.00 37.18 ? 188 GLN A CA  1 
ATOM   449 C C   . GLN A 1 63  ? -25.293 -0.671  -7.822  1.00 36.41 ? 188 GLN A C   1 
ATOM   450 O O   . GLN A 1 63  ? -24.184 -0.561  -8.344  1.00 36.88 ? 188 GLN A O   1 
ATOM   451 C CB  . GLN A 1 63  ? -27.387 0.346   -8.749  1.00 39.75 ? 188 GLN A CB  1 
ATOM   452 C CG  . GLN A 1 63  ? -26.671 1.542   -9.350  1.00 45.18 ? 188 GLN A CG  1 
ATOM   453 C CD  . GLN A 1 63  ? -25.943 1.210   -10.648 1.00 47.47 ? 188 GLN A CD  1 
ATOM   454 O OE1 . GLN A 1 63  ? -26.488 0.542   -11.536 1.00 50.00 ? 188 GLN A OE1 1 
ATOM   455 N NE2 . GLN A 1 63  ? -24.706 1.687   -10.767 1.00 48.46 ? 188 GLN A NE2 1 
ATOM   456 N N   . LEU A 1 64  ? -25.489 -0.605  -6.508  1.00 35.67 ? 189 LEU A N   1 
ATOM   457 C CA  . LEU A 1 64  ? -24.405 -0.376  -5.562  1.00 34.47 ? 189 LEU A CA  1 
ATOM   458 C C   . LEU A 1 64  ? -23.431 -1.537  -5.520  1.00 35.75 ? 189 LEU A C   1 
ATOM   459 O O   . LEU A 1 64  ? -22.227 -1.328  -5.384  1.00 35.73 ? 189 LEU A O   1 
ATOM   460 C CB  . LEU A 1 64  ? -24.967 -0.139  -4.165  1.00 33.78 ? 189 LEU A CB  1 
ATOM   461 C CG  . LEU A 1 64  ? -25.900 1.065   -4.051  1.00 32.55 ? 189 LEU A CG  1 
ATOM   462 C CD1 . LEU A 1 64  ? -26.389 1.181   -2.633  1.00 33.38 ? 189 LEU A CD1 1 
ATOM   463 C CD2 . LEU A 1 64  ? -25.178 2.320   -4.472  1.00 32.95 ? 189 LEU A CD2 1 
ATOM   464 N N   . GLU A 1 65  ? -23.946 -2.760  -5.622  1.00 36.96 ? 190 GLU A N   1 
ATOM   465 C CA  . GLU A 1 65  ? -23.085 -3.939  -5.611  1.00 39.46 ? 190 GLU A CA  1 
ATOM   466 C C   . GLU A 1 65  ? -22.243 -3.955  -6.876  1.00 39.30 ? 190 GLU A C   1 
ATOM   467 O O   . GLU A 1 65  ? -21.084 -4.358  -6.863  1.00 39.15 ? 190 GLU A O   1 
ATOM   468 C CB  . GLU A 1 65  ? -23.912 -5.218  -5.535  1.00 40.91 ? 190 GLU A CB  1 
ATOM   469 C CG  . GLU A 1 65  ? -24.713 -5.353  -4.262  1.00 45.70 ? 190 GLU A CG  1 
ATOM   470 C CD  . GLU A 1 65  ? -25.435 -6.679  -4.186  1.00 49.62 ? 190 GLU A CD  1 
ATOM   471 O OE1 . GLU A 1 65  ? -26.067 -7.065  -5.198  1.00 50.84 ? 190 GLU A OE1 1 
ATOM   472 O OE2 . GLU A 1 65  ? -25.374 -7.330  -3.117  1.00 51.16 ? 190 GLU A OE2 1 
ATOM   473 N N   . TYR A 1 66  ? -22.843 -3.514  -7.973  1.00 40.41 ? 191 TYR A N   1 
ATOM   474 C CA  . TYR A 1 66  ? -22.149 -3.450  -9.246  1.00 41.93 ? 191 TYR A CA  1 
ATOM   475 C C   . TYR A 1 66  ? -21.028 -2.426  -9.140  1.00 41.64 ? 191 TYR A C   1 
ATOM   476 O O   . TYR A 1 66  ? -19.901 -2.676  -9.553  1.00 41.44 ? 191 TYR A O   1 
ATOM   477 C CB  . TYR A 1 66  ? -23.121 -3.026  -10.332 1.00 44.29 ? 191 TYR A CB  1 
ATOM   478 C CG  . TYR A 1 66  ? -22.441 -2.478  -11.552 1.00 47.14 ? 191 TYR A CG  1 
ATOM   479 C CD1 . TYR A 1 66  ? -21.836 -3.326  -12.474 1.00 48.25 ? 191 TYR A CD1 1 
ATOM   480 C CD2 . TYR A 1 66  ? -22.385 -1.103  -11.774 1.00 48.09 ? 191 TYR A CD2 1 
ATOM   481 C CE1 . TYR A 1 66  ? -21.190 -2.820  -13.597 1.00 50.39 ? 191 TYR A CE1 1 
ATOM   482 C CE2 . TYR A 1 66  ? -21.744 -0.583  -12.885 1.00 50.73 ? 191 TYR A CE2 1 
ATOM   483 C CZ  . TYR A 1 66  ? -21.148 -1.446  -13.799 1.00 51.89 ? 191 TYR A CZ  1 
ATOM   484 O OH  . TYR A 1 66  ? -20.525 -0.935  -14.922 1.00 54.63 ? 191 TYR A OH  1 
ATOM   485 N N   . GLU A 1 67  ? -21.366 -1.262  -8.596  1.00 41.89 ? 192 GLU A N   1 
ATOM   486 C CA  . GLU A 1 67  ? -20.416 -0.172  -8.406  1.00 41.27 ? 192 GLU A CA  1 
ATOM   487 C C   . GLU A 1 67  ? -19.257 -0.620  -7.533  1.00 39.82 ? 192 GLU A C   1 
ATOM   488 O O   . GLU A 1 67  ? -18.106 -0.286  -7.806  1.00 37.96 ? 192 GLU A O   1 
ATOM   489 C CB  . GLU A 1 67  ? -21.104 1.023   -7.745  1.00 42.90 ? 192 GLU A CB  1 
ATOM   490 C CG  . GLU A 1 67  ? -21.986 1.834   -8.672  1.00 47.03 ? 192 GLU A CG  1 
ATOM   491 C CD  . GLU A 1 67  ? -22.710 2.956   -7.943  1.00 49.65 ? 192 GLU A CD  1 
ATOM   492 O OE1 . GLU A 1 67  ? -22.087 3.597   -7.070  1.00 52.70 ? 192 GLU A OE1 1 
ATOM   493 O OE2 . GLU A 1 67  ? -23.897 3.212   -8.244  1.00 52.07 ? 192 GLU A OE2 1 
ATOM   494 N N   . ALA A 1 68  ? -19.570 -1.361  -6.473  1.00 38.54 ? 193 ALA A N   1 
ATOM   495 C CA  . ALA A 1 68  ? -18.552 -1.863  -5.555  1.00 39.45 ? 193 ALA A CA  1 
ATOM   496 C C   . ALA A 1 68  ? -17.701 -2.903  -6.270  1.00 40.74 ? 193 ALA A C   1 
ATOM   497 O O   . ALA A 1 68  ? -16.555 -3.159  -5.896  1.00 39.64 ? 193 ALA A O   1 
ATOM   498 C CB  . ALA A 1 68  ? -19.204 -2.477  -4.328  1.00 38.42 ? 193 ALA A CB  1 
ATOM   499 N N   . ARG A 1 69  ? -18.281 -3.494  -7.308  1.00 42.85 ? 194 ARG A N   1 
ATOM   500 C CA  . ARG A 1 69  ? -17.608 -4.503  -8.107  1.00 44.15 ? 194 ARG A CA  1 
ATOM   501 C C   . ARG A 1 69  ? -16.574 -3.807  -8.990  1.00 43.66 ? 194 ARG A C   1 
ATOM   502 O O   . ARG A 1 69  ? -15.493 -4.341  -9.226  1.00 45.19 ? 194 ARG A O   1 
ATOM   503 C CB  . ARG A 1 69  ? -18.635 -5.242  -8.956  1.00 45.69 ? 194 ARG A CB  1 
ATOM   504 C CG  . ARG A 1 69  ? -18.184 -6.591  -9.454  1.00 51.18 ? 194 ARG A CG  1 
ATOM   505 C CD  . ARG A 1 69  ? -19.376 -7.357  -10.015 1.00 55.43 ? 194 ARG A CD  1 
ATOM   506 N NE  . ARG A 1 69  ? -20.266 -7.848  -8.961  1.00 58.43 ? 194 ARG A NE  1 
ATOM   507 C CZ  . ARG A 1 69  ? -21.596 -7.798  -9.008  1.00 58.33 ? 194 ARG A CZ  1 
ATOM   508 N NH1 . ARG A 1 69  ? -22.207 -7.271  -10.062 1.00 56.99 ? 194 ARG A NH1 1 
ATOM   509 N NH2 . ARG A 1 69  ? -22.315 -8.285  -8.001  1.00 58.29 ? 194 ARG A NH2 1 
ATOM   510 N N   . GLN A 1 70  ? -16.902 -2.609  -9.463  1.00 43.11 ? 195 GLN A N   1 
ATOM   511 C CA  . GLN A 1 70  ? -15.984 -1.846  -10.299 1.00 42.89 ? 195 GLN A CA  1 
ATOM   512 C C   . GLN A 1 70  ? -14.809 -1.361  -9.458  1.00 42.84 ? 195 GLN A C   1 
ATOM   513 O O   . GLN A 1 70  ? -13.660 -1.389  -9.908  1.00 43.08 ? 195 GLN A O   1 
ATOM   514 C CB  . GLN A 1 70  ? -16.696 -0.645  -10.928 1.00 43.39 ? 195 GLN A CB  1 
ATOM   515 C CG  . GLN A 1 70  ? -17.880 -1.031  -11.779 1.00 46.41 ? 195 GLN A CG  1 
ATOM   516 C CD  . GLN A 1 70  ? -17.587 -2.267  -12.612 1.00 50.36 ? 195 GLN A CD  1 
ATOM   517 O OE1 . GLN A 1 70  ? -16.663 -2.279  -13.432 1.00 51.27 ? 195 GLN A OE1 1 
ATOM   518 N NE2 . GLN A 1 70  ? -18.367 -3.324  -12.396 1.00 52.20 ? 195 GLN A NE2 1 
ATOM   519 N N   . ILE A 1 71  ? -15.111 -0.926  -8.236  1.00 42.09 ? 196 ILE A N   1 
ATOM   520 C CA  . ILE A 1 71  ? -14.105 -0.418  -7.302  1.00 41.39 ? 196 ILE A CA  1 
ATOM   521 C C   . ILE A 1 71  ? -13.137 -1.516  -6.857  1.00 41.81 ? 196 ILE A C   1 
ATOM   522 O O   . ILE A 1 71  ? -12.007 -1.234  -6.449  1.00 42.10 ? 196 ILE A O   1 
ATOM   523 C CB  . ILE A 1 71  ? -14.781 0.229   -6.055  1.00 40.53 ? 196 ILE A CB  1 
ATOM   524 C CG1 . ILE A 1 71  ? -15.582 1.464   -6.489  1.00 38.13 ? 196 ILE A CG1 1 
ATOM   525 C CG2 . ILE A 1 71  ? -13.729 0.588   -4.995  1.00 39.18 ? 196 ILE A CG2 1 
ATOM   526 C CD1 . ILE A 1 71  ? -16.365 2.125   -5.367  1.00 36.56 ? 196 ILE A CD1 1 
ATOM   527 N N   . ARG A 1 72  ? -13.581 -2.765  -6.946  1.00 41.69 ? 197 ARG A N   1 
ATOM   528 C CA  . ARG A 1 72  ? -12.739 -3.888  -6.572  1.00 43.08 ? 197 ARG A CA  1 
ATOM   529 C C   . ARG A 1 72  ? -11.828 -4.229  -7.757  1.00 43.93 ? 197 ARG A C   1 
ATOM   530 O O   . ARG A 1 72  ? -10.668 -4.613  -7.576  1.00 43.87 ? 197 ARG A O   1 
ATOM   531 C CB  . ARG A 1 72  ? -13.602 -5.092  -6.199  1.00 43.84 ? 197 ARG A CB  1 
ATOM   532 C CG  . ARG A 1 72  ? -13.153 -5.785  -4.932  1.00 46.46 ? 197 ARG A CG  1 
ATOM   533 C CD  . ARG A 1 72  ? -14.119 -5.566  -3.772  1.00 49.70 ? 197 ARG A CD  1 
ATOM   534 N NE  . ARG A 1 72  ? -15.154 -6.600  -3.688  1.00 54.12 ? 197 ARG A NE  1 
ATOM   535 C CZ  . ARG A 1 72  ? -16.355 -6.543  -4.270  1.00 55.75 ? 197 ARG A CZ  1 
ATOM   536 N NH1 . ARG A 1 72  ? -16.715 -5.492  -4.996  1.00 55.74 ? 197 ARG A NH1 1 
ATOM   537 N NH2 . ARG A 1 72  ? -17.205 -7.553  -4.122  1.00 56.74 ? 197 ARG A NH2 1 
ATOM   538 N N   . VAL A 1 73  ? -12.355 -4.071  -8.970  1.00 43.98 ? 198 VAL A N   1 
ATOM   539 C CA  . VAL A 1 73  ? -11.591 -4.339  -10.189 1.00 43.27 ? 198 VAL A CA  1 
ATOM   540 C C   . VAL A 1 73  ? -10.464 -3.315  -10.369 1.00 42.97 ? 198 VAL A C   1 
ATOM   541 O O   . VAL A 1 73  ? -9.331  -3.685  -10.680 1.00 42.81 ? 198 VAL A O   1 
ATOM   542 C CB  . VAL A 1 73  ? -12.504 -4.307  -11.446 1.00 42.77 ? 198 VAL A CB  1 
ATOM   543 C CG1 . VAL A 1 73  ? -11.666 -4.410  -12.704 1.00 40.86 ? 198 VAL A CG1 1 
ATOM   544 C CG2 . VAL A 1 73  ? -13.510 -5.450  -11.389 1.00 41.01 ? 198 VAL A CG2 1 
ATOM   545 N N   . ALA A 1 74  ? -10.784 -2.036  -10.175 1.00 42.49 ? 199 ALA A N   1 
ATOM   546 C CA  . ALA A 1 74  ? -9.803  -0.956  -10.309 1.00 43.00 ? 199 ALA A CA  1 
ATOM   547 C C   . ALA A 1 74  ? -8.682  -1.107  -9.296  1.00 43.72 ? 199 ALA A C   1 
ATOM   548 O O   . ALA A 1 74  ? -7.526  -0.795  -9.580  1.00 43.12 ? 199 ALA A O   1 
ATOM   549 C CB  . ALA A 1 74  ? -10.476 0.393   -10.121 1.00 41.29 ? 199 ALA A CB  1 
ATOM   550 N N   . MET A 1 75  ? -9.040  -1.589  -8.110  1.00 44.93 ? 200 MET A N   1 
ATOM   551 C CA  . MET A 1 75  ? -8.081  -1.788  -7.039  1.00 46.02 ? 200 MET A CA  1 
ATOM   552 C C   . MET A 1 75  ? -7.087  -2.909  -7.321  1.00 48.12 ? 200 MET A C   1 
ATOM   553 O O   . MET A 1 75  ? -5.894  -2.732  -7.102  1.00 47.45 ? 200 MET A O   1 
ATOM   554 C CB  . MET A 1 75  ? -8.810  -2.065  -5.727  1.00 44.66 ? 200 MET A CB  1 
ATOM   555 C CG  . MET A 1 75  ? -7.881  -2.312  -4.556  1.00 45.84 ? 200 MET A CG  1 
ATOM   556 S SD  . MET A 1 75  ? -8.758  -2.479  -2.979  1.00 48.54 ? 200 MET A SD  1 
ATOM   557 C CE  . MET A 1 75  ? -7.405  -2.177  -1.791  1.00 46.78 ? 200 MET A CE  1 
ATOM   558 N N   . GLU A 1 76  ? -7.566  -4.058  -7.801  1.00 50.99 ? 201 GLU A N   1 
ATOM   559 C CA  . GLU A 1 76  ? -6.672  -5.183  -8.086  1.00 54.13 ? 201 GLU A CA  1 
ATOM   560 C C   . GLU A 1 76  ? -5.787  -4.895  -9.285  1.00 54.74 ? 201 GLU A C   1 
ATOM   561 O O   . GLU A 1 76  ? -4.689  -5.435  -9.411  1.00 54.53 ? 201 GLU A O   1 
ATOM   562 C CB  . GLU A 1 76  ? -7.461  -6.472  -8.323  1.00 57.36 ? 201 GLU A CB  1 
ATOM   563 C CG  . GLU A 1 76  ? -6.560  -7.682  -8.596  1.00 63.49 ? 201 GLU A CG  1 
ATOM   564 C CD  . GLU A 1 76  ? -7.279  -9.025  -8.465  1.00 66.72 ? 201 GLU A CD  1 
ATOM   565 O OE1 . GLU A 1 76  ? -7.732  -9.359  -7.340  1.00 68.51 ? 201 GLU A OE1 1 
ATOM   566 O OE2 . GLU A 1 76  ? -7.384  -9.745  -9.485  1.00 67.59 ? 201 GLU A OE2 1 
ATOM   567 N N   . GLU A 1 77  ? -6.281  -4.044  -10.173 1.00 56.60 ? 202 GLU A N   1 
ATOM   568 C CA  . GLU A 1 77  ? -5.519  -3.651  -11.344 1.00 58.36 ? 202 GLU A CA  1 
ATOM   569 C C   . GLU A 1 77  ? -4.454  -2.669  -10.876 1.00 58.02 ? 202 GLU A C   1 
ATOM   570 O O   . GLU A 1 77  ? -3.431  -2.497  -11.533 1.00 58.45 ? 202 GLU A O   1 
ATOM   571 C CB  . GLU A 1 77  ? -6.423  -2.961  -12.365 1.00 60.99 ? 202 GLU A CB  1 
ATOM   572 C CG  . GLU A 1 77  ? -7.284  -3.906  -13.189 1.00 66.55 ? 202 GLU A CG  1 
ATOM   573 C CD  . GLU A 1 77  ? -8.253  -3.162  -14.106 1.00 69.55 ? 202 GLU A CD  1 
ATOM   574 O OE1 . GLU A 1 77  ? -8.750  -3.775  -15.081 1.00 70.41 ? 202 GLU A OE1 1 
ATOM   575 O OE2 . GLU A 1 77  ? -8.524  -1.965  -13.843 1.00 71.10 ? 202 GLU A OE2 1 
ATOM   576 N N   . GLN A 1 78  ? -4.712  -2.039  -9.729  1.00 56.87 ? 203 GLN A N   1 
ATOM   577 C CA  . GLN A 1 78  ? -3.812  -1.045  -9.141  1.00 55.77 ? 203 GLN A CA  1 
ATOM   578 C C   . GLN A 1 78  ? -2.865  -1.567  -8.060  1.00 54.58 ? 203 GLN A C   1 
ATOM   579 O O   . GLN A 1 78  ? -1.705  -1.171  -8.012  1.00 54.92 ? 203 GLN A O   1 
ATOM   580 C CB  . GLN A 1 78  ? -4.624  0.109   -8.546  1.00 56.35 ? 203 GLN A CB  1 
ATOM   581 C CG  . GLN A 1 78  ? -5.110  1.136   -9.542  1.00 57.81 ? 203 GLN A CG  1 
ATOM   582 C CD  . GLN A 1 78  ? -3.988  2.010   -10.055 1.00 60.08 ? 203 GLN A CD  1 
ATOM   583 O OE1 . GLN A 1 78  ? -3.127  1.556   -10.808 1.00 60.79 ? 203 GLN A OE1 1 
ATOM   584 N NE2 . GLN A 1 78  ? -3.982  3.277   -9.639  1.00 61.12 ? 203 GLN A NE2 1 
ATOM   585 N N   . LEU A 1 79  ? -3.362  -2.443  -7.193  1.00 52.67 ? 204 LEU A N   1 
ATOM   586 C CA  . LEU A 1 79  ? -2.562  -2.981  -6.096  1.00 50.96 ? 204 LEU A CA  1 
ATOM   587 C C   . LEU A 1 79  ? -2.426  -4.500  -6.148  1.00 50.14 ? 204 LEU A C   1 
ATOM   588 O O   . LEU A 1 79  ? -1.956  -5.113  -5.190  1.00 48.67 ? 204 LEU A O   1 
ATOM   589 C CB  . LEU A 1 79  ? -3.200  -2.596  -4.758  1.00 51.85 ? 204 LEU A CB  1 
ATOM   590 C CG  . LEU A 1 79  ? -3.519  -1.122  -4.481  1.00 53.00 ? 204 LEU A CG  1 
ATOM   591 C CD1 . LEU A 1 79  ? -4.502  -1.022  -3.319  1.00 54.01 ? 204 LEU A CD1 1 
ATOM   592 C CD2 . LEU A 1 79  ? -2.243  -0.366  -4.163  1.00 53.70 ? 204 LEU A CD2 1 
ATOM   593 N N   . GLY A 1 80  ? -2.835  -5.104  -7.262  1.00 50.48 ? 205 GLY A N   1 
ATOM   594 C CA  . GLY A 1 80  ? -2.772  -6.552  -7.379  1.00 51.27 ? 205 GLY A CA  1 
ATOM   595 C C   . GLY A 1 80  ? -3.816  -7.191  -6.473  1.00 52.25 ? 205 GLY A C   1 
ATOM   596 O O   . GLY A 1 80  ? -4.706  -6.507  -5.963  1.00 51.26 ? 205 GLY A O   1 
ATOM   597 N N   . THR A 1 81  ? -3.721  -8.499  -6.259  1.00 53.61 ? 206 THR A N   1 
ATOM   598 C CA  . THR A 1 81  ? -4.686  -9.178  -5.399  1.00 55.63 ? 206 THR A CA  1 
ATOM   599 C C   . THR A 1 81  ? -4.395  -8.894  -3.931  1.00 57.21 ? 206 THR A C   1 
ATOM   600 O O   . THR A 1 81  ? -3.631  -7.993  -3.601  1.00 58.36 ? 206 THR A O   1 
ATOM   601 C CB  . THR A 1 81  ? -4.670  -10.705 -5.612  1.00 55.64 ? 206 THR A CB  1 
ATOM   602 O OG1 . THR A 1 81  ? -3.437  -11.248 -5.121  1.00 54.96 ? 206 THR A OG1 1 
ATOM   603 C CG2 . THR A 1 81  ? -4.828  -11.032 -7.094  1.00 55.62 ? 206 THR A CG2 1 
ATOM   604 N N   . CYS A 1 82  ? -5.013  -9.668  -3.050  1.00 58.98 ? 207 CYS A N   1 
ATOM   605 C CA  . CYS A 1 82  ? -4.813  -9.491  -1.622  1.00 60.52 ? 207 CYS A CA  1 
ATOM   606 C C   . CYS A 1 82  ? -3.547  -10.234 -1.205  1.00 60.36 ? 207 CYS A C   1 
ATOM   607 O O   . CYS A 1 82  ? -2.859  -9.847  -0.257  1.00 59.62 ? 207 CYS A O   1 
ATOM   608 C CB  . CYS A 1 82  ? -6.027  -10.035 -0.869  1.00 62.68 ? 207 CYS A CB  1 
ATOM   609 S SG  . CYS A 1 82  ? -6.034  -9.703  0.899   1.00 68.32 ? 207 CYS A SG  1 
ATOM   610 N N   . GLN A 1 83  ? -3.238  -11.300 -1.935  1.00 60.69 ? 208 GLN A N   1 
ATOM   611 C CA  . GLN A 1 83  ? -2.059  -12.115 -1.654  1.00 61.46 ? 208 GLN A CA  1 
ATOM   612 C C   . GLN A 1 83  ? -0.749  -11.394 -1.975  1.00 60.90 ? 208 GLN A C   1 
ATOM   613 O O   . GLN A 1 83  ? 0.153   -11.345 -1.147  1.00 60.44 ? 208 GLN A O   1 
ATOM   614 C CB  . GLN A 1 83  ? -2.129  -13.437 -2.439  1.00 62.26 ? 208 GLN A CB  1 
ATOM   615 C CG  . GLN A 1 83  ? -2.882  -14.580 -1.737  1.00 63.40 ? 208 GLN A CG  1 
ATOM   616 C CD  . GLN A 1 83  ? -4.268  -14.183 -1.219  1.00 63.76 ? 208 GLN A CD  1 
ATOM   617 O OE1 . GLN A 1 83  ? -5.093  -13.626 -1.955  1.00 61.75 ? 208 GLN A OE1 1 
ATOM   618 N NE2 . GLN A 1 83  ? -4.529  -14.483 0.055   1.00 63.40 ? 208 GLN A NE2 1 
ATOM   619 N N   . ASP A 1 84  ? -0.650  -10.838 -3.177  1.00 61.10 ? 209 ASP A N   1 
ATOM   620 C CA  . ASP A 1 84  ? 0.562   -10.140 -3.597  1.00 61.67 ? 209 ASP A CA  1 
ATOM   621 C C   . ASP A 1 84  ? 0.665   -8.732  -3.022  1.00 60.23 ? 209 ASP A C   1 
ATOM   622 O O   . ASP A 1 84  ? 1.719   -8.101  -3.086  1.00 59.41 ? 209 ASP A O   1 
ATOM   623 C CB  . ASP A 1 84  ? 0.635   -10.083 -5.129  1.00 64.78 ? 209 ASP A CB  1 
ATOM   624 C CG  . ASP A 1 84  ? -0.590  -9.439  -5.750  1.00 67.18 ? 209 ASP A CG  1 
ATOM   625 O OD1 . ASP A 1 84  ? -0.643  -9.324  -6.997  1.00 67.75 ? 209 ASP A OD1 1 
ATOM   626 O OD2 . ASP A 1 84  ? -1.500  -9.049  -4.986  1.00 69.11 ? 209 ASP A OD2 1 
ATOM   627 N N   . MET A 1 85  ? -0.432  -8.242  -2.461  1.00 59.10 ? 210 MET A N   1 
ATOM   628 C CA  . MET A 1 85  ? -0.439  -6.916  -1.869  1.00 58.51 ? 210 MET A CA  1 
ATOM   629 C C   . MET A 1 85  ? 0.220   -7.017  -0.500  1.00 58.22 ? 210 MET A C   1 
ATOM   630 O O   . MET A 1 85  ? 0.891   -6.089  -0.053  1.00 58.50 ? 210 MET A O   1 
ATOM   631 C CB  . MET A 1 85  ? -1.875  -6.411  -1.741  1.00 58.18 ? 210 MET A CB  1 
ATOM   632 C CG  . MET A 1 85  ? -2.001  -4.972  -1.318  1.00 59.52 ? 210 MET A CG  1 
ATOM   633 S SD  . MET A 1 85  ? -3.673  -4.344  -1.616  1.00 63.13 ? 210 MET A SD  1 
ATOM   634 C CE  . MET A 1 85  ? -4.550  -5.060  -0.212  1.00 63.37 ? 210 MET A CE  1 
ATOM   635 N N   . GLU A 1 86  ? 0.044   -8.161  0.153   1.00 58.01 ? 211 GLU A N   1 
ATOM   636 C CA  . GLU A 1 86  ? 0.623   -8.383  1.472   1.00 58.20 ? 211 GLU A CA  1 
ATOM   637 C C   . GLU A 1 86  ? 2.081   -8.858  1.384   1.00 56.85 ? 211 GLU A C   1 
ATOM   638 O O   . GLU A 1 86  ? 2.874   -8.609  2.294   1.00 55.71 ? 211 GLU A O   1 
ATOM   639 C CB  . GLU A 1 86  ? -0.226  -9.390  2.258   1.00 60.67 ? 211 GLU A CB  1 
ATOM   640 C CG  . GLU A 1 86  ? -0.187  -10.814 1.725   1.00 66.30 ? 211 GLU A CG  1 
ATOM   641 C CD  . GLU A 1 86  ? -1.154  -11.747 2.446   1.00 69.59 ? 211 GLU A CD  1 
ATOM   642 O OE1 . GLU A 1 86  ? -1.283  -11.638 3.689   1.00 70.44 ? 211 GLU A OE1 1 
ATOM   643 O OE2 . GLU A 1 86  ? -1.775  -12.601 1.768   1.00 70.96 ? 211 GLU A OE2 1 
ATOM   644 N N   . LYS A 1 87  ? 2.433   -9.532  0.290   1.00 55.46 ? 212 LYS A N   1 
ATOM   645 C CA  . LYS A 1 87  ? 3.800   -10.012 0.087   1.00 53.96 ? 212 LYS A CA  1 
ATOM   646 C C   . LYS A 1 87  ? 4.695   -8.888  -0.428  1.00 51.69 ? 212 LYS A C   1 
ATOM   647 O O   . LYS A 1 87  ? 5.917   -8.915  -0.254  1.00 51.23 ? 212 LYS A O   1 
ATOM   648 C CB  . LYS A 1 87  ? 3.823   -11.194 -0.892  1.00 56.17 ? 212 LYS A CB  1 
ATOM   649 C CG  . LYS A 1 87  ? 3.307   -12.496 -0.278  1.00 59.11 ? 212 LYS A CG  1 
ATOM   650 C CD  . LYS A 1 87  ? 3.655   -13.724 -1.113  1.00 60.84 ? 212 LYS A CD  1 
ATOM   651 C CE  . LYS A 1 87  ? 3.195   -15.007 -0.412  1.00 62.32 ? 212 LYS A CE  1 
ATOM   652 N NZ  . LYS A 1 87  ? 1.711   -15.032 -0.185  1.00 62.63 ? 212 LYS A NZ  1 
ATOM   653 N N   . ARG A 1 88  ? 4.073   -7.897  -1.059  1.00 48.67 ? 213 ARG A N   1 
ATOM   654 C CA  . ARG A 1 88  ? 4.791   -6.743  -1.580  1.00 46.07 ? 213 ARG A CA  1 
ATOM   655 C C   . ARG A 1 88  ? 5.340   -5.903  -0.435  1.00 45.06 ? 213 ARG A C   1 
ATOM   656 O O   . ARG A 1 88  ? 6.459   -5.387  -0.509  1.00 43.34 ? 213 ARG A O   1 
ATOM   657 C CB  . ARG A 1 88  ? 3.861   -5.884  -2.423  1.00 45.35 ? 213 ARG A CB  1 
ATOM   658 C CG  . ARG A 1 88  ? 4.447   -4.548  -2.826  1.00 44.12 ? 213 ARG A CG  1 
ATOM   659 C CD  . ARG A 1 88  ? 3.400   -3.780  -3.577  1.00 44.27 ? 213 ARG A CD  1 
ATOM   660 N NE  . ARG A 1 88  ? 2.863   -4.605  -4.652  1.00 45.68 ? 213 ARG A NE  1 
ATOM   661 C CZ  . ARG A 1 88  ? 1.572   -4.719  -4.940  1.00 44.65 ? 213 ARG A CZ  1 
ATOM   662 N NH1 . ARG A 1 88  ? 0.674   -4.053  -4.226  1.00 44.93 ? 213 ARG A NH1 1 
ATOM   663 N NH2 . ARG A 1 88  ? 1.182   -5.505  -5.937  1.00 44.27 ? 213 ARG A NH2 1 
ATOM   664 N N   . ALA A 1 89  ? 4.538   -5.763  0.617   1.00 43.66 ? 214 ALA A N   1 
ATOM   665 C CA  . ALA A 1 89  ? 4.927   -4.992  1.792   1.00 43.80 ? 214 ALA A CA  1 
ATOM   666 C C   . ALA A 1 89  ? 5.972   -5.730  2.642   1.00 43.43 ? 214 ALA A C   1 
ATOM   667 O O   . ALA A 1 89  ? 6.651   -5.123  3.475   1.00 43.52 ? 214 ALA A O   1 
ATOM   668 C CB  . ALA A 1 89  ? 3.696   -4.671  2.631   1.00 42.81 ? 214 ALA A CB  1 
ATOM   669 N N   . GLN A 1 90  ? 6.094   -7.039  2.428   1.00 43.12 ? 215 GLN A N   1 
ATOM   670 C CA  . GLN A 1 90  ? 7.055   -7.846  3.163   1.00 42.45 ? 215 GLN A CA  1 
ATOM   671 C C   . GLN A 1 90  ? 8.443   -7.649  2.627   1.00 40.49 ? 215 GLN A C   1 
ATOM   672 O O   . GLN A 1 90  ? 9.410   -7.556  3.378   1.00 39.35 ? 215 GLN A O   1 
ATOM   673 C CB  . GLN A 1 90  ? 6.689   -9.323  3.078   1.00 45.89 ? 215 GLN A CB  1 
ATOM   674 C CG  . GLN A 1 90  ? 5.832   -9.750  4.235   1.00 51.78 ? 215 GLN A CG  1 
ATOM   675 C CD  . GLN A 1 90  ? 6.345   -9.160  5.533   1.00 55.81 ? 215 GLN A CD  1 
ATOM   676 O OE1 . GLN A 1 90  ? 7.486   -9.415  5.935   1.00 59.32 ? 215 GLN A OE1 1 
ATOM   677 N NE2 . GLN A 1 90  ? 5.514   -8.348  6.190   1.00 57.21 ? 215 GLN A NE2 1 
ATOM   678 N N   . ARG A 1 91  ? 8.540   -7.595  1.311   1.00 39.87 ? 216 ARG A N   1 
ATOM   679 C CA  . ARG A 1 91  ? 9.818   -7.396  0.682   1.00 40.65 ? 216 ARG A CA  1 
ATOM   680 C C   . ARG A 1 91  ? 10.310  -5.984  0.937   1.00 39.12 ? 216 ARG A C   1 
ATOM   681 O O   . ARG A 1 91  ? 11.505  -5.769  1.086   1.00 40.44 ? 216 ARG A O   1 
ATOM   682 C CB  . ARG A 1 91  ? 9.704   -7.685  -0.802  1.00 42.52 ? 216 ARG A CB  1 
ATOM   683 C CG  . ARG A 1 91  ? 9.531   -9.153  -1.050  1.00 48.32 ? 216 ARG A CG  1 
ATOM   684 C CD  . ARG A 1 91  ? 9.346   -9.466  -2.512  1.00 54.99 ? 216 ARG A CD  1 
ATOM   685 N NE  . ARG A 1 91  ? 7.960   -9.301  -2.953  1.00 61.28 ? 216 ARG A NE  1 
ATOM   686 C CZ  . ARG A 1 91  ? 7.408   -8.150  -3.333  1.00 62.98 ? 216 ARG A CZ  1 
ATOM   687 N NH1 . ARG A 1 91  ? 8.116   -7.025  -3.331  1.00 63.84 ? 216 ARG A NH1 1 
ATOM   688 N NH2 . ARG A 1 91  ? 6.142   -8.136  -3.737  1.00 63.12 ? 216 ARG A NH2 1 
ATOM   689 N N   . ARG A 1 92  ? 9.391   -5.024  1.000   1.00 37.38 ? 217 ARG A N   1 
ATOM   690 C CA  . ARG A 1 92  ? 9.767   -3.641  1.262   1.00 35.26 ? 217 ARG A CA  1 
ATOM   691 C C   . ARG A 1 92  ? 10.337  -3.518  2.665   1.00 34.55 ? 217 ARG A C   1 
ATOM   692 O O   . ARG A 1 92  ? 11.380  -2.905  2.874   1.00 34.27 ? 217 ARG A O   1 
ATOM   693 C CB  . ARG A 1 92  ? 8.559   -2.722  1.123   1.00 34.55 ? 217 ARG A CB  1 
ATOM   694 C CG  . ARG A 1 92  ? 8.361   -2.199  -0.270  1.00 34.91 ? 217 ARG A CG  1 
ATOM   695 C CD  . ARG A 1 92  ? 6.996   -1.596  -0.411  1.00 35.60 ? 217 ARG A CD  1 
ATOM   696 N NE  . ARG A 1 92  ? 6.774   -1.088  -1.757  1.00 39.46 ? 217 ARG A NE  1 
ATOM   697 C CZ  . ARG A 1 92  ? 5.578   -0.772  -2.241  1.00 40.48 ? 217 ARG A CZ  1 
ATOM   698 N NH1 . ARG A 1 92  ? 4.507   -0.929  -1.474  1.00 40.81 ? 217 ARG A NH1 1 
ATOM   699 N NH2 . ARG A 1 92  ? 5.449   -0.290  -3.479  1.00 40.94 ? 217 ARG A NH2 1 
ATOM   700 N N   . ILE A 1 93  ? 9.638   -4.105  3.625   1.00 34.25 ? 218 ILE A N   1 
ATOM   701 C CA  . ILE A 1 93  ? 10.073  -4.083  5.017   1.00 33.22 ? 218 ILE A CA  1 
ATOM   702 C C   . ILE A 1 93  ? 11.384  -4.845  5.162   1.00 32.27 ? 218 ILE A C   1 
ATOM   703 O O   . ILE A 1 93  ? 12.260  -4.441  5.919   1.00 32.80 ? 218 ILE A O   1 
ATOM   704 C CB  . ILE A 1 93  ? 8.993   -4.709  5.942   1.00 32.33 ? 218 ILE A CB  1 
ATOM   705 C CG1 . ILE A 1 93  ? 7.756   -3.810  5.943   1.00 31.71 ? 218 ILE A CG1 1 
ATOM   706 C CG2 . ILE A 1 93  ? 9.534   -4.885  7.351   1.00 30.22 ? 218 ILE A CG2 1 
ATOM   707 C CD1 . ILE A 1 93  ? 6.592   -4.370  6.683   1.00 33.39 ? 218 ILE A CD1 1 
ATOM   708 N N   . ALA A 1 94  ? 11.510  -5.944  4.427   1.00 31.60 ? 219 ALA A N   1 
ATOM   709 C CA  . ALA A 1 94  ? 12.712  -6.759  4.469   1.00 31.09 ? 219 ALA A CA  1 
ATOM   710 C C   . ALA A 1 94  ? 13.878  -5.962  3.904   1.00 31.45 ? 219 ALA A C   1 
ATOM   711 O O   . ALA A 1 94  ? 14.968  -5.938  4.479   1.00 33.11 ? 219 ALA A O   1 
ATOM   712 C CB  . ALA A 1 94  ? 12.509  -8.026  3.651   1.00 30.33 ? 219 ALA A CB  1 
ATOM   713 N N   . ARG A 1 95  ? 13.639  -5.303  2.774   1.00 30.54 ? 220 ARG A N   1 
ATOM   714 C CA  . ARG A 1 95  ? 14.672  -4.512  2.112   1.00 29.04 ? 220 ARG A CA  1 
ATOM   715 C C   . ARG A 1 95  ? 15.083  -3.301  2.946   1.00 27.82 ? 220 ARG A C   1 
ATOM   716 O O   . ARG A 1 95  ? 16.272  -3.000  3.066   1.00 27.49 ? 220 ARG A O   1 
ATOM   717 C CB  . ARG A 1 95  ? 14.186  -4.072  0.726   1.00 27.45 ? 220 ARG A CB  1 
ATOM   718 C CG  . ARG A 1 95  ? 15.206  -3.288  -0.078  1.00 28.35 ? 220 ARG A CG  1 
ATOM   719 C CD  . ARG A 1 95  ? 16.524  -4.022  -0.215  1.00 29.77 ? 220 ARG A CD  1 
ATOM   720 N NE  . ARG A 1 95  ? 17.541  -3.155  -0.810  1.00 32.61 ? 220 ARG A NE  1 
ATOM   721 C CZ  . ARG A 1 95  ? 18.856  -3.348  -0.702  1.00 32.68 ? 220 ARG A CZ  1 
ATOM   722 N NH1 . ARG A 1 95  ? 19.328  -4.385  -0.019  1.00 30.56 ? 220 ARG A NH1 1 
ATOM   723 N NH2 . ARG A 1 95  ? 19.700  -2.493  -1.271  1.00 32.76 ? 220 ARG A NH2 1 
ATOM   724 N N   . ILE A 1 96  ? 14.104  -2.610  3.523   1.00 27.78 ? 221 ILE A N   1 
ATOM   725 C CA  . ILE A 1 96  ? 14.402  -1.450  4.359   1.00 28.76 ? 221 ILE A CA  1 
ATOM   726 C C   . ILE A 1 96  ? 15.264  -1.901  5.533   1.00 29.86 ? 221 ILE A C   1 
ATOM   727 O O   . ILE A 1 96  ? 16.191  -1.197  5.939   1.00 30.49 ? 221 ILE A O   1 
ATOM   728 C CB  . ILE A 1 96  ? 13.115  -0.777  4.911   1.00 28.14 ? 221 ILE A CB  1 
ATOM   729 C CG1 . ILE A 1 96  ? 12.381  -0.061  3.778   1.00 27.09 ? 221 ILE A CG1 1 
ATOM   730 C CG2 . ILE A 1 96  ? 13.466  0.201   6.034   1.00 24.88 ? 221 ILE A CG2 1 
ATOM   731 C CD1 . ILE A 1 96  ? 11.008  0.453   4.173   1.00 28.92 ? 221 ILE A CD1 1 
ATOM   732 N N   . GLN A 1 97  ? 14.959  -3.075  6.078   1.00 29.55 ? 222 GLN A N   1 
ATOM   733 C CA  . GLN A 1 97  ? 15.727  -3.601  7.196   1.00 30.41 ? 222 GLN A CA  1 
ATOM   734 C C   . GLN A 1 97  ? 17.108  -4.069  6.754   1.00 29.51 ? 222 GLN A C   1 
ATOM   735 O O   . GLN A 1 97  ? 18.073  -3.941  7.499   1.00 30.17 ? 222 GLN A O   1 
ATOM   736 C CB  . GLN A 1 97  ? 14.956  -4.730  7.869   1.00 32.52 ? 222 GLN A CB  1 
ATOM   737 C CG  . GLN A 1 97  ? 13.768  -4.207  8.647   1.00 35.10 ? 222 GLN A CG  1 
ATOM   738 C CD  . GLN A 1 97  ? 12.831  -5.295  9.107   1.00 38.74 ? 222 GLN A CD  1 
ATOM   739 O OE1 . GLN A 1 97  ? 12.011  -5.070  9.996   1.00 41.18 ? 222 GLN A OE1 1 
ATOM   740 N NE2 . GLN A 1 97  ? 12.932  -6.476  8.499   1.00 38.50 ? 222 GLN A NE2 1 
ATOM   741 N N   . GLN A 1 98  ? 17.209  -4.606  5.544   1.00 29.00 ? 223 GLN A N   1 
ATOM   742 C CA  . GLN A 1 98  ? 18.507  -5.035  5.040   1.00 27.91 ? 223 GLN A CA  1 
ATOM   743 C C   . GLN A 1 98  ? 19.350  -3.793  4.748   1.00 26.64 ? 223 GLN A C   1 
ATOM   744 O O   . GLN A 1 98  ? 20.545  -3.771  5.019   1.00 27.00 ? 223 GLN A O   1 
ATOM   745 C CB  . GLN A 1 98  ? 18.356  -5.871  3.769   1.00 28.60 ? 223 GLN A CB  1 
ATOM   746 C CG  . GLN A 1 98  ? 19.696  -6.308  3.201   1.00 31.80 ? 223 GLN A CG  1 
ATOM   747 C CD  . GLN A 1 98  ? 20.595  -6.943  4.255   1.00 31.76 ? 223 GLN A CD  1 
ATOM   748 O OE1 . GLN A 1 98  ? 20.239  -7.956  4.848   1.00 34.29 ? 223 GLN A OE1 1 
ATOM   749 N NE2 . GLN A 1 98  ? 21.758  -6.345  4.495   1.00 30.88 ? 223 GLN A NE2 1 
ATOM   750 N N   . ILE A 1 99  ? 18.721  -2.759  4.199   1.00 23.95 ? 224 ILE A N   1 
ATOM   751 C CA  . ILE A 1 99  ? 19.422  -1.519  3.899   1.00 23.21 ? 224 ILE A CA  1 
ATOM   752 C C   . ILE A 1 99  ? 19.962  -0.864  5.177   1.00 25.37 ? 224 ILE A C   1 
ATOM   753 O O   . ILE A 1 99  ? 21.082  -0.335  5.202   1.00 25.29 ? 224 ILE A O   1 
ATOM   754 C CB  . ILE A 1 99  ? 18.485  -0.523  3.188   1.00 20.48 ? 224 ILE A CB  1 
ATOM   755 C CG1 . ILE A 1 99  ? 18.333  -0.901  1.725   1.00 18.74 ? 224 ILE A CG1 1 
ATOM   756 C CG2 . ILE A 1 99  ? 19.027  0.879   3.293   1.00 20.58 ? 224 ILE A CG2 1 
ATOM   757 C CD1 . ILE A 1 99  ? 17.201  -0.177  1.045   1.00 19.60 ? 224 ILE A CD1 1 
ATOM   758 N N   . GLU A 1 100 ? 19.169  -0.908  6.242   1.00 27.25 ? 225 GLU A N   1 
ATOM   759 C CA  . GLU A 1 100 ? 19.564  -0.297  7.500   1.00 28.66 ? 225 GLU A CA  1 
ATOM   760 C C   . GLU A 1 100 ? 20.807  -0.918  8.102   1.00 27.54 ? 225 GLU A C   1 
ATOM   761 O O   . GLU A 1 100 ? 21.598  -0.220  8.720   1.00 27.43 ? 225 GLU A O   1 
ATOM   762 C CB  . GLU A 1 100 ? 18.409  -0.345  8.503   1.00 34.02 ? 225 GLU A CB  1 
ATOM   763 C CG  . GLU A 1 100 ? 17.155  0.362   7.995   1.00 42.00 ? 225 GLU A CG  1 
ATOM   764 C CD  . GLU A 1 100 ? 16.034  0.451   9.027   1.00 47.23 ? 225 GLU A CD  1 
ATOM   765 O OE1 . GLU A 1 100 ? 15.678  -0.601  9.627   1.00 49.88 ? 225 GLU A OE1 1 
ATOM   766 O OE2 . GLU A 1 100 ? 15.505  1.577   9.222   1.00 48.43 ? 225 GLU A OE2 1 
ATOM   767 N N   . LYS A 1 101 ? 21.001  -2.220  7.936   1.00 26.89 ? 226 LYS A N   1 
ATOM   768 C CA  . LYS A 1 101 ? 22.207  -2.804  8.501   1.00 26.98 ? 226 LYS A CA  1 
ATOM   769 C C   . LYS A 1 101 ? 23.413  -2.519  7.604   1.00 25.31 ? 226 LYS A C   1 
ATOM   770 O O   . LYS A 1 101 ? 24.525  -2.357  8.101   1.00 22.56 ? 226 LYS A O   1 
ATOM   771 C CB  . LYS A 1 101 ? 22.030  -4.307  8.773   1.00 28.67 ? 226 LYS A CB  1 
ATOM   772 C CG  . LYS A 1 101 ? 21.746  -5.185  7.591   1.00 33.29 ? 226 LYS A CG  1 
ATOM   773 C CD  . LYS A 1 101 ? 21.635  -6.646  8.039   1.00 35.36 ? 226 LYS A CD  1 
ATOM   774 C CE  . LYS A 1 101 ? 20.316  -6.933  8.749   1.00 36.63 ? 226 LYS A CE  1 
ATOM   775 N NZ  . LYS A 1 101 ? 19.159  -6.992  7.796   1.00 39.42 ? 226 LYS A NZ  1 
ATOM   776 N N   . ASP A 1 102 ? 23.182  -2.431  6.290   1.00 26.00 ? 227 ASP A N   1 
ATOM   777 C CA  . ASP A 1 102 ? 24.249  -2.114  5.333   1.00 26.91 ? 227 ASP A CA  1 
ATOM   778 C C   . ASP A 1 102 ? 24.826  -0.741  5.648   1.00 26.38 ? 227 ASP A C   1 
ATOM   779 O O   . ASP A 1 102 ? 26.043  -0.575  5.725   1.00 27.00 ? 227 ASP A O   1 
ATOM   780 C CB  . ASP A 1 102 ? 23.729  -2.055  3.895   1.00 29.95 ? 227 ASP A CB  1 
ATOM   781 C CG  . ASP A 1 102 ? 23.277  -3.397  3.373   1.00 37.33 ? 227 ASP A CG  1 
ATOM   782 O OD1 . ASP A 1 102 ? 23.797  -4.433  3.864   1.00 38.98 ? 227 ASP A OD1 1 
ATOM   783 O OD2 . ASP A 1 102 ? 22.413  -3.412  2.454   1.00 38.79 ? 227 ASP A OD2 1 
ATOM   784 N N   . ILE A 1 103 ? 23.935  0.242   5.789   1.00 24.50 ? 228 ILE A N   1 
ATOM   785 C CA  . ILE A 1 103 ? 24.306  1.620   6.094   1.00 24.43 ? 228 ILE A CA  1 
ATOM   786 C C   . ILE A 1 103 ? 25.214  1.720   7.323   1.00 24.81 ? 228 ILE A C   1 
ATOM   787 O O   . ILE A 1 103 ? 26.262  2.352   7.271   1.00 25.42 ? 228 ILE A O   1 
ATOM   788 C CB  . ILE A 1 103 ? 23.041  2.484   6.322   1.00 24.02 ? 228 ILE A CB  1 
ATOM   789 C CG1 . ILE A 1 103 ? 22.345  2.760   4.988   1.00 23.11 ? 228 ILE A CG1 1 
ATOM   790 C CG2 . ILE A 1 103 ? 23.402  3.767   7.031   1.00 23.39 ? 228 ILE A CG2 1 
ATOM   791 C CD1 . ILE A 1 103 ? 21.011  3.462   5.139   1.00 21.86 ? 228 ILE A CD1 1 
ATOM   792 N N   . LEU A 1 104 ? 24.815  1.091   8.424   1.00 26.38 ? 229 LEU A N   1 
ATOM   793 C CA  . LEU A 1 104 ? 25.613  1.116   9.652   1.00 27.71 ? 229 LEU A CA  1 
ATOM   794 C C   . LEU A 1 104 ? 27.031  0.578   9.444   1.00 27.32 ? 229 LEU A C   1 
ATOM   795 O O   . LEU A 1 104 ? 28.002  1.181   9.904   1.00 26.99 ? 229 LEU A O   1 
ATOM   796 C CB  . LEU A 1 104 ? 24.915  0.314   10.758  1.00 28.44 ? 229 LEU A CB  1 
ATOM   797 C CG  . LEU A 1 104 ? 23.668  0.962   11.358  1.00 30.08 ? 229 LEU A CG  1 
ATOM   798 C CD1 . LEU A 1 104 ? 22.952  -0.038  12.243  1.00 31.58 ? 229 LEU A CD1 1 
ATOM   799 C CD2 . LEU A 1 104 ? 24.060  2.206   12.145  1.00 30.35 ? 229 LEU A CD2 1 
ATOM   800 N N   . ARG A 1 105 ? 27.142  -0.554  8.749   1.00 27.01 ? 230 ARG A N   1 
ATOM   801 C CA  . ARG A 1 105 ? 28.436  -1.164  8.478   1.00 26.47 ? 230 ARG A CA  1 
ATOM   802 C C   . ARG A 1 105 ? 29.301  -0.274  7.579   1.00 27.91 ? 230 ARG A C   1 
ATOM   803 O O   . ARG A 1 105 ? 30.514  -0.187  7.784   1.00 27.74 ? 230 ARG A O   1 
ATOM   804 C CB  . ARG A 1 105 ? 28.255  -2.544  7.833   1.00 23.03 ? 230 ARG A CB  1 
ATOM   805 C CG  . ARG A 1 105 ? 27.531  -3.572  8.703   1.00 23.03 ? 230 ARG A CG  1 
ATOM   806 C CD  . ARG A 1 105 ? 28.221  -3.781  10.044  1.00 24.13 ? 230 ARG A CD  1 
ATOM   807 N NE  . ARG A 1 105 ? 29.573  -4.319  9.912   1.00 24.33 ? 230 ARG A NE  1 
ATOM   808 C CZ  . ARG A 1 105 ? 29.864  -5.612  9.794   1.00 24.98 ? 230 ARG A CZ  1 
ATOM   809 N NH1 . ARG A 1 105 ? 28.888  -6.517  9.799   1.00 24.68 ? 230 ARG A NH1 1 
ATOM   810 N NH2 . ARG A 1 105 ? 31.131  -5.996  9.663   1.00 23.86 ? 230 ARG A NH2 1 
ATOM   811 N N   . ILE A 1 106 ? 28.686  0.384   6.591   1.00 28.74 ? 231 ILE A N   1 
ATOM   812 C CA  . ILE A 1 106 ? 29.424  1.261   5.684   1.00 29.72 ? 231 ILE A CA  1 
ATOM   813 C C   . ILE A 1 106 ? 29.914  2.523   6.411   1.00 31.81 ? 231 ILE A C   1 
ATOM   814 O O   . ILE A 1 106 ? 30.978  3.065   6.098   1.00 32.66 ? 231 ILE A O   1 
ATOM   815 C CB  . ILE A 1 106 ? 28.565  1.654   4.461   1.00 30.13 ? 231 ILE A CB  1 
ATOM   816 C CG1 . ILE A 1 106 ? 28.170  0.389   3.683   1.00 30.11 ? 231 ILE A CG1 1 
ATOM   817 C CG2 . ILE A 1 106 ? 29.351  2.600   3.547   1.00 30.65 ? 231 ILE A CG2 1 
ATOM   818 C CD1 . ILE A 1 106 ? 27.300  0.647   2.462   1.00 29.58 ? 231 ILE A CD1 1 
ATOM   819 N N   . ARG A 1 107 ? 29.141  2.990   7.386   1.00 32.57 ? 232 ARG A N   1 
ATOM   820 C CA  . ARG A 1 107 ? 29.546  4.152   8.165   1.00 33.08 ? 232 ARG A CA  1 
ATOM   821 C C   . ARG A 1 107 ? 30.679  3.741   9.084   1.00 34.52 ? 232 ARG A C   1 
ATOM   822 O O   . ARG A 1 107 ? 31.610  4.509   9.305   1.00 35.28 ? 232 ARG A O   1 
ATOM   823 C CB  . ARG A 1 107 ? 28.388  4.665   8.999   1.00 32.41 ? 232 ARG A CB  1 
ATOM   824 C CG  . ARG A 1 107 ? 27.391  5.441   8.194   1.00 34.52 ? 232 ARG A CG  1 
ATOM   825 C CD  . ARG A 1 107 ? 26.162  5.719   8.997   1.00 34.70 ? 232 ARG A CD  1 
ATOM   826 N NE  . ARG A 1 107 ? 25.227  6.510   8.224   1.00 37.09 ? 232 ARG A NE  1 
ATOM   827 C CZ  . ARG A 1 107 ? 23.952  6.658   8.542   1.00 39.86 ? 232 ARG A CZ  1 
ATOM   828 N NH1 . ARG A 1 107 ? 23.475  6.055   9.628   1.00 40.42 ? 232 ARG A NH1 1 
ATOM   829 N NH2 . ARG A 1 107 ? 23.157  7.399   7.770   1.00 40.82 ? 232 ARG A NH2 1 
ATOM   830 N N   . GLN A 1 108 ? 30.582  2.527   9.627   1.00 34.96 ? 233 GLN A N   1 
ATOM   831 C CA  . GLN A 1 108 ? 31.605  1.991   10.513  1.00 35.94 ? 233 GLN A CA  1 
ATOM   832 C C   . GLN A 1 108 ? 32.900  1.828   9.739   1.00 36.43 ? 233 GLN A C   1 
ATOM   833 O O   . GLN A 1 108 ? 33.970  2.135   10.255  1.00 36.08 ? 233 GLN A O   1 
ATOM   834 C CB  . GLN A 1 108 ? 31.169  0.639   11.070  1.00 37.51 ? 233 GLN A CB  1 
ATOM   835 C CG  . GLN A 1 108 ? 30.096  0.722   12.145  1.00 41.01 ? 233 GLN A CG  1 
ATOM   836 C CD  . GLN A 1 108 ? 29.463  -0.630  12.422  1.00 41.87 ? 233 GLN A CD  1 
ATOM   837 O OE1 . GLN A 1 108 ? 30.102  -1.669  12.245  1.00 43.72 ? 233 GLN A OE1 1 
ATOM   838 N NE2 . GLN A 1 108 ? 28.213  -0.624  12.866  1.00 40.50 ? 233 GLN A NE2 1 
ATOM   839 N N   . LEU A 1 109 ? 32.787  1.345   8.503   1.00 37.37 ? 234 LEU A N   1 
ATOM   840 C CA  . LEU A 1 109 ? 33.929  1.138   7.609   1.00 38.86 ? 234 LEU A CA  1 
ATOM   841 C C   . LEU A 1 109 ? 34.657  2.468   7.378   1.00 41.48 ? 234 LEU A C   1 
ATOM   842 O O   . LEU A 1 109 ? 35.883  2.538   7.499   1.00 41.74 ? 234 LEU A O   1 
ATOM   843 C CB  . LEU A 1 109 ? 33.435  0.563   6.268   1.00 38.73 ? 234 LEU A CB  1 
ATOM   844 C CG  . LEU A 1 109 ? 34.336  0.037   5.135   1.00 38.93 ? 234 LEU A CG  1 
ATOM   845 C CD1 . LEU A 1 109 ? 34.017  0.802   3.856   1.00 39.80 ? 234 LEU A CD1 1 
ATOM   846 C CD2 . LEU A 1 109 ? 35.809  0.168   5.480   1.00 39.74 ? 234 LEU A CD2 1 
ATOM   847 N N   . LEU A 1 110 ? 33.896  3.514   7.052   1.00 43.96 ? 235 LEU A N   1 
ATOM   848 C CA  . LEU A 1 110 ? 34.457  4.847   6.808   1.00 47.67 ? 235 LEU A CA  1 
ATOM   849 C C   . LEU A 1 110 ? 35.003  5.471   8.096   1.00 50.41 ? 235 LEU A C   1 
ATOM   850 O O   . LEU A 1 110 ? 35.874  6.345   8.057   1.00 51.76 ? 235 LEU A O   1 
ATOM   851 C CB  . LEU A 1 110 ? 33.393  5.771   6.203   1.00 45.42 ? 235 LEU A CB  1 
ATOM   852 C CG  . LEU A 1 110 ? 32.825  5.334   4.853   1.00 45.19 ? 235 LEU A CG  1 
ATOM   853 C CD1 . LEU A 1 110 ? 31.690  6.261   4.445   1.00 43.67 ? 235 LEU A CD1 1 
ATOM   854 C CD2 . LEU A 1 110 ? 33.940  5.321   3.813   1.00 43.59 ? 235 LEU A CD2 1 
ATOM   855 N N   . GLN A 1 111 ? 34.473  5.029   9.233   1.00 53.45 ? 236 GLN A N   1 
ATOM   856 C CA  . GLN A 1 111 ? 34.915  5.517   10.531  1.00 56.60 ? 236 GLN A CA  1 
ATOM   857 C C   . GLN A 1 111 ? 36.225  4.817   10.854  1.00 58.14 ? 236 GLN A C   1 
ATOM   858 O O   . GLN A 1 111 ? 37.180  5.450   11.284  1.00 59.54 ? 236 GLN A O   1 
ATOM   859 C CB  . GLN A 1 111 ? 33.891  5.183   11.612  1.00 58.12 ? 236 GLN A CB  1 
ATOM   860 C CG  . GLN A 1 111 ? 33.487  6.371   12.436  1.00 61.54 ? 236 GLN A CG  1 
ATOM   861 C CD  . GLN A 1 111 ? 32.622  7.338   11.651  1.00 65.25 ? 236 GLN A CD  1 
ATOM   862 O OE1 . GLN A 1 111 ? 32.457  8.499   12.036  1.00 67.00 ? 236 GLN A OE1 1 
ATOM   863 N NE2 . GLN A 1 111 ? 32.054  6.860   10.548  1.00 65.69 ? 236 GLN A NE2 1 
ATOM   864 N N   . SER A 1 112 ? 36.253  3.502   10.644  1.00 59.84 ? 237 SER A N   1 
ATOM   865 C CA  . SER A 1 112 ? 37.441  2.690   10.886  1.00 61.54 ? 237 SER A CA  1 
ATOM   866 C C   . SER A 1 112 ? 38.649  3.398   10.315  1.00 62.97 ? 237 SER A C   1 
ATOM   867 O O   . SER A 1 112 ? 39.654  3.597   10.996  1.00 63.25 ? 237 SER A O   1 
ATOM   868 C CB  . SER A 1 112 ? 37.303  1.328   10.205  1.00 61.87 ? 237 SER A CB  1 
ATOM   869 O OG  . SER A 1 112 ? 36.315  0.532   10.841  1.00 64.22 ? 237 SER A OG  1 
ATOM   870 N N   . GLN A 1 113 ? 38.532  3.774   9.050   1.00 65.29 ? 238 GLN A N   1 
ATOM   871 C CA  . GLN A 1 113 ? 39.589  4.474   8.333   1.00 67.88 ? 238 GLN A CA  1 
ATOM   872 C C   . GLN A 1 113 ? 39.947  5.830   8.963   1.00 69.42 ? 238 GLN A C   1 
ATOM   873 O O   . GLN A 1 113 ? 41.102  6.069   9.338   1.00 69.58 ? 238 GLN A O   1 
ATOM   874 C CB  . GLN A 1 113 ? 39.157  4.659   6.874   1.00 67.52 ? 238 GLN A CB  1 
ATOM   875 C CG  . GLN A 1 113 ? 39.079  3.350   6.099   1.00 67.55 ? 238 GLN A CG  1 
ATOM   876 C CD  . GLN A 1 113 ? 37.964  3.331   5.083   1.00 67.35 ? 238 GLN A CD  1 
ATOM   877 O OE1 . GLN A 1 113 ? 37.898  2.436   4.239   1.00 67.81 ? 238 GLN A OE1 1 
ATOM   878 N NE2 . GLN A 1 113 ? 37.069  4.313   5.164   1.00 67.98 ? 238 GLN A NE2 1 
ATOM   879 N N   . ALA A 1 114 ? 38.952  6.708   9.079   1.00 70.92 ? 239 ALA A N   1 
ATOM   880 C CA  . ALA A 1 114 ? 39.143  8.038   9.652   1.00 72.06 ? 239 ALA A CA  1 
ATOM   881 C C   . ALA A 1 114 ? 39.611  7.985   11.116  1.00 72.82 ? 239 ALA A C   1 
ATOM   882 O O   . ALA A 1 114 ? 38.899  8.545   11.979  1.00 73.85 ? 239 ALA A O   1 
ATOM   883 C CB  . ALA A 1 114 ? 37.837  8.837   9.539   1.00 71.61 ? 239 ALA A CB  1 
HETATM 884 O O   . HOH B 2 .   ? -18.422 4.921   -1.948  1.00 17.75 ? 500 HOH A O   1 
HETATM 885 O O   . HOH B 2 .   ? -5.853  7.722   1.840   1.00 21.39 ? 501 HOH A O   1 
HETATM 886 O O   . HOH B 2 .   ? -22.325 6.285   -3.560  1.00 34.05 ? 502 HOH A O   1 
HETATM 887 O O   . HOH B 2 .   ? 24.713  -3.504  10.845  1.00 33.38 ? 503 HOH A O   1 
HETATM 888 O O   . HOH B 2 .   ? 30.113  7.021   1.304   1.00 35.32 ? 504 HOH A O   1 
HETATM 889 O O   . HOH B 2 .   ? 31.667  -2.330  9.069   1.00 23.69 ? 505 HOH A O   1 
HETATM 890 O O   . HOH B 2 .   ? 30.346  4.800   -2.613  1.00 37.05 ? 506 HOH A O   1 
HETATM 891 O O   . HOH B 2 .   ? -5.765  7.521   4.907   1.00 37.40 ? 507 HOH A O   1 
HETATM 892 O O   . HOH B 2 .   ? -10.417 3.650   5.252   1.00 29.95 ? 508 HOH A O   1 
HETATM 893 O O   . HOH B 2 .   ? 25.966  -6.088  10.097  1.00 36.80 ? 509 HOH A O   1 
HETATM 894 O O   . HOH B 2 .   ? -7.343  -12.681 -4.014  1.00 46.94 ? 510 HOH A O   1 
HETATM 895 O O   . HOH B 2 .   ? -17.792 2.018   -9.827  1.00 49.07 ? 511 HOH A O   1 
HETATM 896 O O   . HOH B 2 .   ? -21.194 5.649   -5.795  1.00 35.81 ? 513 HOH A O   1 
HETATM 897 O O   . HOH B 2 .   ? 16.846  7.113   4.706   1.00 32.80 ? 514 HOH A O   1 
HETATM 898 O O   . HOH B 2 .   ? 29.485  9.400   3.065   1.00 31.40 ? 515 HOH A O   1 
HETATM 899 O O   . HOH B 2 .   ? 22.166  -2.743  0.114   1.00 42.89 ? 516 HOH A O   1 
HETATM 900 O O   . HOH B 2 .   ? 22.131  1.982   -5.426  1.00 35.34 ? 517 HOH A O   1 
HETATM 901 O O   . HOH B 2 .   ? 18.277  -9.142  3.080   1.00 38.59 ? 518 HOH A O   1 
HETATM 902 O O   . HOH B 2 .   ? 0.223   5.255   5.823   1.00 39.79 ? 519 HOH A O   1 
HETATM 903 O O   . HOH B 2 .   ? 20.421  2.234   -3.549  1.00 38.70 ? 520 HOH A O   1 
HETATM 904 O O   . HOH B 2 .   ? -7.122  -6.460  -3.349  1.00 50.88 ? 521 HOH A O   1 
HETATM 905 O O   . HOH B 2 .   ? 14.175  -1.300  -3.803  1.00 28.59 ? 522 HOH A O   1 
HETATM 906 O O   . HOH B 2 .   ? 16.032  -8.061  5.942   1.00 33.12 ? 523 HOH A O   1 
HETATM 907 O O   . HOH B 2 .   ? -34.812 2.341   -1.937  1.00 41.10 ? 524 HOH A O   1 
HETATM 908 O O   . HOH B 2 .   ? -21.212 5.523   -1.286  1.00 30.72 ? 525 HOH A O   1 
HETATM 909 O O   . HOH B 2 .   ? 33.568  -4.876  10.984  1.00 24.14 ? 526 HOH A O   1 
HETATM 910 O O   . HOH B 2 .   ? 25.388  14.828  1.525   1.00 62.41 ? 528 HOH A O   1 
HETATM 911 O O   . HOH B 2 .   ? 17.902  -3.387  10.552  1.00 30.81 ? 529 HOH A O   1 
HETATM 912 O O   . HOH B 2 .   ? 29.573  4.742   0.211   1.00 29.89 ? 530 HOH A O   1 
HETATM 913 O O   . HOH B 2 .   ? 22.213  -4.035  12.240  1.00 39.51 ? 531 HOH A O   1 
HETATM 914 O O   . HOH B 2 .   ? -4.380  5.722   -7.277  1.00 57.02 ? 532 HOH A O   1 
HETATM 915 O O   . HOH B 2 .   ? 18.176  -7.006  0.142   1.00 31.66 ? 533 HOH A O   1 
HETATM 916 O O   . HOH B 2 .   ? -18.477 5.101   -4.803  1.00 32.45 ? 534 HOH A O   1 
HETATM 917 O O   . HOH B 2 .   ? -29.868 -2.485  -10.589 1.00 40.65 ? 535 HOH A O   1 
HETATM 918 O O   . HOH B 2 .   ? 26.594  -2.767  12.468  1.00 43.93 ? 536 HOH A O   1 
HETATM 919 O O   . HOH B 2 .   ? -16.608 -2.963  3.203   1.00 48.14 ? 537 HOH A O   1 
HETATM 920 O O   . HOH B 2 .   ? -36.085 -11.176 -4.321  1.00 31.93 ? 540 HOH A O   1 
HETATM 921 O O   . HOH B 2 .   ? 21.934  -2.009  -4.404  1.00 38.43 ? 541 HOH A O   1 
HETATM 922 O O   . HOH B 2 .   ? -3.787  0.902   5.185   1.00 46.58 ? 542 HOH A O   1 
HETATM 923 O O   . HOH B 2 .   ? -18.177 7.057   6.211   1.00 36.65 ? 543 HOH A O   1 
HETATM 924 O O   . HOH B 2 .   ? -12.831 -1.261  -12.279 1.00 54.66 ? 544 HOH A O   1 
HETATM 925 O O   . HOH B 2 .   ? 3.211   1.676   -2.899  1.00 48.92 ? 545 HOH A O   1 
HETATM 926 O O   . HOH B 2 .   ? 14.135  -7.504  11.820  1.00 48.96 ? 546 HOH A O   1 
HETATM 927 O O   . HOH B 2 .   ? 41.763  1.811   12.810  1.00 58.20 ? 547 HOH A O   1 
HETATM 928 O O   . HOH B 2 .   ? -8.060  -10.291 -3.401  1.00 38.80 ? 548 HOH A O   1 
HETATM 929 O O   . HOH B 2 .   ? 33.039  -1.561  11.140  1.00 42.90 ? 549 HOH A O   1 
HETATM 930 O O   . HOH B 2 .   ? -0.258  12.174  2.569   1.00 32.24 ? 551 HOH A O   1 
HETATM 931 O O   . HOH B 2 .   ? 24.819  14.531  4.824   1.00 34.10 ? 552 HOH A O   1 
HETATM 932 O O   . HOH B 2 .   ? 15.718  -7.514  1.901   1.00 36.84 ? 553 HOH A O   1 
HETATM 933 O O   . HOH B 2 .   ? 2.873   -2.113  0.843   1.00 44.44 ? 554 HOH A O   1 
HETATM 934 O O   . HOH B 2 .   ? -16.112 4.041   4.990   1.00 45.01 ? 555 HOH A O   1 
HETATM 935 O O   . HOH B 2 .   ? 9.719   -10.393 3.376   1.00 56.16 ? 556 HOH A O   1 
HETATM 936 O O   . HOH B 2 .   ? 0.366   -6.989  -8.349  1.00 42.77 ? 557 HOH A O   1 
HETATM 937 O O   . HOH B 2 .   ? -14.295 -6.701  -8.830  1.00 52.59 ? 558 HOH A O   1 
HETATM 938 O O   . HOH B 2 .   ? 4.604   8.922   0.524   0.50 35.74 ? 559 HOH A O   1 
HETATM 939 O O   . HOH B 2 .   ? 22.172  -5.469  0.747   0.50 19.74 ? 560 HOH A O   1 
# 
